data_5FO7
#
_entry.id   5FO7
#
_cell.length_a   57.580
_cell.length_b   136.510
_cell.length_c   140.930
_cell.angle_alpha   90.00
_cell.angle_beta   96.05
_cell.angle_gamma   90.00
#
_symmetry.space_group_name_H-M   'P 1 21 1'
#
loop_
_entity.id
_entity.type
_entity.pdbx_description
1 polymer 'COMPLEMENT C3 BETA CHAIN'
2 polymer "COMPLEMENT C3B ALPHA' CHAIN"
3 non-polymer 2-acetamido-2-deoxy-beta-D-glucopyranose
#
loop_
_entity_poly.entity_id
_entity_poly.type
_entity_poly.pdbx_seq_one_letter_code
_entity_poly.pdbx_strand_id
1 'polypeptide(L)'
;SPMYSIITPNILRLESEETMVLEAHDAQGDVPVTVTVHDFPGKKLVLSSEKTVLTPATNHMGNVTFTIPANREFKSEKGR
NKFVTVQATFGTQVVEKVVLVSLQSGYLFIQTDKTIYTPGSTVLYRIFTVNHKLLPVGRTVMVNIENPEGIPVKQDSLSS
QNQLGVLPLSWDIPELVNMGQWKIRAYYENSPQQVFSTEFEVKEYVLPSFEVIVEPTEKFYYIYNEKGLEVTITARFLYG
KKVEGTAFVIFGIQDGEQRISLPESLKRIPIEDGSGEVVLSRKVLLDGVQNPRAEDLVGKSLYVSATVILHSGSDMVQAE
RSGIPIVTSPYQIHFTKTPKYFKPGMPFDLMVFVTNPDGSPAYRVPVAVQGEDTVQSLTQGDGVAKLSINTHPSQKPLSI
TVRTKKQELSEAEQATRTMQALPYSTVGNSNNYLHLSVLRTELRPGETLNVNFLLRMDRAHEAKIRYYTYLIMNKGRLLK
AGRQVREPGQDLVVLPLSITTDFIPSFRLVAYYTLIGASGQREVVADSVWVDVKDSCVGSLVVKSGQSEDRQPVPGQQMT
LKIEGDHGARVVLVAVDKGVFVLNKKNKLTQSKIWDVVEKADIGCTPGSGKDYAGVFSDAGLTFTSSSGQQTAQRAELQC
PQPAA
;
A
2 'polypeptide(L)'
;SNLDEDIIAEENIVSRSEFPESWLWNVEDLKEPPKNGISTKLMNIFLKDSITTWEILAVSMSDKKGICVADPFEVTVMQD
FFIDLRLPYSVVRNEQVEIRAVLYNYRQNQELKVRVELLHNPAFCSLATTKRRHQQTVTIPPKSSLSVPYVIVPLKTGLQ
EVEVKAAVYHHFISDGVRKSLKVVPEGIRMNKTVAVRTLDPERLGREGVQKEDIPPADLSDQVPDTESETRILLQGTPVA
QMTEDAVDAERLKHLIVTPSGCGEENMIGMTPTVIAVHYLDETEQWEKFGLEKRQGALELIKKGYTQQLAFRQPSSAFAA
FVKRAPSTWLTAYVVKVFSLAVNLIAIDSQVLCGAVKWLILEKQKPDGVFQEDAPVIHQEMIGGLRNNNEKDMALTAFVL
ISLQEAKDICEEQVNSLPGSITKAGDFLEANYMNLQRSYTVAIAGYALAQMGRLKGPLLNKFLTTAKDKNRWEDPGKQLY
NVEATSYALLALLQLKDFDFVPPVVRWLNEQRYYGGGYGSTQATFMVFQALAQYQKDAPDHQELNLDVSLQLPSRSSKIT
HRIHWESASLLRSEETKENEGFTVTAEGKGQGTLSVVTMYHAKAKDQLTCNKFDLKVTIKPAPETEKRPQDAKNTMILEI
CTRYRGDQDATMSILDISMMTGFAPDTDDLKQLANGVDRYISKYELDKAFSDRNTLIIYLDKVSHSEDDCLAFKVHQYFN
VELIQPGAVKVYAYYNLEESCTRFYHPEKEDGKLNKLCRDELCRCAEENCFIQKSDDKVTLEERLDKACEPGVDYVYKTR
LVKVQLSNDFDEYIMAIEQTIKSGSDEVQVGQQRTFISPIKCREALKLEEKKHYLMWGLSSDFWGEKPNLSYIIGKDTWV
EHWPEEDECQDEENQKQCQDLGAFTESMVVFGCPN
;
B
#
loop_
_chem_comp.id
_chem_comp.type
_chem_comp.name
_chem_comp.formula
NAG D-saccharide, beta linking 2-acetamido-2-deoxy-beta-D-glucopyranose 'C8 H15 N O6'
#
# COMPACT_ATOMS: atom_id res chain seq x y z
N SER A 1 -23.72 -45.96 -28.32
CA SER A 1 -22.32 -45.67 -28.07
C SER A 1 -22.09 -45.20 -26.64
N PRO A 2 -21.08 -45.79 -25.97
CA PRO A 2 -20.69 -45.35 -24.63
C PRO A 2 -19.98 -44.00 -24.66
N MET A 3 -20.74 -42.90 -24.58
CA MET A 3 -20.17 -41.57 -24.72
C MET A 3 -19.29 -41.20 -23.52
N TYR A 4 -18.04 -40.84 -23.81
CA TYR A 4 -17.10 -40.42 -22.78
C TYR A 4 -16.99 -38.90 -22.75
N SER A 5 -17.12 -38.32 -21.57
CA SER A 5 -17.06 -36.87 -21.43
C SER A 5 -16.25 -36.45 -20.19
N ILE A 6 -15.52 -35.36 -20.32
CA ILE A 6 -14.69 -34.86 -19.23
C ILE A 6 -15.05 -33.41 -18.90
N ILE A 7 -14.98 -33.05 -17.63
CA ILE A 7 -15.13 -31.65 -17.25
C ILE A 7 -13.99 -31.21 -16.33
N THR A 8 -13.36 -30.10 -16.71
CA THR A 8 -12.31 -29.47 -15.90
C THR A 8 -12.53 -27.97 -15.87
N PRO A 9 -12.22 -27.31 -14.74
CA PRO A 9 -12.41 -25.86 -14.60
C PRO A 9 -11.89 -25.04 -15.78
N ASN A 10 -12.54 -23.90 -16.03
CA ASN A 10 -12.15 -23.00 -17.13
C ASN A 10 -10.68 -22.63 -17.08
N ILE A 11 -10.20 -22.32 -15.89
CA ILE A 11 -8.81 -21.97 -15.70
C ILE A 11 -8.17 -22.89 -14.67
N LEU A 12 -6.98 -23.38 -14.99
CA LEU A 12 -6.24 -24.22 -14.06
C LEU A 12 -5.12 -23.43 -13.41
N ARG A 13 -5.01 -23.56 -12.10
CA ARG A 13 -4.01 -22.82 -11.35
C ARG A 13 -2.80 -23.69 -11.04
N LEU A 14 -1.63 -23.06 -10.88
CA LEU A 14 -0.41 -23.79 -10.57
C LEU A 14 -0.21 -23.93 -9.07
N GLU A 15 0.48 -25.01 -8.68
CA GLU A 15 0.71 -25.35 -7.27
C GLU A 15 -0.61 -25.48 -6.50
N SER A 16 -1.68 -25.77 -7.22
CA SER A 16 -3.00 -25.91 -6.62
C SER A 16 -3.62 -27.25 -6.98
N GLU A 17 -4.33 -27.86 -6.03
CA GLU A 17 -4.98 -29.13 -6.28
C GLU A 17 -6.20 -28.93 -7.16
N GLU A 18 -6.21 -29.60 -8.31
CA GLU A 18 -7.31 -29.48 -9.26
C GLU A 18 -7.96 -30.83 -9.53
N THR A 19 -9.30 -30.85 -9.57
CA THR A 19 -10.05 -32.07 -9.79
C THR A 19 -10.59 -32.13 -11.23
N MET A 20 -10.70 -33.35 -11.75
CA MET A 20 -11.21 -33.55 -13.09
C MET A 20 -12.27 -34.64 -13.10
N VAL A 21 -13.45 -34.34 -13.62
CA VAL A 21 -14.51 -35.35 -13.55
C VAL A 21 -14.69 -36.08 -14.88
N LEU A 22 -14.78 -37.40 -14.77
CA LEU A 22 -14.82 -38.31 -15.91
C LEU A 22 -16.14 -39.07 -15.93
N GLU A 23 -16.79 -39.08 -17.09
CA GLU A 23 -18.08 -39.73 -17.25
C GLU A 23 -18.07 -40.65 -18.47
N ALA A 24 -18.72 -41.80 -18.32
CA ALA A 24 -18.86 -42.75 -19.42
C ALA A 24 -20.32 -43.21 -19.53
N HIS A 25 -21.15 -42.35 -20.11
CA HIS A 25 -22.58 -42.62 -20.22
C HIS A 25 -22.87 -43.72 -21.22
N ASP A 26 -23.91 -44.51 -20.94
CA ASP A 26 -24.33 -45.63 -21.80
C ASP A 26 -23.23 -46.68 -21.97
N ALA A 27 -22.60 -47.07 -20.86
CA ALA A 27 -21.54 -48.07 -20.91
C ALA A 27 -21.76 -49.17 -19.88
N GLN A 28 -21.14 -50.32 -20.11
CA GLN A 28 -21.22 -51.44 -19.19
C GLN A 28 -19.83 -51.91 -18.79
N GLY A 29 -19.76 -52.67 -17.70
CA GLY A 29 -18.49 -53.21 -17.22
C GLY A 29 -17.54 -52.14 -16.72
N ASP A 30 -16.28 -52.51 -16.54
CA ASP A 30 -15.27 -51.58 -16.07
C ASP A 30 -14.56 -50.86 -17.21
N VAL A 31 -14.41 -49.55 -17.08
CA VAL A 31 -13.73 -48.75 -18.08
C VAL A 31 -12.47 -48.10 -17.50
N PRO A 32 -11.30 -48.62 -17.91
CA PRO A 32 -10.00 -48.09 -17.47
C PRO A 32 -9.74 -46.68 -17.97
N VAL A 33 -9.46 -45.75 -17.05
CA VAL A 33 -9.22 -44.36 -17.41
C VAL A 33 -7.84 -43.89 -16.96
N THR A 34 -7.10 -43.27 -17.88
CA THR A 34 -5.79 -42.72 -17.57
C THR A 34 -5.69 -41.27 -18.00
N VAL A 35 -5.49 -40.37 -17.04
CA VAL A 35 -5.44 -38.95 -17.32
C VAL A 35 -4.01 -38.42 -17.28
N THR A 36 -3.59 -37.76 -18.35
CA THR A 36 -2.27 -37.15 -18.41
C THR A 36 -2.37 -35.67 -18.77
N VAL A 37 -1.62 -34.84 -18.06
CA VAL A 37 -1.57 -33.41 -18.33
C VAL A 37 -0.19 -33.01 -18.88
N HIS A 38 -0.19 -32.42 -20.07
CA HIS A 38 1.05 -31.99 -20.72
C HIS A 38 1.05 -30.49 -20.96
N ASP A 39 2.22 -29.93 -21.21
CA ASP A 39 2.33 -28.51 -21.51
C ASP A 39 1.96 -28.22 -22.96
N PHE A 40 1.56 -26.97 -23.22
CA PHE A 40 1.16 -26.57 -24.56
C PHE A 40 2.14 -25.56 -25.15
N PRO A 41 2.53 -25.75 -26.41
CA PRO A 41 2.09 -26.86 -27.27
C PRO A 41 3.11 -27.98 -27.40
N GLY A 42 4.31 -27.76 -26.87
CA GLY A 42 5.43 -28.65 -27.10
C GLY A 42 5.31 -30.05 -26.51
N LYS A 43 4.50 -30.18 -25.46
CA LYS A 43 4.38 -31.44 -24.72
C LYS A 43 5.75 -31.94 -24.27
N LYS A 44 6.60 -30.99 -23.88
CA LYS A 44 7.97 -31.30 -23.47
C LYS A 44 8.00 -32.17 -22.21
N LEU A 45 7.11 -31.87 -21.28
CA LEU A 45 7.04 -32.60 -20.03
C LEU A 45 5.66 -33.16 -19.75
N VAL A 46 5.61 -34.27 -19.02
CA VAL A 46 4.33 -34.80 -18.56
C VAL A 46 4.03 -34.21 -17.18
N LEU A 47 3.23 -33.16 -17.17
CA LEU A 47 2.94 -32.41 -15.95
C LEU A 47 2.17 -33.24 -14.94
N SER A 48 1.27 -34.10 -15.43
CA SER A 48 0.53 -34.98 -14.52
C SER A 48 0.18 -36.32 -15.16
N SER A 49 -0.07 -37.32 -14.33
CA SER A 49 -0.44 -38.65 -14.79
C SER A 49 -1.07 -39.48 -13.69
N GLU A 50 -2.40 -39.54 -13.69
CA GLU A 50 -3.14 -40.33 -12.70
C GLU A 50 -3.99 -41.39 -13.38
N LYS A 51 -4.45 -42.36 -12.62
CA LYS A 51 -5.26 -43.45 -13.15
C LYS A 51 -6.48 -43.75 -12.27
N THR A 52 -7.53 -44.26 -12.90
CA THR A 52 -8.75 -44.65 -12.18
C THR A 52 -9.56 -45.64 -13.01
N VAL A 53 -10.59 -46.22 -12.39
CA VAL A 53 -11.45 -47.19 -13.08
C VAL A 53 -12.92 -46.84 -12.92
N LEU A 54 -13.65 -46.84 -14.02
CA LEU A 54 -15.10 -46.56 -13.99
C LEU A 54 -15.90 -47.85 -13.92
N THR A 55 -16.41 -48.15 -12.72
CA THR A 55 -17.18 -49.37 -12.50
C THR A 55 -18.68 -49.07 -12.46
N PRO A 56 -19.52 -50.06 -12.82
CA PRO A 56 -20.98 -49.91 -12.76
C PRO A 56 -21.48 -49.58 -11.35
N ALA A 57 -20.70 -49.93 -10.33
CA ALA A 57 -21.07 -49.64 -8.95
C ALA A 57 -20.95 -48.14 -8.67
N THR A 58 -20.14 -47.45 -9.46
CA THR A 58 -19.97 -46.01 -9.31
C THR A 58 -20.70 -45.25 -10.42
N ASN A 59 -21.60 -45.95 -11.10
CA ASN A 59 -22.43 -45.37 -12.17
C ASN A 59 -21.61 -44.76 -13.29
N HIS A 60 -20.42 -45.31 -13.53
CA HIS A 60 -19.52 -44.86 -14.59
C HIS A 60 -19.18 -43.37 -14.49
N MET A 61 -18.89 -42.94 -13.26
CA MET A 61 -18.51 -41.56 -13.01
C MET A 61 -17.42 -41.50 -11.95
N GLY A 62 -16.25 -40.98 -12.31
CA GLY A 62 -15.14 -40.95 -11.38
C GLY A 62 -14.36 -39.65 -11.42
N ASN A 63 -13.38 -39.49 -10.53
CA ASN A 63 -12.55 -38.28 -10.60
C ASN A 63 -11.05 -38.51 -10.50
N VAL A 64 -10.32 -37.55 -11.04
CA VAL A 64 -8.87 -37.53 -10.98
C VAL A 64 -8.37 -36.23 -10.36
N THR A 65 -7.68 -36.35 -9.24
CA THR A 65 -7.09 -35.20 -8.56
C THR A 65 -5.62 -35.07 -8.92
N PHE A 66 -5.24 -33.89 -9.40
CA PHE A 66 -3.87 -33.65 -9.83
C PHE A 66 -3.42 -32.23 -9.53
N THR A 67 -2.13 -32.08 -9.26
CA THR A 67 -1.55 -30.76 -9.02
C THR A 67 -0.43 -30.49 -10.02
N ILE A 68 -0.58 -29.43 -10.81
CA ILE A 68 0.42 -29.08 -11.82
C ILE A 68 1.56 -28.28 -11.20
N PRO A 69 2.77 -28.83 -11.25
CA PRO A 69 3.97 -28.17 -10.70
C PRO A 69 4.26 -26.84 -11.36
N ALA A 70 4.86 -25.91 -10.62
CA ALA A 70 5.25 -24.62 -11.18
C ALA A 70 6.56 -24.75 -11.94
N ASN A 71 6.48 -25.28 -13.15
CA ASN A 71 7.66 -25.49 -13.98
C ASN A 71 8.28 -24.17 -14.44
N ARG A 72 9.57 -24.20 -14.73
CA ARG A 72 10.30 -23.02 -15.17
C ARG A 72 9.86 -22.55 -16.56
N GLY A 79 3.46 -10.64 -22.49
CA GLY A 79 3.03 -11.70 -21.59
C GLY A 79 1.82 -12.44 -22.11
N ARG A 80 2.05 -13.36 -23.04
CA ARG A 80 0.97 -14.14 -23.62
C ARG A 80 0.36 -15.11 -22.61
N ASN A 81 -0.89 -15.49 -22.82
CA ASN A 81 -1.55 -16.48 -21.98
C ASN A 81 -0.92 -17.86 -22.16
N LYS A 82 -0.87 -18.64 -21.07
CA LYS A 82 -0.30 -19.97 -21.13
C LYS A 82 -1.40 -21.03 -21.07
N PHE A 83 -1.18 -22.15 -21.75
CA PHE A 83 -2.18 -23.20 -21.81
C PHE A 83 -1.59 -24.57 -21.52
N VAL A 84 -2.45 -25.54 -21.22
CA VAL A 84 -2.03 -26.92 -21.06
C VAL A 84 -3.00 -27.86 -21.78
N THR A 85 -2.49 -29.02 -22.18
CA THR A 85 -3.34 -30.04 -22.80
C THR A 85 -3.68 -31.12 -21.78
N VAL A 86 -4.97 -31.27 -21.52
CA VAL A 86 -5.48 -32.32 -20.64
C VAL A 86 -6.00 -33.47 -21.49
N GLN A 87 -5.45 -34.65 -21.27
CA GLN A 87 -5.76 -35.80 -22.10
C GLN A 87 -6.22 -37.00 -21.28
N ALA A 88 -7.50 -37.34 -21.39
CA ALA A 88 -8.04 -38.50 -20.69
C ALA A 88 -8.27 -39.65 -21.65
N THR A 89 -7.82 -40.85 -21.26
CA THR A 89 -7.94 -42.01 -22.13
C THR A 89 -8.76 -43.12 -21.48
N PHE A 90 -9.93 -43.39 -22.06
CA PHE A 90 -10.80 -44.48 -21.62
C PHE A 90 -10.81 -45.60 -22.66
N GLY A 91 -10.26 -46.75 -22.30
CA GLY A 91 -10.16 -47.88 -23.22
C GLY A 91 -9.44 -47.49 -24.49
N THR A 92 -10.13 -47.60 -25.61
CA THR A 92 -9.59 -47.18 -26.90
C THR A 92 -9.68 -45.66 -27.07
N GLN A 93 -10.79 -45.09 -26.62
CA GLN A 93 -11.08 -43.68 -26.85
C GLN A 93 -10.17 -42.72 -26.07
N VAL A 94 -9.83 -41.62 -26.73
CA VAL A 94 -8.99 -40.57 -26.14
C VAL A 94 -9.64 -39.21 -26.34
N VAL A 95 -9.78 -38.45 -25.26
CA VAL A 95 -10.37 -37.12 -25.31
C VAL A 95 -9.39 -36.08 -24.77
N GLU A 96 -9.02 -35.11 -25.59
CA GLU A 96 -8.11 -34.06 -25.18
C GLU A 96 -8.74 -32.69 -25.24
N LYS A 97 -8.34 -31.81 -24.34
CA LYS A 97 -8.88 -30.46 -24.26
C LYS A 97 -7.80 -29.47 -23.85
N VAL A 98 -7.81 -28.29 -24.47
CA VAL A 98 -6.82 -27.26 -24.16
C VAL A 98 -7.38 -26.26 -23.16
N VAL A 99 -6.74 -26.20 -21.99
CA VAL A 99 -7.23 -25.37 -20.89
C VAL A 99 -6.27 -24.22 -20.58
N LEU A 100 -6.84 -23.05 -20.32
CA LEU A 100 -6.08 -21.87 -19.93
C LEU A 100 -5.49 -22.05 -18.53
N VAL A 101 -4.33 -21.43 -18.28
CA VAL A 101 -3.67 -21.55 -16.99
C VAL A 101 -3.39 -20.18 -16.36
N SER A 102 -3.73 -20.05 -15.08
CA SER A 102 -3.38 -18.88 -14.29
C SER A 102 -2.10 -19.15 -13.51
N LEU A 103 -1.27 -18.11 -13.38
CA LEU A 103 0.00 -18.24 -12.69
C LEU A 103 -0.16 -18.00 -11.18
N GLN A 104 -1.34 -17.54 -10.78
CA GLN A 104 -1.60 -17.20 -9.38
C GLN A 104 -1.45 -18.41 -8.47
N SER A 105 -0.56 -18.29 -7.48
CA SER A 105 -0.26 -19.38 -6.57
C SER A 105 -1.24 -19.45 -5.41
N GLY A 106 -1.85 -18.31 -5.07
CA GLY A 106 -2.78 -18.25 -3.96
C GLY A 106 -3.07 -16.82 -3.54
N TYR A 107 -3.11 -16.58 -2.24
CA TYR A 107 -3.41 -15.25 -1.71
C TYR A 107 -2.39 -14.80 -0.66
N LEU A 108 -2.17 -13.48 -0.63
CA LEU A 108 -1.35 -12.85 0.38
C LEU A 108 -2.12 -11.72 1.07
N PHE A 109 -2.15 -11.74 2.40
CA PHE A 109 -2.82 -10.67 3.14
C PHE A 109 -1.86 -9.96 4.09
N ILE A 110 -1.87 -8.63 4.08
CA ILE A 110 -0.91 -7.87 4.88
C ILE A 110 -1.57 -7.15 6.05
N GLN A 111 -0.98 -7.28 7.24
CA GLN A 111 -1.51 -6.62 8.42
C GLN A 111 -0.47 -5.76 9.12
N THR A 112 -0.65 -4.45 9.12
CA THR A 112 0.21 -3.57 9.90
C THR A 112 -0.42 -3.32 11.27
N ASP A 113 0.42 -3.14 12.28
CA ASP A 113 -0.06 -2.97 13.66
C ASP A 113 -0.92 -1.72 13.80
N LYS A 114 -0.55 -0.65 13.10
CA LYS A 114 -1.32 0.59 13.15
C LYS A 114 -1.71 1.05 11.76
N THR A 115 -2.46 2.16 11.71
CA THR A 115 -2.92 2.73 10.45
C THR A 115 -2.13 3.98 10.08
N ILE A 116 -1.50 4.59 11.09
CA ILE A 116 -0.74 5.80 10.88
C ILE A 116 0.47 5.81 11.80
N TYR A 117 1.56 6.40 11.33
CA TYR A 117 2.85 6.32 12.04
C TYR A 117 3.59 7.65 12.00
N THR A 118 4.31 7.94 13.09
CA THR A 118 5.17 9.12 13.14
C THR A 118 6.55 8.76 12.61
N PRO A 119 7.23 9.74 11.99
CA PRO A 119 8.63 9.55 11.62
C PRO A 119 9.47 9.17 12.83
N GLY A 120 10.16 8.03 12.73
CA GLY A 120 10.96 7.52 13.83
C GLY A 120 10.40 6.23 14.39
N SER A 121 9.09 6.03 14.25
CA SER A 121 8.46 4.82 14.80
C SER A 121 8.70 3.61 13.91
N THR A 122 8.40 2.43 14.43
CA THR A 122 8.63 1.19 13.69
C THR A 122 7.31 0.59 13.19
N VAL A 123 7.30 0.18 11.93
CA VAL A 123 6.14 -0.50 11.36
C VAL A 123 6.24 -2.00 11.56
N LEU A 124 5.32 -2.55 12.33
CA LEU A 124 5.27 -4.00 12.53
C LEU A 124 4.17 -4.58 11.64
N TYR A 125 4.53 -5.51 10.77
CA TYR A 125 3.52 -6.10 9.89
C TYR A 125 3.69 -7.59 9.70
N ARG A 126 2.57 -8.29 9.50
CA ARG A 126 2.58 -9.72 9.23
C ARG A 126 1.98 -10.02 7.87
N ILE A 127 2.64 -10.91 7.12
CA ILE A 127 2.13 -11.37 5.83
C ILE A 127 1.59 -12.80 5.92
N PHE A 128 0.30 -12.94 5.67
CA PHE A 128 -0.35 -14.24 5.66
C PHE A 128 -0.33 -14.83 4.27
N THR A 129 0.27 -16.01 4.15
CA THR A 129 0.44 -16.70 2.88
C THR A 129 -0.46 -17.93 2.80
N VAL A 130 -1.50 -17.85 1.98
CA VAL A 130 -2.40 -18.99 1.83
C VAL A 130 -2.57 -19.36 0.37
N ASN A 131 -3.26 -20.47 0.12
CA ASN A 131 -3.60 -20.87 -1.24
C ASN A 131 -5.05 -20.52 -1.55
N HIS A 132 -5.56 -21.01 -2.67
CA HIS A 132 -6.90 -20.65 -3.12
C HIS A 132 -7.98 -21.30 -2.26
N LYS A 133 -7.57 -22.16 -1.34
CA LYS A 133 -8.48 -22.76 -0.38
C LYS A 133 -8.31 -22.05 0.96
N LEU A 134 -7.56 -20.95 0.93
CA LEU A 134 -7.25 -20.14 2.10
C LEU A 134 -6.50 -20.93 3.18
N LEU A 135 -5.89 -22.04 2.77
CA LEU A 135 -5.09 -22.84 3.68
C LEU A 135 -3.63 -22.42 3.62
N PRO A 136 -3.00 -22.27 4.78
CA PRO A 136 -1.60 -21.84 4.91
C PRO A 136 -0.63 -22.69 4.08
N VAL A 137 0.28 -22.03 3.38
CA VAL A 137 1.29 -22.73 2.61
C VAL A 137 2.67 -22.16 2.88
N GLY A 138 3.70 -22.91 2.50
CA GLY A 138 5.07 -22.45 2.64
C GLY A 138 5.70 -22.15 1.29
N ARG A 139 5.71 -20.87 0.92
CA ARG A 139 6.27 -20.44 -0.36
C ARG A 139 7.24 -19.27 -0.16
N THR A 140 7.93 -18.89 -1.22
CA THR A 140 8.82 -17.74 -1.20
C THR A 140 8.08 -16.47 -1.63
N VAL A 141 8.19 -15.43 -0.81
CA VAL A 141 7.47 -14.18 -1.04
C VAL A 141 8.41 -12.99 -1.17
N MET A 142 8.16 -12.16 -2.17
CA MET A 142 8.89 -10.92 -2.39
C MET A 142 8.13 -9.75 -1.78
N VAL A 143 8.82 -8.98 -0.95
CA VAL A 143 8.21 -7.83 -0.28
C VAL A 143 8.89 -6.51 -0.66
N ASN A 144 8.06 -5.51 -0.96
CA ASN A 144 8.54 -4.19 -1.34
C ASN A 144 7.94 -3.09 -0.46
N ILE A 145 8.80 -2.30 0.16
CA ILE A 145 8.38 -1.08 0.84
C ILE A 145 8.43 0.07 -0.17
N GLU A 146 7.33 0.82 -0.28
CA GLU A 146 7.17 1.81 -1.33
C GLU A 146 6.71 3.16 -0.79
N ASN A 147 7.41 4.22 -1.18
CA ASN A 147 7.08 5.58 -0.76
C ASN A 147 5.88 6.14 -1.55
N PRO A 148 5.27 7.22 -1.05
CA PRO A 148 4.09 7.80 -1.72
C PRO A 148 4.29 8.13 -3.20
N GLU A 149 5.54 8.40 -3.60
CA GLU A 149 5.85 8.71 -4.99
C GLU A 149 5.67 7.47 -5.87
N GLY A 150 5.88 6.31 -5.29
CA GLY A 150 5.75 5.05 -6.01
C GLY A 150 7.06 4.27 -6.06
N ILE A 151 8.12 4.92 -5.62
CA ILE A 151 9.46 4.34 -5.68
C ILE A 151 9.72 3.35 -4.55
N PRO A 152 10.13 2.12 -4.91
CA PRO A 152 10.52 1.13 -3.89
C PRO A 152 11.81 1.52 -3.19
N VAL A 153 11.82 1.44 -1.86
CA VAL A 153 12.97 1.86 -1.07
C VAL A 153 13.59 0.70 -0.30
N LYS A 154 12.91 -0.43 -0.27
CA LYS A 154 13.44 -1.61 0.39
C LYS A 154 12.77 -2.88 -0.14
N GLN A 155 13.55 -3.70 -0.83
CA GLN A 155 13.06 -4.98 -1.31
C GLN A 155 13.53 -6.10 -0.39
N ASP A 156 12.88 -7.26 -0.48
CA ASP A 156 13.25 -8.40 0.34
C ASP A 156 12.64 -9.69 -0.22
N SER A 157 13.26 -10.81 0.10
CA SER A 157 12.76 -12.11 -0.35
C SER A 157 12.83 -13.13 0.77
N LEU A 158 11.67 -13.50 1.32
CA LEU A 158 11.66 -14.42 2.44
C LEU A 158 10.89 -15.70 2.15
N SER A 159 10.85 -16.60 3.11
CA SER A 159 10.16 -17.87 2.95
C SER A 159 9.04 -18.05 3.96
N SER A 160 7.95 -18.66 3.52
CA SER A 160 6.79 -18.90 4.38
C SER A 160 6.85 -20.29 5.00
N GLN A 161 7.84 -21.08 4.59
CA GLN A 161 7.98 -22.44 5.10
C GLN A 161 8.25 -22.47 6.60
N ASN A 162 7.63 -23.43 7.27
CA ASN A 162 7.79 -23.62 8.71
C ASN A 162 7.39 -22.38 9.51
N GLN A 163 6.51 -21.57 8.93
CA GLN A 163 6.05 -20.35 9.57
C GLN A 163 4.54 -20.40 9.80
N LEU A 164 3.95 -21.55 9.49
CA LEU A 164 2.51 -21.77 9.65
C LEU A 164 1.67 -20.73 8.93
N GLY A 165 2.11 -20.32 7.74
CA GLY A 165 1.36 -19.39 6.93
C GLY A 165 1.38 -17.96 7.42
N VAL A 166 2.23 -17.68 8.41
CA VAL A 166 2.34 -16.34 8.97
C VAL A 166 3.78 -15.86 8.91
N LEU A 167 4.00 -14.68 8.38
CA LEU A 167 5.35 -14.17 8.18
C LEU A 167 5.55 -12.81 8.85
N PRO A 168 6.17 -12.81 10.04
CA PRO A 168 6.35 -11.61 10.84
C PRO A 168 7.54 -10.77 10.40
N LEU A 169 7.27 -9.52 10.05
CA LEU A 169 8.28 -8.60 9.56
C LEU A 169 8.15 -7.22 10.21
N SER A 170 9.17 -6.39 10.02
CA SER A 170 9.18 -5.03 10.53
C SER A 170 10.02 -4.12 9.65
N TRP A 171 9.66 -2.84 9.61
CA TRP A 171 10.44 -1.85 8.88
C TRP A 171 10.52 -0.55 9.67
N ASP A 172 11.74 -0.08 9.89
CA ASP A 172 11.96 1.14 10.67
C ASP A 172 11.80 2.37 9.79
N ILE A 173 10.99 3.32 10.27
CA ILE A 173 10.80 4.58 9.57
C ILE A 173 11.85 5.60 10.02
N PRO A 174 12.59 6.16 9.06
CA PRO A 174 13.62 7.16 9.36
C PRO A 174 13.03 8.43 9.95
N GLU A 175 13.84 9.22 10.64
CA GLU A 175 13.39 10.50 11.16
C GLU A 175 13.06 11.43 9.99
N LEU A 176 14.02 11.59 9.09
CA LEU A 176 13.80 12.33 7.86
C LEU A 176 13.06 11.47 6.86
N VAL A 177 11.79 11.79 6.62
CA VAL A 177 10.96 10.95 5.77
C VAL A 177 9.91 11.78 5.03
N ASN A 178 9.42 11.25 3.92
CA ASN A 178 8.35 11.90 3.16
C ASN A 178 6.98 11.52 3.70
N MET A 179 6.20 12.54 4.05
CA MET A 179 4.86 12.29 4.60
C MET A 179 3.93 11.78 3.51
N GLY A 180 2.83 11.15 3.93
CA GLY A 180 1.83 10.70 2.98
C GLY A 180 1.55 9.21 3.04
N GLN A 181 0.85 8.71 2.03
CA GLN A 181 0.45 7.31 2.01
C GLN A 181 1.57 6.40 1.52
N TRP A 182 2.16 5.65 2.44
CA TRP A 182 3.16 4.65 2.08
C TRP A 182 2.48 3.33 1.79
N LYS A 183 3.15 2.43 1.09
CA LYS A 183 2.56 1.14 0.80
C LYS A 183 3.54 -0.02 0.97
N ILE A 184 2.99 -1.15 1.41
CA ILE A 184 3.68 -2.43 1.36
C ILE A 184 3.07 -3.27 0.23
N ARG A 185 3.91 -3.77 -0.66
CA ARG A 185 3.44 -4.62 -1.74
C ARG A 185 4.19 -5.94 -1.76
N ALA A 186 3.47 -7.04 -1.61
CA ALA A 186 4.09 -8.36 -1.64
C ALA A 186 3.52 -9.22 -2.77
N TYR A 187 4.33 -10.16 -3.24
CA TYR A 187 3.86 -11.12 -4.25
C TYR A 187 4.64 -12.42 -4.19
N TYR A 188 3.98 -13.53 -4.52
CA TYR A 188 4.65 -14.81 -4.58
C TYR A 188 5.76 -14.78 -5.62
N GLU A 189 6.82 -15.54 -5.37
CA GLU A 189 7.98 -15.53 -6.27
C GLU A 189 7.61 -16.01 -7.66
N ASN A 190 6.74 -17.01 -7.72
CA ASN A 190 6.36 -17.62 -8.99
C ASN A 190 5.41 -16.76 -9.81
N SER A 191 4.65 -15.90 -9.15
CA SER A 191 3.66 -15.08 -9.85
C SER A 191 3.80 -13.60 -9.51
N PRO A 192 4.73 -12.90 -10.18
CA PRO A 192 5.00 -11.48 -9.96
C PRO A 192 3.93 -10.56 -10.55
N GLN A 193 2.95 -11.15 -11.23
CA GLN A 193 1.85 -10.38 -11.80
C GLN A 193 0.71 -10.22 -10.80
N GLN A 194 0.69 -11.07 -9.77
CA GLN A 194 -0.32 -11.00 -8.73
C GLN A 194 0.24 -10.31 -7.49
N VAL A 195 0.01 -9.00 -7.40
CA VAL A 195 0.60 -8.18 -6.35
C VAL A 195 -0.41 -7.70 -5.32
N PHE A 196 -0.23 -8.11 -4.08
CA PHE A 196 -1.13 -7.72 -2.99
C PHE A 196 -0.54 -6.54 -2.23
N SER A 197 -1.38 -5.60 -1.83
CA SER A 197 -0.90 -4.37 -1.21
C SER A 197 -1.68 -3.92 0.02
N THR A 198 -1.01 -3.18 0.89
CA THR A 198 -1.65 -2.51 2.02
C THR A 198 -0.98 -1.15 2.19
N GLU A 199 -1.77 -0.13 2.52
CA GLU A 199 -1.19 1.19 2.74
C GLU A 199 -1.11 1.54 4.22
N PHE A 200 -0.21 2.44 4.56
CA PHE A 200 -0.17 3.04 5.89
C PHE A 200 0.29 4.49 5.79
N GLU A 201 -0.41 5.39 6.47
CA GLU A 201 -0.09 6.80 6.41
C GLU A 201 1.10 7.13 7.30
N VAL A 202 1.95 8.03 6.82
CA VAL A 202 3.03 8.58 7.64
C VAL A 202 2.81 10.08 7.82
N LYS A 203 2.82 10.51 9.07
CA LYS A 203 2.42 11.87 9.42
C LYS A 203 2.91 12.22 10.82
N GLU A 204 3.11 13.52 11.06
CA GLU A 204 3.42 14.01 12.39
C GLU A 204 2.12 14.32 13.13
N TYR A 205 1.91 13.69 14.28
CA TYR A 205 0.65 13.83 14.98
C TYR A 205 0.77 13.54 16.47
N VAL A 206 -0.28 13.86 17.21
CA VAL A 206 -0.44 13.39 18.58
C VAL A 206 -1.85 12.82 18.70
N LEU A 207 -2.00 11.78 19.52
CA LEU A 207 -3.29 11.13 19.67
C LEU A 207 -4.29 12.04 20.36
N PRO A 208 -5.52 12.09 19.83
CA PRO A 208 -6.61 12.84 20.46
C PRO A 208 -7.10 12.13 21.72
N SER A 209 -7.87 12.84 22.54
CA SER A 209 -8.39 12.24 23.76
C SER A 209 -9.86 11.85 23.60
N PHE A 210 -10.46 12.18 22.46
CA PHE A 210 -11.85 11.82 22.23
C PHE A 210 -12.17 11.54 20.75
N GLU A 211 -13.37 11.03 20.51
CA GLU A 211 -13.83 10.71 19.17
C GLU A 211 -15.09 11.50 18.81
N VAL A 212 -15.15 11.92 17.55
CA VAL A 212 -16.29 12.66 17.04
C VAL A 212 -16.97 11.85 15.93
N ILE A 213 -18.29 11.71 16.04
CA ILE A 213 -19.07 10.96 15.08
C ILE A 213 -20.12 11.83 14.41
N VAL A 214 -20.03 11.93 13.09
CA VAL A 214 -20.98 12.71 12.32
C VAL A 214 -22.00 11.80 11.67
N GLU A 215 -23.21 11.78 12.21
CA GLU A 215 -24.25 10.84 11.76
C GLU A 215 -25.53 11.56 11.34
N PRO A 216 -25.85 11.53 10.04
CA PRO A 216 -27.08 12.10 9.51
C PRO A 216 -28.31 11.31 9.97
N THR A 217 -29.48 11.95 10.00
CA THR A 217 -30.69 11.26 10.41
C THR A 217 -30.98 10.09 9.46
N GLU A 218 -31.08 10.41 8.17
CA GLU A 218 -31.22 9.37 7.14
C GLU A 218 -29.87 9.09 6.50
N LYS A 219 -29.73 7.91 5.91
CA LYS A 219 -28.50 7.55 5.21
C LYS A 219 -28.41 8.20 3.83
N PHE A 220 -29.40 9.05 3.54
CA PHE A 220 -29.50 9.73 2.26
C PHE A 220 -30.18 11.07 2.43
N TYR A 221 -30.45 11.75 1.32
CA TYR A 221 -31.24 12.98 1.35
C TYR A 221 -32.22 13.04 0.19
N TYR A 222 -33.51 12.97 0.52
CA TYR A 222 -34.57 13.13 -0.47
C TYR A 222 -34.56 14.57 -0.98
N ILE A 223 -34.47 14.73 -2.29
CA ILE A 223 -34.25 16.04 -2.91
C ILE A 223 -35.42 17.00 -2.67
N TYR A 224 -36.61 16.46 -2.43
CA TYR A 224 -37.78 17.30 -2.18
C TYR A 224 -38.14 17.35 -0.70
N ASN A 225 -37.14 17.20 0.17
CA ASN A 225 -37.37 17.29 1.60
C ASN A 225 -37.06 18.69 2.13
N GLU A 226 -38.11 19.42 2.51
CA GLU A 226 -37.96 20.81 2.94
C GLU A 226 -37.20 20.92 4.26
N LYS A 227 -37.20 19.85 5.03
CA LYS A 227 -36.50 19.83 6.31
C LYS A 227 -35.00 19.98 6.12
N GLY A 228 -34.51 19.54 4.97
CA GLY A 228 -33.09 19.58 4.67
C GLY A 228 -32.37 18.41 5.31
N LEU A 229 -31.04 18.42 5.22
CA LEU A 229 -30.23 17.35 5.77
C LEU A 229 -29.93 17.60 7.25
N GLU A 230 -30.59 16.85 8.13
CA GLU A 230 -30.36 17.00 9.57
C GLU A 230 -29.25 16.05 10.02
N VAL A 231 -28.28 16.61 10.75
CA VAL A 231 -27.12 15.84 11.16
C VAL A 231 -26.86 15.92 12.66
N THR A 232 -26.59 14.77 13.27
CA THR A 232 -26.27 14.70 14.69
C THR A 232 -24.78 14.50 14.90
N ILE A 233 -24.19 15.35 15.73
CA ILE A 233 -22.78 15.25 16.10
C ILE A 233 -22.64 14.64 17.48
N THR A 234 -21.85 13.58 17.59
CA THR A 234 -21.68 12.89 18.87
C THR A 234 -20.22 12.76 19.25
N ALA A 235 -19.82 13.46 20.31
CA ALA A 235 -18.44 13.44 20.76
C ALA A 235 -18.30 12.80 22.13
N ARG A 236 -17.39 11.85 22.26
CA ARG A 236 -17.18 11.19 23.55
C ARG A 236 -15.73 10.76 23.72
N PHE A 237 -15.22 10.82 24.94
CA PHE A 237 -13.83 10.46 25.22
C PHE A 237 -13.58 9.00 24.89
N LEU A 238 -12.30 8.67 24.68
CA LEU A 238 -11.93 7.31 24.33
C LEU A 238 -12.14 6.34 25.48
N TYR A 239 -12.29 6.88 26.69
CA TYR A 239 -12.52 6.04 27.86
C TYR A 239 -13.99 5.96 28.25
N GLY A 240 -14.86 6.50 27.40
CA GLY A 240 -16.29 6.34 27.58
C GLY A 240 -17.08 7.59 27.92
N LYS A 241 -16.56 8.41 28.83
CA LYS A 241 -17.27 9.59 29.31
C LYS A 241 -17.63 10.55 28.18
N LYS A 242 -18.76 11.24 28.35
CA LYS A 242 -19.23 12.17 27.32
C LYS A 242 -18.40 13.44 27.27
N VAL A 243 -18.71 14.31 26.31
CA VAL A 243 -17.89 15.48 26.04
C VAL A 243 -18.71 16.76 26.04
N GLU A 244 -18.22 17.78 26.74
CA GLU A 244 -18.81 19.11 26.69
C GLU A 244 -17.90 19.99 25.86
N GLY A 245 -18.48 20.72 24.91
CA GLY A 245 -17.65 21.58 24.09
C GLY A 245 -18.38 22.40 23.04
N THR A 246 -17.67 22.72 21.96
CA THR A 246 -18.24 23.51 20.87
C THR A 246 -17.89 22.88 19.54
N ALA A 247 -18.84 22.84 18.62
CA ALA A 247 -18.62 22.23 17.31
C ALA A 247 -18.87 23.20 16.16
N PHE A 248 -17.93 23.21 15.21
CA PHE A 248 -18.06 23.94 13.96
C PHE A 248 -18.39 22.96 12.84
N VAL A 249 -19.61 23.06 12.30
CA VAL A 249 -20.07 22.13 11.28
C VAL A 249 -20.25 22.83 9.94
N ILE A 250 -19.78 22.19 8.86
CA ILE A 250 -19.88 22.77 7.52
C ILE A 250 -20.17 21.70 6.47
N PHE A 251 -20.95 22.06 5.46
CA PHE A 251 -21.43 21.11 4.46
C PHE A 251 -20.84 21.36 3.07
N GLY A 252 -20.87 20.33 2.23
CA GLY A 252 -20.42 20.48 0.85
C GLY A 252 -21.05 19.48 -0.12
N ILE A 253 -21.04 19.83 -1.40
CA ILE A 253 -21.60 18.98 -2.44
C ILE A 253 -20.50 18.30 -3.26
N GLN A 254 -20.59 16.99 -3.40
CA GLN A 254 -19.59 16.22 -4.14
C GLN A 254 -20.17 15.69 -5.44
N ASP A 255 -19.45 15.96 -6.54
CA ASP A 255 -19.83 15.52 -7.87
C ASP A 255 -18.66 14.75 -8.48
N GLY A 256 -18.73 13.42 -8.38
CA GLY A 256 -17.62 12.58 -8.83
C GLY A 256 -16.41 12.74 -7.93
N GLU A 257 -15.48 13.59 -8.34
CA GLU A 257 -14.32 13.92 -7.53
C GLU A 257 -14.22 15.42 -7.31
N GLN A 258 -15.22 16.17 -7.78
CA GLN A 258 -15.23 17.61 -7.62
C GLN A 258 -16.03 18.02 -6.39
N ARG A 259 -15.35 18.65 -5.42
CA ARG A 259 -16.01 19.07 -4.19
C ARG A 259 -16.26 20.57 -4.16
N ILE A 260 -17.48 20.96 -3.82
CA ILE A 260 -17.86 22.36 -3.69
C ILE A 260 -18.37 22.65 -2.28
N SER A 261 -17.58 23.40 -1.51
CA SER A 261 -17.94 23.73 -0.15
C SER A 261 -19.07 24.76 -0.11
N LEU A 262 -19.91 24.68 0.91
CA LEU A 262 -21.00 25.63 1.09
C LEU A 262 -20.73 26.52 2.30
N PRO A 263 -20.08 27.67 2.07
CA PRO A 263 -19.67 28.58 3.15
C PRO A 263 -20.85 29.11 3.95
N GLU A 264 -22.00 29.21 3.28
CA GLU A 264 -23.22 29.74 3.90
C GLU A 264 -23.80 28.75 4.91
N SER A 265 -23.40 27.49 4.81
CA SER A 265 -23.96 26.45 5.65
C SER A 265 -23.17 26.25 6.95
N LEU A 266 -22.15 27.07 7.17
CA LEU A 266 -21.31 26.95 8.35
C LEU A 266 -22.08 27.32 9.61
N LYS A 267 -22.02 26.46 10.61
CA LYS A 267 -22.72 26.69 11.87
C LYS A 267 -21.83 26.40 13.07
N ARG A 268 -22.02 27.16 14.14
CA ARG A 268 -21.37 26.87 15.41
C ARG A 268 -22.41 26.49 16.45
N ILE A 269 -22.36 25.23 16.91
CA ILE A 269 -23.33 24.75 17.88
C ILE A 269 -22.66 24.21 19.13
N PRO A 270 -23.33 24.35 20.28
CA PRO A 270 -22.80 23.79 21.53
C PRO A 270 -22.94 22.28 21.57
N ILE A 271 -21.87 21.60 21.98
CA ILE A 271 -21.95 20.17 22.24
C ILE A 271 -22.20 19.95 23.73
N GLU A 272 -23.46 19.67 24.05
CA GLU A 272 -23.88 19.45 25.42
C GLU A 272 -24.21 17.98 25.63
N ASP A 273 -23.62 17.39 26.66
CA ASP A 273 -23.80 15.97 26.98
C ASP A 273 -23.35 15.09 25.82
N GLY A 274 -22.27 15.47 25.17
CA GLY A 274 -21.68 14.69 24.09
C GLY A 274 -22.48 14.68 22.80
N SER A 275 -23.44 15.60 22.69
CA SER A 275 -24.33 15.59 21.54
C SER A 275 -24.72 16.99 21.07
N GLY A 276 -24.86 17.14 19.76
CA GLY A 276 -25.34 18.37 19.16
C GLY A 276 -26.09 18.05 17.88
N GLU A 277 -26.88 19.00 17.41
CA GLU A 277 -27.60 18.81 16.16
C GLU A 277 -27.47 20.03 15.26
N VAL A 278 -27.32 19.79 13.96
CA VAL A 278 -27.16 20.86 12.99
C VAL A 278 -27.81 20.49 11.66
N VAL A 279 -28.60 21.42 11.12
CA VAL A 279 -29.34 21.16 9.90
C VAL A 279 -28.85 21.97 8.71
N LEU A 280 -28.62 21.30 7.60
CA LEU A 280 -28.41 21.98 6.33
C LEU A 280 -29.76 22.22 5.68
N SER A 281 -30.17 23.48 5.63
CA SER A 281 -31.47 23.83 5.05
C SER A 281 -31.45 23.65 3.54
N ARG A 282 -32.58 23.25 2.98
CA ARG A 282 -32.70 23.04 1.54
C ARG A 282 -32.43 24.34 0.79
N LYS A 283 -32.90 25.45 1.36
CA LYS A 283 -32.71 26.76 0.75
C LYS A 283 -31.23 27.11 0.60
N VAL A 284 -30.45 26.93 1.66
CA VAL A 284 -29.02 27.20 1.63
C VAL A 284 -28.31 26.30 0.62
N LEU A 285 -28.71 25.03 0.59
CA LEU A 285 -28.17 24.07 -0.35
C LEU A 285 -28.38 24.52 -1.80
N LEU A 286 -29.61 24.92 -2.11
CA LEU A 286 -29.95 25.34 -3.47
C LEU A 286 -29.30 26.66 -3.86
N ASP A 287 -29.20 27.58 -2.89
CA ASP A 287 -28.59 28.88 -3.14
C ASP A 287 -27.10 28.74 -3.36
N GLY A 288 -26.50 27.77 -2.68
CA GLY A 288 -25.07 27.53 -2.79
C GLY A 288 -24.66 27.11 -4.18
N VAL A 289 -25.45 26.22 -4.78
CA VAL A 289 -25.21 25.78 -6.14
C VAL A 289 -25.87 26.78 -7.10
N GLN A 290 -25.26 26.99 -8.26
CA GLN A 290 -25.78 27.96 -9.22
C GLN A 290 -26.75 27.31 -10.20
N ASN A 291 -27.54 26.38 -9.70
CA ASN A 291 -28.50 25.66 -10.53
C ASN A 291 -29.86 25.55 -9.82
N PRO A 292 -30.90 26.16 -10.41
CA PRO A 292 -32.25 26.12 -9.84
C PRO A 292 -32.87 24.73 -9.93
N ARG A 293 -32.52 23.99 -10.97
CA ARG A 293 -33.02 22.63 -11.17
C ARG A 293 -32.43 21.69 -10.12
N ALA A 294 -33.23 21.36 -9.11
CA ALA A 294 -32.80 20.47 -8.05
C ALA A 294 -32.57 19.05 -8.56
N GLU A 295 -33.25 18.71 -9.65
CA GLU A 295 -33.15 17.39 -10.24
C GLU A 295 -31.72 17.07 -10.68
N ASP A 296 -30.97 18.10 -11.03
CA ASP A 296 -29.58 17.93 -11.46
C ASP A 296 -28.70 17.50 -10.29
N LEU A 297 -29.13 17.80 -9.08
CA LEU A 297 -28.39 17.42 -7.89
C LEU A 297 -28.45 15.92 -7.65
N VAL A 298 -29.47 15.26 -8.21
CA VAL A 298 -29.60 13.82 -8.09
C VAL A 298 -28.44 13.13 -8.77
N GLY A 299 -27.80 12.22 -8.06
CA GLY A 299 -26.63 11.54 -8.58
C GLY A 299 -25.38 12.06 -7.92
N LYS A 300 -25.49 13.26 -7.34
CA LYS A 300 -24.42 13.85 -6.56
C LYS A 300 -24.58 13.46 -5.09
N SER A 301 -23.58 13.74 -4.28
CA SER A 301 -23.65 13.39 -2.86
C SER A 301 -23.35 14.59 -1.97
N LEU A 302 -23.61 14.45 -0.68
CA LEU A 302 -23.29 15.51 0.27
C LEU A 302 -22.27 15.00 1.27
N TYR A 303 -21.35 15.88 1.67
CA TYR A 303 -20.41 15.52 2.72
C TYR A 303 -20.45 16.56 3.84
N VAL A 304 -20.23 16.09 5.06
CA VAL A 304 -20.29 16.94 6.25
C VAL A 304 -18.97 16.91 7.01
N SER A 305 -18.45 18.08 7.35
CA SER A 305 -17.23 18.14 8.14
C SER A 305 -17.49 18.85 9.48
N ALA A 306 -17.10 18.19 10.56
CA ALA A 306 -17.33 18.73 11.89
C ALA A 306 -16.05 18.81 12.70
N THR A 307 -15.83 19.95 13.33
CA THR A 307 -14.68 20.16 14.19
C THR A 307 -15.14 20.40 15.62
N VAL A 308 -14.75 19.53 16.53
CA VAL A 308 -15.15 19.69 17.93
C VAL A 308 -13.97 20.12 18.79
N ILE A 309 -14.19 21.16 19.59
CA ILE A 309 -13.20 21.69 20.51
C ILE A 309 -13.71 21.59 21.95
N LEU A 310 -12.86 21.05 22.83
CA LEU A 310 -13.18 20.99 24.25
C LEU A 310 -13.20 22.38 24.85
N HIS A 311 -13.91 22.54 25.96
CA HIS A 311 -13.97 23.84 26.63
C HIS A 311 -12.61 24.23 27.17
N SER A 312 -11.77 23.24 27.47
CA SER A 312 -10.42 23.49 27.93
C SER A 312 -9.53 24.02 26.81
N GLY A 313 -9.94 23.76 25.57
CA GLY A 313 -9.18 24.18 24.40
C GLY A 313 -7.85 23.45 24.28
N SER A 314 -7.76 22.29 24.89
CA SER A 314 -6.51 21.54 24.92
C SER A 314 -6.53 20.37 23.94
N ASP A 315 -7.71 20.07 23.42
CA ASP A 315 -7.83 19.03 22.40
C ASP A 315 -8.89 19.41 21.37
N MET A 316 -8.68 18.96 20.14
CA MET A 316 -9.56 19.27 19.03
C MET A 316 -9.63 18.07 18.09
N VAL A 317 -10.83 17.74 17.63
CA VAL A 317 -10.99 16.60 16.73
C VAL A 317 -11.85 16.96 15.52
N GLN A 318 -11.32 16.70 14.34
CA GLN A 318 -12.08 16.89 13.11
C GLN A 318 -12.51 15.54 12.56
N ALA A 319 -13.77 15.44 12.16
CA ALA A 319 -14.32 14.22 11.60
C ALA A 319 -15.19 14.54 10.39
N GLU A 320 -15.37 13.56 9.51
CA GLU A 320 -16.12 13.78 8.28
C GLU A 320 -17.05 12.61 7.93
N ARG A 321 -18.18 12.93 7.32
CA ARG A 321 -19.09 11.92 6.80
C ARG A 321 -19.47 12.27 5.36
N SER A 322 -18.91 11.54 4.40
CA SER A 322 -19.17 11.81 2.99
C SER A 322 -19.99 10.70 2.36
N GLY A 323 -20.30 10.86 1.08
CA GLY A 323 -21.03 9.83 0.35
C GLY A 323 -22.47 9.73 0.78
N ILE A 324 -23.13 10.87 0.91
CA ILE A 324 -24.56 10.91 1.21
C ILE A 324 -25.32 11.30 -0.05
N PRO A 325 -25.82 10.29 -0.77
CA PRO A 325 -26.42 10.48 -2.09
C PRO A 325 -27.66 11.35 -2.06
N ILE A 326 -27.79 12.25 -3.02
CA ILE A 326 -29.01 13.02 -3.22
C ILE A 326 -29.92 12.22 -4.15
N VAL A 327 -31.01 11.70 -3.60
CA VAL A 327 -31.85 10.75 -4.33
C VAL A 327 -33.31 11.16 -4.41
N THR A 328 -34.06 10.44 -5.25
CA THR A 328 -35.50 10.62 -5.36
C THR A 328 -36.21 9.37 -4.90
N SER A 329 -35.43 8.39 -4.43
CA SER A 329 -35.97 7.14 -3.93
C SER A 329 -35.10 6.56 -2.82
N PRO A 330 -35.74 6.14 -1.72
CA PRO A 330 -35.06 5.57 -0.55
C PRO A 330 -34.42 4.22 -0.84
N TYR A 331 -34.76 3.63 -1.99
CA TYR A 331 -34.29 2.30 -2.32
C TYR A 331 -33.63 2.26 -3.69
N GLN A 332 -33.09 1.10 -4.04
CA GLN A 332 -32.36 0.92 -5.29
C GLN A 332 -32.33 -0.55 -5.67
N ILE A 333 -32.89 -0.87 -6.84
CA ILE A 333 -33.07 -2.27 -7.25
C ILE A 333 -31.95 -2.77 -8.17
N HIS A 334 -31.44 -3.96 -7.88
CA HIS A 334 -30.36 -4.57 -8.66
C HIS A 334 -30.68 -5.98 -9.14
N PHE A 335 -30.30 -6.24 -10.40
CA PHE A 335 -30.43 -7.57 -11.00
C PHE A 335 -29.07 -8.24 -11.15
N THR A 336 -28.15 -7.95 -10.24
CA THR A 336 -26.80 -8.48 -10.33
C THR A 336 -26.72 -9.92 -9.83
N LYS A 337 -27.83 -10.45 -9.34
CA LYS A 337 -27.87 -11.80 -8.84
C LYS A 337 -28.89 -12.65 -9.60
N THR A 338 -29.49 -12.06 -10.63
CA THR A 338 -30.50 -12.76 -11.43
C THR A 338 -29.96 -13.10 -12.82
N PRO A 339 -30.03 -14.39 -13.20
CA PRO A 339 -29.59 -14.87 -14.51
C PRO A 339 -30.18 -14.06 -15.66
N LYS A 340 -29.41 -13.87 -16.72
CA LYS A 340 -29.86 -13.09 -17.86
C LYS A 340 -30.24 -14.00 -19.03
N TYR A 341 -30.59 -15.25 -18.69
CA TYR A 341 -31.08 -16.21 -19.67
C TYR A 341 -32.25 -17.00 -19.09
N PHE A 342 -33.28 -17.20 -19.90
CA PHE A 342 -34.47 -17.91 -19.45
C PHE A 342 -34.75 -19.13 -20.31
N LYS A 343 -35.58 -20.04 -19.79
CA LYS A 343 -36.02 -21.21 -20.55
C LYS A 343 -37.48 -21.03 -20.97
N PRO A 344 -37.71 -20.81 -22.27
CA PRO A 344 -39.05 -20.55 -22.82
C PRO A 344 -40.07 -21.61 -22.44
N GLY A 345 -41.17 -21.18 -21.83
CA GLY A 345 -42.19 -22.10 -21.39
C GLY A 345 -42.03 -22.52 -19.93
N MET A 346 -40.86 -22.26 -19.37
CA MET A 346 -40.60 -22.63 -17.98
C MET A 346 -40.62 -21.40 -17.07
N PRO A 347 -40.94 -21.61 -15.78
CA PRO A 347 -40.94 -20.51 -14.80
C PRO A 347 -39.58 -19.81 -14.71
N PHE A 348 -39.58 -18.49 -14.82
CA PHE A 348 -38.36 -17.71 -14.71
C PHE A 348 -38.24 -17.10 -13.31
N ASP A 349 -37.13 -17.41 -12.64
CA ASP A 349 -36.90 -16.94 -11.27
C ASP A 349 -36.00 -15.71 -11.26
N LEU A 350 -36.39 -14.73 -10.44
CA LEU A 350 -35.61 -13.52 -10.26
C LEU A 350 -35.18 -13.35 -8.82
N MET A 351 -33.89 -13.05 -8.62
CA MET A 351 -33.37 -12.73 -7.29
C MET A 351 -33.11 -11.24 -7.19
N VAL A 352 -34.16 -10.49 -6.87
CA VAL A 352 -34.07 -9.04 -6.75
C VAL A 352 -33.21 -8.62 -5.57
N PHE A 353 -32.30 -7.67 -5.80
CA PHE A 353 -31.44 -7.19 -4.73
C PHE A 353 -31.65 -5.70 -4.45
N VAL A 354 -32.44 -5.41 -3.43
CA VAL A 354 -32.76 -4.02 -3.07
C VAL A 354 -31.84 -3.47 -1.99
N THR A 355 -31.21 -2.33 -2.26
CA THR A 355 -30.30 -1.70 -1.33
C THR A 355 -30.65 -0.25 -1.03
N ASN A 356 -30.12 0.26 0.08
CA ASN A 356 -30.22 1.67 0.41
C ASN A 356 -29.22 2.46 -0.43
N PRO A 357 -29.44 3.78 -0.58
CA PRO A 357 -28.53 4.62 -1.38
C PRO A 357 -27.06 4.51 -1.00
N ASP A 358 -26.78 4.14 0.25
CA ASP A 358 -25.39 4.02 0.71
C ASP A 358 -24.80 2.66 0.37
N GLY A 359 -25.61 1.78 -0.20
CA GLY A 359 -25.13 0.47 -0.64
C GLY A 359 -25.52 -0.68 0.28
N SER A 360 -26.00 -0.34 1.48
CA SER A 360 -26.40 -1.36 2.44
C SER A 360 -27.68 -2.07 2.01
N PRO A 361 -27.84 -3.34 2.39
CA PRO A 361 -29.06 -4.12 2.13
C PRO A 361 -30.29 -3.51 2.81
N ALA A 362 -31.46 -3.71 2.21
CA ALA A 362 -32.70 -3.22 2.77
C ALA A 362 -33.60 -4.37 3.21
N TYR A 363 -34.07 -4.30 4.45
CA TYR A 363 -34.84 -5.38 5.05
C TYR A 363 -36.34 -5.12 4.97
N ARG A 364 -37.10 -6.14 4.59
CA ARG A 364 -38.56 -6.08 4.47
C ARG A 364 -39.02 -4.97 3.52
N VAL A 365 -38.67 -5.11 2.25
CA VAL A 365 -39.11 -4.16 1.23
C VAL A 365 -39.94 -4.87 0.17
N PRO A 366 -41.23 -4.51 0.08
CA PRO A 366 -42.14 -5.09 -0.92
C PRO A 366 -41.69 -4.80 -2.34
N VAL A 367 -41.53 -5.84 -3.14
CA VAL A 367 -41.18 -5.69 -4.55
C VAL A 367 -42.11 -6.51 -5.43
N ALA A 368 -42.35 -6.01 -6.64
CA ALA A 368 -43.25 -6.68 -7.57
C ALA A 368 -42.89 -6.39 -9.03
N VAL A 369 -43.41 -7.23 -9.92
CA VAL A 369 -43.24 -7.05 -11.36
C VAL A 369 -44.43 -6.29 -11.93
N GLN A 370 -44.17 -5.39 -12.89
CA GLN A 370 -45.24 -4.62 -13.51
C GLN A 370 -46.23 -5.52 -14.24
N GLY A 371 -47.51 -5.35 -13.92
CA GLY A 371 -48.56 -6.14 -14.55
C GLY A 371 -48.87 -7.41 -13.78
N GLU A 372 -47.97 -7.79 -12.87
CA GLU A 372 -48.17 -8.98 -12.06
C GLU A 372 -48.10 -8.63 -10.58
N ASP A 373 -49.18 -8.03 -10.05
CA ASP A 373 -49.24 -7.63 -8.66
C ASP A 373 -49.34 -8.85 -7.75
N THR A 374 -49.78 -9.96 -8.31
CA THR A 374 -49.88 -11.22 -7.57
C THR A 374 -48.51 -11.69 -7.13
N VAL A 375 -47.52 -11.53 -8.01
CA VAL A 375 -46.15 -11.92 -7.69
C VAL A 375 -45.45 -10.78 -6.94
N GLN A 376 -45.79 -10.61 -5.67
CA GLN A 376 -45.20 -9.57 -4.84
C GLN A 376 -44.52 -10.18 -3.62
N SER A 377 -43.20 -10.02 -3.55
CA SER A 377 -42.43 -10.64 -2.47
C SER A 377 -41.76 -9.63 -1.56
N LEU A 378 -41.16 -10.12 -0.49
CA LEU A 378 -40.52 -9.26 0.51
C LEU A 378 -39.04 -9.61 0.66
N THR A 379 -38.20 -8.59 0.70
CA THR A 379 -36.76 -8.79 0.81
C THR A 379 -36.40 -9.38 2.18
N GLN A 380 -35.32 -10.17 2.20
CA GLN A 380 -34.87 -10.79 3.44
C GLN A 380 -33.87 -9.92 4.16
N GLY A 381 -33.10 -10.53 5.07
CA GLY A 381 -32.10 -9.82 5.83
C GLY A 381 -30.95 -9.35 4.96
N ASP A 382 -30.70 -10.07 3.88
CA ASP A 382 -29.64 -9.73 2.95
C ASP A 382 -30.18 -8.81 1.85
N GLY A 383 -31.44 -8.43 1.97
CA GLY A 383 -32.07 -7.55 1.01
C GLY A 383 -32.30 -8.21 -0.33
N VAL A 384 -32.54 -9.52 -0.31
CA VAL A 384 -32.79 -10.28 -1.53
C VAL A 384 -34.17 -10.93 -1.51
N ALA A 385 -34.97 -10.65 -2.53
CA ALA A 385 -36.30 -11.25 -2.65
C ALA A 385 -36.38 -12.16 -3.88
N LYS A 386 -37.31 -13.11 -3.86
CA LYS A 386 -37.49 -14.04 -4.96
C LYS A 386 -38.82 -13.82 -5.68
N LEU A 387 -38.76 -13.67 -6.99
CA LEU A 387 -39.97 -13.47 -7.79
C LEU A 387 -40.01 -14.45 -8.95
N SER A 388 -40.98 -15.37 -8.94
CA SER A 388 -41.12 -16.33 -10.03
C SER A 388 -42.25 -15.91 -10.98
N ILE A 389 -41.94 -15.86 -12.27
CA ILE A 389 -42.95 -15.58 -13.28
C ILE A 389 -43.10 -16.77 -14.22
N ASN A 390 -44.11 -16.72 -15.09
CA ASN A 390 -44.33 -17.77 -16.07
C ASN A 390 -44.07 -17.30 -17.50
N THR A 391 -43.09 -17.92 -18.15
CA THR A 391 -42.73 -17.54 -19.51
C THR A 391 -43.53 -18.35 -20.53
N HIS A 392 -43.91 -17.71 -21.63
CA HIS A 392 -44.55 -18.42 -22.73
C HIS A 392 -43.47 -18.91 -23.70
N PRO A 393 -43.72 -20.05 -24.37
CA PRO A 393 -42.77 -20.58 -25.35
C PRO A 393 -42.54 -19.63 -26.52
N SER A 394 -41.40 -18.95 -26.51
CA SER A 394 -41.07 -17.99 -27.57
C SER A 394 -39.57 -17.69 -27.62
N GLN A 395 -39.13 -17.08 -28.71
CA GLN A 395 -37.74 -16.72 -28.87
C GLN A 395 -37.54 -15.21 -28.72
N LYS A 396 -38.59 -14.55 -28.25
CA LYS A 396 -38.53 -13.11 -28.00
C LYS A 396 -37.86 -12.83 -26.67
N PRO A 397 -36.96 -11.83 -26.63
CA PRO A 397 -36.23 -11.45 -25.42
C PRO A 397 -37.18 -11.04 -24.29
N LEU A 398 -37.06 -11.70 -23.14
CA LEU A 398 -37.95 -11.45 -22.02
C LEU A 398 -37.52 -10.20 -21.23
N SER A 399 -38.33 -9.14 -21.30
CA SER A 399 -38.00 -7.89 -20.64
C SER A 399 -38.80 -7.71 -19.35
N ILE A 400 -38.09 -7.54 -18.23
CA ILE A 400 -38.74 -7.45 -16.92
C ILE A 400 -38.54 -6.08 -16.28
N THR A 401 -39.60 -5.53 -15.70
CA THR A 401 -39.51 -4.29 -14.96
C THR A 401 -40.02 -4.47 -13.53
N VAL A 402 -39.14 -4.30 -12.56
CA VAL A 402 -39.50 -4.50 -11.17
C VAL A 402 -39.56 -3.16 -10.42
N ARG A 403 -40.60 -3.00 -9.61
CA ARG A 403 -40.78 -1.81 -8.78
C ARG A 403 -40.93 -2.17 -7.31
N THR A 404 -40.59 -1.22 -6.44
CA THR A 404 -40.82 -1.39 -5.01
C THR A 404 -42.26 -0.98 -4.67
N LYS A 405 -42.88 -1.73 -3.78
CA LYS A 405 -44.25 -1.43 -3.35
C LYS A 405 -44.32 -1.17 -1.87
N LYS A 406 -43.33 -0.45 -1.34
CA LYS A 406 -43.33 -0.07 0.07
C LYS A 406 -44.49 0.87 0.35
N GLN A 407 -45.44 0.44 1.18
CA GLN A 407 -46.53 1.30 1.60
C GLN A 407 -45.99 2.54 2.32
N GLU A 408 -46.87 3.52 2.54
CA GLU A 408 -46.55 4.82 3.12
C GLU A 408 -45.57 5.61 2.24
N LEU A 409 -45.27 5.06 1.07
CA LEU A 409 -44.40 5.73 0.12
C LEU A 409 -45.14 5.97 -1.20
N SER A 410 -45.08 7.21 -1.70
CA SER A 410 -45.74 7.57 -2.95
C SER A 410 -45.06 6.90 -4.14
N GLU A 411 -45.78 6.79 -5.25
CA GLU A 411 -45.28 6.08 -6.43
C GLU A 411 -44.11 6.79 -7.10
N ALA A 412 -43.98 8.08 -6.84
CA ALA A 412 -42.88 8.86 -7.41
C ALA A 412 -41.56 8.53 -6.71
N GLU A 413 -41.65 8.04 -5.49
CA GLU A 413 -40.46 7.74 -4.70
C GLU A 413 -40.17 6.23 -4.67
N GLN A 414 -41.02 5.43 -5.30
CA GLN A 414 -40.77 4.00 -5.41
C GLN A 414 -39.65 3.72 -6.41
N ALA A 415 -38.73 2.84 -6.04
CA ALA A 415 -37.62 2.48 -6.93
C ALA A 415 -38.07 1.54 -8.04
N THR A 416 -37.47 1.68 -9.21
CA THR A 416 -37.82 0.85 -10.36
C THR A 416 -36.59 0.53 -11.20
N ARG A 417 -36.57 -0.66 -11.80
CA ARG A 417 -35.45 -1.06 -12.64
C ARG A 417 -35.90 -2.03 -13.73
N THR A 418 -35.26 -1.96 -14.89
CA THR A 418 -35.63 -2.80 -16.03
C THR A 418 -34.45 -3.63 -16.54
N MET A 419 -34.66 -4.94 -16.65
CA MET A 419 -33.66 -5.86 -17.19
C MET A 419 -34.20 -6.63 -18.39
N GLN A 420 -33.31 -7.39 -19.03
CA GLN A 420 -33.68 -8.18 -20.19
C GLN A 420 -32.93 -9.52 -20.19
N ALA A 421 -33.62 -10.58 -20.57
CA ALA A 421 -33.02 -11.91 -20.64
C ALA A 421 -33.22 -12.51 -22.03
N LEU A 422 -32.25 -13.32 -22.45
CA LEU A 422 -32.29 -13.94 -23.77
C LEU A 422 -32.64 -15.43 -23.67
N PRO A 423 -33.31 -15.96 -24.70
CA PRO A 423 -33.72 -17.36 -24.74
C PRO A 423 -32.54 -18.34 -24.72
N TYR A 424 -32.67 -19.40 -23.93
CA TYR A 424 -31.66 -20.45 -23.88
C TYR A 424 -31.75 -21.33 -25.14
N SER A 425 -30.85 -21.08 -26.09
CA SER A 425 -30.85 -21.83 -27.35
C SER A 425 -30.59 -23.31 -27.12
N THR A 426 -31.40 -24.15 -27.74
CA THR A 426 -31.30 -25.59 -27.57
C THR A 426 -30.67 -26.26 -28.79
N VAL A 427 -30.25 -27.51 -28.62
CA VAL A 427 -29.56 -28.24 -29.68
C VAL A 427 -30.51 -28.71 -30.77
N GLY A 428 -30.45 -28.05 -31.93
CA GLY A 428 -31.28 -28.42 -33.06
C GLY A 428 -32.75 -28.10 -32.85
N ASN A 429 -33.03 -27.07 -32.07
CA ASN A 429 -34.40 -26.63 -31.77
C ASN A 429 -35.28 -27.75 -31.24
N SER A 430 -34.71 -28.60 -30.39
CA SER A 430 -35.42 -29.76 -29.87
C SER A 430 -36.30 -29.41 -28.67
N ASN A 431 -36.18 -28.18 -28.20
CA ASN A 431 -36.97 -27.68 -27.07
C ASN A 431 -36.86 -28.56 -25.82
N ASN A 432 -35.64 -28.99 -25.52
CA ASN A 432 -35.37 -29.74 -24.29
C ASN A 432 -34.66 -28.85 -23.27
N TYR A 433 -35.35 -28.55 -22.18
CA TYR A 433 -34.84 -27.61 -21.19
C TYR A 433 -34.72 -28.22 -19.80
N LEU A 434 -33.75 -27.71 -19.04
CA LEU A 434 -33.57 -28.07 -17.63
C LEU A 434 -33.57 -26.81 -16.77
N HIS A 435 -34.27 -26.85 -15.64
CA HIS A 435 -34.37 -25.68 -14.76
C HIS A 435 -34.09 -26.02 -13.31
N LEU A 436 -33.08 -25.37 -12.75
CA LEU A 436 -32.72 -25.54 -11.34
C LEU A 436 -33.28 -24.41 -10.49
N SER A 437 -34.11 -24.75 -9.52
CA SER A 437 -34.66 -23.75 -8.62
C SER A 437 -34.29 -24.06 -7.17
N VAL A 438 -34.14 -23.02 -6.37
CA VAL A 438 -33.70 -23.17 -4.98
C VAL A 438 -34.48 -22.24 -4.07
N LEU A 439 -34.90 -22.76 -2.93
CA LEU A 439 -35.58 -21.96 -1.92
C LEU A 439 -34.68 -20.81 -1.44
N ARG A 440 -35.12 -19.58 -1.70
CA ARG A 440 -34.33 -18.38 -1.40
C ARG A 440 -34.38 -18.00 0.07
N THR A 441 -33.28 -18.25 0.78
CA THR A 441 -33.17 -17.95 2.21
C THR A 441 -31.71 -17.96 2.64
N GLU A 442 -31.35 -17.06 3.57
CA GLU A 442 -29.98 -17.00 4.09
C GLU A 442 -29.49 -18.36 4.55
N LEU A 443 -28.58 -18.95 3.78
CA LEU A 443 -28.09 -20.29 4.05
C LEU A 443 -26.83 -20.29 4.91
N ARG A 444 -26.78 -21.18 5.89
CA ARG A 444 -25.63 -21.30 6.79
C ARG A 444 -25.09 -22.72 6.79
N PRO A 445 -23.77 -22.86 6.98
CA PRO A 445 -23.12 -24.17 7.12
C PRO A 445 -23.71 -25.01 8.25
N GLY A 446 -23.97 -26.28 7.98
CA GLY A 446 -24.57 -27.17 8.96
C GLY A 446 -26.04 -27.39 8.71
N GLU A 447 -26.52 -26.86 7.59
CA GLU A 447 -27.93 -27.01 7.21
C GLU A 447 -28.06 -27.89 5.98
N THR A 448 -29.27 -27.99 5.45
CA THR A 448 -29.52 -28.76 4.24
C THR A 448 -30.41 -28.00 3.27
N LEU A 449 -29.97 -27.90 2.02
CA LEU A 449 -30.71 -27.17 1.01
C LEU A 449 -31.34 -28.11 -0.01
N ASN A 450 -32.63 -27.90 -0.27
CA ASN A 450 -33.34 -28.69 -1.27
C ASN A 450 -33.20 -28.11 -2.67
N VAL A 451 -32.44 -28.80 -3.51
CA VAL A 451 -32.23 -28.35 -4.89
C VAL A 451 -33.28 -28.96 -5.81
N ASN A 452 -34.10 -28.10 -6.42
CA ASN A 452 -35.19 -28.55 -7.27
C ASN A 452 -34.80 -28.68 -8.74
N PHE A 453 -34.70 -29.92 -9.20
CA PHE A 453 -34.44 -30.24 -10.61
C PHE A 453 -35.75 -30.37 -11.37
N LEU A 454 -35.99 -29.47 -12.32
CA LEU A 454 -37.21 -29.49 -13.12
C LEU A 454 -36.89 -29.76 -14.59
N LEU A 455 -37.48 -30.81 -15.14
CA LEU A 455 -37.20 -31.22 -16.51
C LEU A 455 -38.33 -30.87 -17.46
N ARG A 456 -37.98 -30.45 -18.67
CA ARG A 456 -38.97 -30.26 -19.71
C ARG A 456 -38.53 -30.78 -21.05
N MET A 457 -39.32 -31.67 -21.63
CA MET A 457 -39.05 -32.24 -22.94
C MET A 457 -40.24 -33.03 -23.47
N ASP A 458 -40.18 -33.43 -24.73
CA ASP A 458 -41.24 -34.25 -25.31
C ASP A 458 -41.24 -35.64 -24.68
N ARG A 459 -42.38 -36.32 -24.77
CA ARG A 459 -42.54 -37.62 -24.13
C ARG A 459 -41.91 -38.73 -24.96
N ALA A 460 -41.45 -38.38 -26.16
CA ALA A 460 -40.85 -39.35 -27.07
C ALA A 460 -39.50 -39.84 -26.55
N HIS A 461 -38.87 -39.05 -25.69
CA HIS A 461 -37.55 -39.39 -25.16
C HIS A 461 -37.43 -39.07 -23.67
N GLU A 462 -38.57 -38.88 -23.00
CA GLU A 462 -38.56 -38.47 -21.60
C GLU A 462 -38.20 -39.61 -20.66
N ALA A 463 -38.41 -40.85 -21.10
CA ALA A 463 -38.18 -42.01 -20.26
C ALA A 463 -36.70 -42.39 -20.24
N LYS A 464 -35.94 -41.88 -21.21
CA LYS A 464 -34.52 -42.18 -21.32
C LYS A 464 -33.70 -41.50 -20.22
N ILE A 465 -34.18 -40.35 -19.77
CA ILE A 465 -33.49 -39.60 -18.72
C ILE A 465 -33.66 -40.27 -17.37
N ARG A 466 -32.59 -40.89 -16.89
CA ARG A 466 -32.64 -41.64 -15.63
C ARG A 466 -31.82 -40.99 -14.54
N TYR A 467 -30.96 -40.05 -14.90
CA TYR A 467 -30.10 -39.38 -13.93
C TYR A 467 -29.60 -38.02 -14.40
N TYR A 468 -29.24 -37.17 -13.44
CA TYR A 468 -28.58 -35.90 -13.73
C TYR A 468 -27.15 -35.91 -13.18
N THR A 469 -26.25 -35.22 -13.84
CA THR A 469 -24.88 -35.07 -13.34
C THR A 469 -24.67 -33.64 -12.84
N TYR A 470 -24.46 -33.50 -11.53
CA TYR A 470 -24.34 -32.17 -10.94
C TYR A 470 -22.95 -31.92 -10.37
N LEU A 471 -22.47 -30.69 -10.55
CA LEU A 471 -21.14 -30.29 -10.13
C LEU A 471 -21.20 -28.98 -9.34
N ILE A 472 -20.33 -28.84 -8.36
CA ILE A 472 -20.31 -27.67 -7.50
C ILE A 472 -18.98 -26.92 -7.59
N MET A 473 -19.06 -25.61 -7.79
CA MET A 473 -17.87 -24.76 -7.89
C MET A 473 -17.78 -23.81 -6.70
N ASN A 474 -16.70 -23.93 -5.93
CA ASN A 474 -16.46 -23.05 -4.78
C ASN A 474 -15.01 -22.55 -4.75
N LYS A 475 -14.85 -21.25 -4.56
CA LYS A 475 -13.54 -20.59 -4.57
C LYS A 475 -12.79 -20.82 -5.88
N GLY A 476 -13.51 -21.17 -6.94
CA GLY A 476 -12.91 -21.38 -8.25
C GLY A 476 -12.40 -22.79 -8.49
N ARG A 477 -12.88 -23.74 -7.68
CA ARG A 477 -12.48 -25.14 -7.82
C ARG A 477 -13.67 -26.07 -7.52
N LEU A 478 -13.62 -27.29 -8.06
CA LEU A 478 -14.71 -28.24 -7.86
C LEU A 478 -14.70 -28.86 -6.46
N LEU A 479 -15.73 -28.53 -5.68
CA LEU A 479 -15.83 -29.02 -4.30
C LEU A 479 -16.47 -30.41 -4.23
N LYS A 480 -17.54 -30.61 -5.00
CA LYS A 480 -18.31 -31.84 -4.93
C LYS A 480 -19.03 -32.12 -6.25
N ALA A 481 -19.03 -33.39 -6.67
CA ALA A 481 -19.74 -33.79 -7.88
C ALA A 481 -20.51 -35.08 -7.61
N GLY A 482 -21.67 -35.21 -8.25
CA GLY A 482 -22.49 -36.41 -8.04
C GLY A 482 -23.62 -36.61 -9.03
N ARG A 483 -24.46 -37.61 -8.73
CA ARG A 483 -25.59 -37.96 -9.59
C ARG A 483 -26.92 -37.82 -8.87
N GLN A 484 -27.97 -37.52 -9.65
CA GLN A 484 -29.32 -37.41 -9.11
C GLN A 484 -30.28 -38.32 -9.87
N VAL A 485 -30.72 -39.40 -9.24
CA VAL A 485 -31.57 -40.38 -9.88
C VAL A 485 -32.97 -39.83 -10.18
N ARG A 486 -33.43 -40.04 -11.41
CA ARG A 486 -34.75 -39.57 -11.82
C ARG A 486 -35.53 -40.68 -12.53
N GLU A 487 -36.76 -40.92 -12.06
CA GLU A 487 -37.62 -41.93 -12.64
C GLU A 487 -38.46 -41.34 -13.78
N PRO A 488 -38.76 -42.16 -14.80
CA PRO A 488 -39.60 -41.73 -15.92
C PRO A 488 -40.98 -41.27 -15.47
N GLY A 489 -41.37 -40.07 -15.88
CA GLY A 489 -42.66 -39.51 -15.49
C GLY A 489 -42.51 -38.35 -14.53
N GLN A 490 -41.51 -38.43 -13.66
CA GLN A 490 -41.25 -37.37 -12.69
C GLN A 490 -40.74 -36.11 -13.37
N ASP A 491 -41.40 -34.99 -13.11
CA ASP A 491 -41.01 -33.71 -13.68
C ASP A 491 -40.05 -32.96 -12.76
N LEU A 492 -40.26 -33.14 -11.46
CA LEU A 492 -39.45 -32.45 -10.47
C LEU A 492 -38.86 -33.40 -9.45
N VAL A 493 -37.55 -33.32 -9.22
CA VAL A 493 -36.92 -34.12 -8.18
C VAL A 493 -36.11 -33.23 -7.24
N VAL A 494 -35.95 -33.68 -6.00
CA VAL A 494 -35.31 -32.87 -4.97
C VAL A 494 -33.98 -33.46 -4.50
N LEU A 495 -32.93 -32.63 -4.50
CA LEU A 495 -31.62 -33.05 -4.03
C LEU A 495 -31.32 -32.44 -2.66
N PRO A 496 -31.30 -33.29 -1.61
CA PRO A 496 -30.93 -32.86 -0.26
C PRO A 496 -29.44 -32.61 -0.14
N LEU A 497 -29.02 -31.38 -0.36
CA LEU A 497 -27.61 -31.04 -0.34
C LEU A 497 -27.16 -30.60 1.05
N SER A 498 -26.23 -31.34 1.63
CA SER A 498 -25.70 -31.02 2.96
C SER A 498 -24.68 -29.89 2.87
N ILE A 499 -24.98 -28.78 3.55
CA ILE A 499 -24.13 -27.59 3.51
C ILE A 499 -23.15 -27.54 4.68
N THR A 500 -21.86 -27.57 4.36
CA THR A 500 -20.82 -27.44 5.36
C THR A 500 -20.09 -26.11 5.21
N THR A 501 -18.93 -26.00 5.85
CA THR A 501 -18.16 -24.76 5.83
C THR A 501 -17.39 -24.58 4.53
N ASP A 502 -17.34 -25.63 3.71
CA ASP A 502 -16.58 -25.59 2.47
C ASP A 502 -17.33 -24.85 1.36
N PHE A 503 -18.53 -24.39 1.67
CA PHE A 503 -19.35 -23.67 0.69
C PHE A 503 -19.24 -22.17 0.83
N ILE A 504 -18.60 -21.73 1.91
CA ILE A 504 -18.33 -20.32 2.14
C ILE A 504 -17.36 -19.80 1.08
N PRO A 505 -17.63 -18.62 0.50
CA PRO A 505 -18.74 -17.69 0.78
C PRO A 505 -19.96 -17.96 -0.09
N SER A 506 -19.75 -18.64 -1.21
CA SER A 506 -20.81 -18.93 -2.15
C SER A 506 -20.36 -20.05 -3.09
N PHE A 507 -21.32 -20.72 -3.69
CA PHE A 507 -21.01 -21.82 -4.61
C PHE A 507 -21.97 -21.84 -5.78
N ARG A 508 -21.50 -22.35 -6.91
CA ARG A 508 -22.34 -22.52 -8.08
C ARG A 508 -22.68 -23.99 -8.29
N LEU A 509 -23.95 -24.28 -8.53
CA LEU A 509 -24.38 -25.63 -8.82
C LEU A 509 -24.79 -25.75 -10.28
N VAL A 510 -24.00 -26.49 -11.05
CA VAL A 510 -24.28 -26.70 -12.46
C VAL A 510 -24.56 -28.18 -12.74
N ALA A 511 -25.80 -28.47 -13.15
CA ALA A 511 -26.20 -29.84 -13.44
C ALA A 511 -26.64 -30.00 -14.88
N TYR A 512 -26.39 -31.18 -15.45
CA TYR A 512 -26.75 -31.43 -16.84
C TYR A 512 -27.13 -32.88 -17.10
N TYR A 513 -27.85 -33.09 -18.21
CA TYR A 513 -28.21 -34.44 -18.64
C TYR A 513 -27.96 -34.58 -20.14
N THR A 514 -27.75 -35.83 -20.58
CA THR A 514 -27.48 -36.09 -21.98
C THR A 514 -28.32 -37.27 -22.48
N LEU A 515 -28.59 -37.30 -23.79
CA LEU A 515 -29.39 -38.37 -24.37
C LEU A 515 -29.18 -38.48 -25.88
N ILE A 516 -29.91 -39.41 -26.49
CA ILE A 516 -29.92 -39.56 -27.94
C ILE A 516 -31.35 -39.43 -28.45
N GLY A 517 -31.65 -38.30 -29.09
CA GLY A 517 -33.02 -38.03 -29.51
C GLY A 517 -33.15 -37.48 -30.91
N ALA A 518 -34.39 -37.15 -31.28
CA ALA A 518 -34.70 -36.56 -32.59
C ALA A 518 -34.14 -37.40 -33.74
N SER A 519 -33.21 -36.82 -34.49
CA SER A 519 -32.61 -37.48 -35.64
C SER A 519 -31.42 -38.33 -35.24
N GLY A 520 -31.56 -39.08 -34.15
CA GLY A 520 -30.49 -39.91 -33.63
C GLY A 520 -29.31 -39.09 -33.18
N GLN A 521 -29.56 -37.83 -32.83
CA GLN A 521 -28.50 -36.91 -32.43
C GLN A 521 -28.23 -37.00 -30.93
N ARG A 522 -26.95 -36.85 -30.57
CA ARG A 522 -26.54 -36.79 -29.17
C ARG A 522 -26.74 -35.38 -28.65
N GLU A 523 -27.57 -35.25 -27.62
CA GLU A 523 -27.93 -33.94 -27.10
C GLU A 523 -27.53 -33.77 -25.63
N VAL A 524 -26.99 -32.61 -25.30
CA VAL A 524 -26.64 -32.27 -23.92
C VAL A 524 -27.39 -31.01 -23.49
N VAL A 525 -28.09 -31.10 -22.37
CA VAL A 525 -28.80 -29.95 -21.83
C VAL A 525 -28.30 -29.65 -20.42
N ALA A 526 -27.93 -28.41 -20.17
CA ALA A 526 -27.34 -28.02 -18.89
C ALA A 526 -28.04 -26.82 -18.26
N ASP A 527 -27.81 -26.63 -16.96
CA ASP A 527 -28.32 -25.46 -16.25
C ASP A 527 -27.53 -25.23 -14.96
N SER A 528 -27.27 -23.97 -14.64
CA SER A 528 -26.51 -23.63 -13.44
C SER A 528 -27.22 -22.59 -12.60
N VAL A 529 -26.90 -22.56 -11.31
CA VAL A 529 -27.48 -21.59 -10.39
C VAL A 529 -26.45 -21.15 -9.36
N TRP A 530 -26.48 -19.87 -8.98
CA TRP A 530 -25.53 -19.34 -7.99
C TRP A 530 -26.18 -19.22 -6.61
N VAL A 531 -25.53 -19.77 -5.60
CA VAL A 531 -26.04 -19.73 -4.24
C VAL A 531 -25.06 -19.05 -3.29
N ASP A 532 -25.52 -18.02 -2.60
CA ASP A 532 -24.71 -17.32 -1.61
C ASP A 532 -24.82 -18.00 -0.26
N VAL A 533 -23.75 -17.93 0.53
CA VAL A 533 -23.74 -18.49 1.87
C VAL A 533 -23.33 -17.41 2.87
N LYS A 534 -23.86 -17.49 4.09
CA LYS A 534 -23.55 -16.55 5.16
C LYS A 534 -22.05 -16.45 5.40
N ASP A 535 -21.47 -15.31 5.03
CA ASP A 535 -20.03 -15.08 5.16
C ASP A 535 -19.57 -15.18 6.61
N SER A 536 -18.53 -16.00 6.83
CA SER A 536 -17.99 -16.22 8.16
C SER A 536 -16.62 -16.88 8.09
N CYS A 537 -15.99 -17.10 9.23
CA CYS A 537 -14.73 -17.84 9.27
C CYS A 537 -15.00 -19.32 9.08
N VAL A 538 -14.01 -20.06 8.59
CA VAL A 538 -14.17 -21.49 8.41
C VAL A 538 -14.34 -22.15 9.76
N GLY A 539 -13.47 -21.79 10.70
CA GLY A 539 -13.61 -22.20 12.08
C GLY A 539 -14.21 -21.06 12.87
N SER A 540 -13.57 -20.70 13.97
CA SER A 540 -14.01 -19.58 14.78
C SER A 540 -12.88 -19.04 15.66
N LEU A 541 -12.98 -17.77 16.01
CA LEU A 541 -11.98 -17.13 16.87
C LEU A 541 -12.58 -15.95 17.61
N VAL A 542 -12.70 -16.10 18.93
CA VAL A 542 -13.30 -15.06 19.76
C VAL A 542 -12.35 -14.65 20.88
N VAL A 543 -12.23 -13.34 21.09
CA VAL A 543 -11.44 -12.80 22.19
C VAL A 543 -12.33 -12.06 23.18
N LYS A 544 -12.32 -12.53 24.43
CA LYS A 544 -13.14 -11.90 25.45
C LYS A 544 -12.39 -11.80 26.77
N SER A 545 -13.07 -11.31 27.80
CA SER A 545 -12.45 -11.14 29.11
C SER A 545 -12.24 -12.48 29.80
N GLY A 546 -11.04 -12.70 30.31
CA GLY A 546 -10.71 -13.94 30.96
C GLY A 546 -10.82 -13.87 32.48
N GLN A 547 -11.64 -12.96 32.97
CA GLN A 547 -11.82 -12.81 34.41
C GLN A 547 -13.20 -12.30 34.75
N SER A 548 -13.45 -12.08 36.04
CA SER A 548 -14.75 -11.62 36.52
C SER A 548 -14.99 -10.15 36.21
N GLU A 549 -16.13 -9.88 35.59
CA GLU A 549 -16.53 -8.54 35.18
C GLU A 549 -17.45 -7.94 36.25
N ASP A 550 -17.76 -6.64 36.23
CA ASP A 550 -17.45 -5.71 35.14
C ASP A 550 -16.72 -4.46 35.60
N ARG A 551 -15.99 -4.56 36.70
CA ARG A 551 -15.23 -3.41 37.20
C ARG A 551 -14.10 -3.07 36.23
N GLN A 552 -14.12 -1.84 35.71
CA GLN A 552 -13.15 -1.40 34.72
C GLN A 552 -11.72 -1.46 35.23
N PRO A 553 -10.79 -1.89 34.37
CA PRO A 553 -9.38 -2.01 34.72
C PRO A 553 -8.71 -0.67 35.05
N VAL A 554 -7.48 -0.74 35.53
CA VAL A 554 -6.75 0.43 36.00
C VAL A 554 -5.38 0.45 35.33
N PRO A 555 -4.82 1.64 35.06
CA PRO A 555 -3.51 1.73 34.42
C PRO A 555 -2.43 0.90 35.12
N GLY A 556 -2.03 -0.19 34.49
CA GLY A 556 -0.98 -1.06 35.01
C GLY A 556 -1.52 -2.39 35.49
N GLN A 557 -2.84 -2.44 35.67
CA GLN A 557 -3.50 -3.61 36.24
C GLN A 557 -3.34 -4.84 35.35
N GLN A 558 -3.01 -5.97 35.96
CA GLN A 558 -2.95 -7.23 35.22
C GLN A 558 -4.35 -7.65 34.82
N MET A 559 -4.44 -8.31 33.68
CA MET A 559 -5.72 -8.76 33.15
C MET A 559 -5.57 -10.14 32.53
N THR A 560 -6.67 -10.90 32.49
CA THR A 560 -6.66 -12.20 31.83
C THR A 560 -7.45 -12.14 30.53
N LEU A 561 -6.86 -12.64 29.45
CA LEU A 561 -7.52 -12.63 28.16
C LEU A 561 -7.97 -14.03 27.76
N LYS A 562 -9.26 -14.18 27.54
CA LYS A 562 -9.80 -15.46 27.11
C LYS A 562 -9.84 -15.54 25.59
N ILE A 563 -9.04 -16.43 25.02
CA ILE A 563 -9.02 -16.67 23.58
C ILE A 563 -9.60 -18.04 23.25
N GLU A 564 -10.66 -18.08 22.45
CA GLU A 564 -11.25 -19.36 22.06
C GLU A 564 -11.30 -19.54 20.54
N GLY A 565 -10.57 -20.53 20.05
CA GLY A 565 -10.49 -20.79 18.62
C GLY A 565 -10.29 -22.26 18.28
N ASP A 566 -9.83 -22.52 17.06
CA ASP A 566 -9.64 -23.88 16.57
C ASP A 566 -8.39 -24.53 17.16
N HIS A 567 -8.46 -25.84 17.36
CA HIS A 567 -7.36 -26.59 17.96
C HIS A 567 -6.12 -26.58 17.07
N GLY A 568 -4.97 -26.26 17.68
CA GLY A 568 -3.70 -26.30 16.98
C GLY A 568 -3.38 -25.03 16.23
N ALA A 569 -4.36 -24.13 16.14
CA ALA A 569 -4.20 -22.90 15.37
C ALA A 569 -3.20 -21.94 16.00
N ARG A 570 -2.40 -21.29 15.15
CA ARG A 570 -1.50 -20.24 15.61
C ARG A 570 -2.19 -18.88 15.52
N VAL A 571 -2.33 -18.23 16.68
CA VAL A 571 -3.01 -16.93 16.75
C VAL A 571 -2.02 -15.78 16.95
N VAL A 572 -2.16 -14.72 16.15
CA VAL A 572 -1.31 -13.54 16.28
C VAL A 572 -2.11 -12.33 16.76
N LEU A 573 -1.52 -11.56 17.68
CA LEU A 573 -2.26 -10.51 18.36
C LEU A 573 -1.71 -9.11 18.13
N VAL A 574 -2.51 -8.13 18.54
CA VAL A 574 -2.12 -6.72 18.52
C VAL A 574 -3.14 -5.90 19.32
N ALA A 575 -2.65 -5.01 20.17
CA ALA A 575 -3.51 -4.10 20.92
C ALA A 575 -3.25 -2.67 20.47
N VAL A 576 -4.29 -1.99 20.01
CA VAL A 576 -4.12 -0.63 19.48
C VAL A 576 -5.02 0.38 20.18
N ASP A 577 -4.47 1.56 20.46
CA ASP A 577 -5.23 2.65 21.04
C ASP A 577 -6.21 3.23 20.01
N LYS A 578 -7.45 3.48 20.43
CA LYS A 578 -8.49 3.95 19.50
C LYS A 578 -8.28 5.36 18.97
N GLY A 579 -7.40 6.12 19.62
CA GLY A 579 -7.05 7.46 19.15
C GLY A 579 -6.50 7.40 17.74
N VAL A 580 -5.67 6.38 17.51
CA VAL A 580 -5.17 6.07 16.17
C VAL A 580 -6.30 6.02 15.16
N PHE A 581 -7.35 5.28 15.51
CA PHE A 581 -8.49 5.12 14.62
C PHE A 581 -9.26 6.42 14.48
N VAL A 582 -9.20 7.28 15.50
CA VAL A 582 -9.78 8.61 15.38
C VAL A 582 -9.02 9.38 14.31
N LEU A 583 -7.72 9.11 14.20
CA LEU A 583 -6.91 9.76 13.15
C LEU A 583 -7.02 9.04 11.80
N ASN A 584 -6.91 7.71 11.81
CA ASN A 584 -7.00 6.94 10.57
C ASN A 584 -7.59 5.55 10.79
N LYS A 585 -8.67 5.26 10.05
CA LYS A 585 -9.34 3.97 10.17
C LYS A 585 -9.43 3.27 8.82
N LYS A 586 -8.38 3.37 8.02
CA LYS A 586 -8.35 2.77 6.70
C LYS A 586 -7.33 1.63 6.62
N ASN A 587 -7.50 0.77 5.61
CA ASN A 587 -6.60 -0.35 5.35
C ASN A 587 -6.54 -1.38 6.47
N LYS A 588 -7.60 -1.47 7.27
CA LYS A 588 -7.64 -2.45 8.35
C LYS A 588 -8.07 -3.82 7.82
N LEU A 589 -7.32 -4.85 8.21
CA LEU A 589 -7.61 -6.21 7.78
C LEU A 589 -8.82 -6.80 8.48
N THR A 590 -9.85 -7.14 7.71
CA THR A 590 -11.03 -7.80 8.25
C THR A 590 -11.27 -9.13 7.52
N GLN A 591 -12.27 -9.88 7.96
CA GLN A 591 -12.62 -11.13 7.30
C GLN A 591 -13.43 -10.85 6.05
N SER A 592 -14.25 -9.81 6.13
CA SER A 592 -15.09 -9.40 5.01
C SER A 592 -14.26 -9.03 3.79
N LYS A 593 -13.09 -8.44 4.02
CA LYS A 593 -12.20 -8.06 2.94
C LYS A 593 -11.53 -9.29 2.34
N ILE A 594 -11.27 -10.28 3.18
CA ILE A 594 -10.71 -11.55 2.73
C ILE A 594 -11.71 -12.20 1.79
N TRP A 595 -12.95 -12.35 2.24
CA TRP A 595 -13.98 -12.95 1.40
C TRP A 595 -14.27 -12.11 0.16
N ASP A 596 -14.04 -10.81 0.26
CA ASP A 596 -14.18 -9.92 -0.87
C ASP A 596 -13.14 -10.26 -1.95
N VAL A 597 -11.88 -10.39 -1.53
CA VAL A 597 -10.80 -10.77 -2.44
C VAL A 597 -11.07 -12.13 -3.07
N VAL A 598 -11.46 -13.09 -2.23
CA VAL A 598 -11.76 -14.44 -2.69
C VAL A 598 -12.87 -14.44 -3.74
N GLU A 599 -13.96 -13.75 -3.45
CA GLU A 599 -15.10 -13.71 -4.35
C GLU A 599 -14.78 -12.95 -5.63
N LYS A 600 -13.83 -12.02 -5.56
CA LYS A 600 -13.44 -11.26 -6.74
C LYS A 600 -12.48 -12.05 -7.62
N ALA A 601 -11.87 -13.09 -7.07
CA ALA A 601 -10.97 -13.94 -7.84
C ALA A 601 -11.70 -15.19 -8.33
N ASP A 602 -13.02 -15.09 -8.42
CA ASP A 602 -13.85 -16.19 -8.90
C ASP A 602 -13.79 -16.28 -10.42
N ILE A 603 -13.84 -17.50 -10.94
CA ILE A 603 -13.76 -17.71 -12.38
C ILE A 603 -15.14 -17.74 -13.04
N GLY A 604 -16.18 -17.90 -12.22
CA GLY A 604 -17.54 -17.78 -12.72
C GLY A 604 -17.86 -16.32 -12.93
N CYS A 605 -18.71 -16.02 -13.91
CA CYS A 605 -19.00 -14.63 -14.27
C CYS A 605 -20.49 -14.30 -14.30
N THR A 606 -21.32 -15.30 -14.02
CA THR A 606 -22.77 -15.12 -14.12
C THR A 606 -23.51 -15.73 -12.93
N PRO A 607 -24.73 -15.24 -12.67
CA PRO A 607 -25.60 -15.86 -11.67
C PRO A 607 -26.06 -17.26 -12.08
N GLY A 608 -26.26 -17.49 -13.37
CA GLY A 608 -26.69 -18.80 -13.82
C GLY A 608 -27.00 -18.93 -15.29
N SER A 609 -26.98 -20.17 -15.77
CA SER A 609 -27.29 -20.50 -17.16
C SER A 609 -26.41 -19.81 -18.18
N GLY A 610 -26.81 -19.91 -19.45
CA GLY A 610 -26.09 -19.31 -20.55
C GLY A 610 -26.94 -19.33 -21.81
N LYS A 611 -26.37 -18.84 -22.92
CA LYS A 611 -27.11 -18.78 -24.18
C LYS A 611 -27.32 -20.16 -24.78
N ASP A 612 -26.40 -21.07 -24.48
CA ASP A 612 -26.49 -22.46 -24.93
C ASP A 612 -25.94 -23.40 -23.86
N TYR A 613 -25.88 -24.69 -24.15
CA TYR A 613 -25.43 -25.67 -23.16
C TYR A 613 -23.94 -25.53 -22.88
N ALA A 614 -23.20 -24.97 -23.83
CA ALA A 614 -21.77 -24.72 -23.63
C ALA A 614 -21.57 -23.44 -22.81
N GLY A 615 -22.46 -22.47 -23.02
CA GLY A 615 -22.42 -21.22 -22.29
C GLY A 615 -22.64 -21.41 -20.81
N VAL A 616 -23.44 -22.42 -20.45
CA VAL A 616 -23.70 -22.73 -19.05
C VAL A 616 -22.42 -23.15 -18.34
N PHE A 617 -21.65 -24.02 -19.00
CA PHE A 617 -20.39 -24.50 -18.45
C PHE A 617 -19.34 -23.39 -18.44
N SER A 618 -19.23 -22.66 -19.54
CA SER A 618 -18.22 -21.61 -19.65
C SER A 618 -18.45 -20.47 -18.65
N ASP A 619 -19.69 -20.01 -18.55
CA ASP A 619 -20.02 -18.91 -17.64
C ASP A 619 -19.94 -19.30 -16.16
N ALA A 620 -20.07 -20.60 -15.89
CA ALA A 620 -19.96 -21.09 -14.52
C ALA A 620 -18.53 -21.55 -14.24
N GLY A 621 -17.61 -21.20 -15.14
CA GLY A 621 -16.21 -21.52 -14.98
C GLY A 621 -15.88 -22.99 -15.17
N LEU A 622 -16.38 -23.57 -16.26
CA LEU A 622 -16.14 -24.99 -16.53
C LEU A 622 -15.94 -25.29 -18.01
N THR A 623 -15.17 -26.33 -18.29
CA THR A 623 -14.95 -26.83 -19.64
C THR A 623 -15.44 -28.27 -19.75
N PHE A 624 -16.42 -28.47 -20.61
CA PHE A 624 -16.97 -29.79 -20.89
C PHE A 624 -16.49 -30.26 -22.26
N THR A 625 -16.13 -31.53 -22.37
CA THR A 625 -15.63 -32.08 -23.62
C THR A 625 -16.00 -33.55 -23.78
N SER A 626 -16.87 -33.84 -24.76
CA SER A 626 -17.32 -35.20 -25.01
C SER A 626 -16.56 -35.83 -26.18
N SER A 627 -16.60 -37.16 -26.25
CA SER A 627 -15.93 -37.89 -27.32
C SER A 627 -16.66 -37.74 -28.64
N SER A 628 -17.96 -37.51 -28.58
CA SER A 628 -18.78 -37.33 -29.77
C SER A 628 -18.45 -36.02 -30.48
N GLY A 629 -17.85 -35.08 -29.75
CA GLY A 629 -17.47 -33.81 -30.31
C GLY A 629 -18.08 -32.60 -29.60
N GLN A 630 -19.08 -32.86 -28.78
CA GLN A 630 -19.74 -31.80 -28.03
C GLN A 630 -18.82 -31.22 -26.96
N GLN A 631 -18.40 -29.98 -27.16
CA GLN A 631 -17.48 -29.33 -26.23
C GLN A 631 -17.72 -27.82 -26.15
N THR A 632 -17.23 -27.22 -25.07
CA THR A 632 -17.32 -25.77 -24.90
C THR A 632 -16.23 -25.08 -25.70
N ALA A 633 -16.49 -23.85 -26.13
CA ALA A 633 -15.50 -23.06 -26.82
C ALA A 633 -14.32 -22.76 -25.91
N GLN A 634 -13.17 -22.46 -26.49
CA GLN A 634 -11.98 -22.15 -25.71
C GLN A 634 -12.16 -20.84 -24.96
N ARG A 635 -11.44 -20.70 -23.85
CA ARG A 635 -11.42 -19.45 -23.11
C ARG A 635 -9.99 -18.89 -23.08
N ALA A 636 -9.83 -17.68 -23.59
CA ALA A 636 -8.50 -17.07 -23.69
C ALA A 636 -8.40 -15.83 -22.81
N GLU A 637 -9.36 -15.66 -21.91
CA GLU A 637 -9.40 -14.50 -21.02
C GLU A 637 -9.30 -14.91 -19.56
N LEU A 638 -8.20 -14.54 -18.92
CA LEU A 638 -8.02 -14.80 -17.49
C LEU A 638 -9.06 -14.06 -16.67
N GLN A 639 -9.35 -12.82 -17.07
CA GLN A 639 -10.32 -12.00 -16.35
C GLN A 639 -11.71 -12.11 -16.96
N CYS A 640 -12.73 -12.00 -16.11
CA CYS A 640 -14.10 -12.03 -16.57
C CYS A 640 -14.45 -10.77 -17.35
N PRO A 641 -15.44 -10.87 -18.26
CA PRO A 641 -15.95 -9.68 -18.94
C PRO A 641 -16.76 -8.84 -17.97
N GLN A 642 -16.65 -7.52 -18.08
CA GLN A 642 -15.79 -6.89 -19.07
C GLN A 642 -14.79 -5.95 -18.40
N PRO A 643 -13.73 -5.64 -19.13
CA PRO A 643 -12.68 -4.75 -18.62
C PRO A 643 -13.24 -3.38 -18.25
N ASP B 4 3.08 18.96 52.74
CA ASP B 4 2.25 19.48 53.81
C ASP B 4 1.56 18.38 54.59
N GLU B 5 0.44 18.72 55.22
CA GLU B 5 -0.30 17.77 56.02
C GLU B 5 -1.47 17.17 55.27
N ASP B 6 -1.67 15.87 55.45
CA ASP B 6 -2.81 15.14 54.90
C ASP B 6 -2.83 15.17 53.38
N ILE B 7 -1.69 14.89 52.77
CA ILE B 7 -1.55 14.79 51.33
C ILE B 7 -0.31 13.98 50.99
N ILE B 8 -0.32 13.29 49.86
CA ILE B 8 0.80 12.43 49.49
C ILE B 8 1.97 13.26 48.94
N ALA B 9 3.15 13.02 49.47
CA ALA B 9 4.36 13.72 49.05
C ALA B 9 4.72 13.40 47.59
N GLU B 10 5.35 14.37 46.94
CA GLU B 10 5.73 14.27 45.54
C GLU B 10 6.60 13.06 45.22
N GLU B 11 7.56 12.76 46.09
CA GLU B 11 8.51 11.68 45.84
C GLU B 11 7.88 10.30 45.96
N ASN B 12 6.71 10.25 46.60
CA ASN B 12 6.01 9.00 46.82
C ASN B 12 5.02 8.68 45.71
N ILE B 13 4.97 9.56 44.71
CA ILE B 13 4.10 9.38 43.56
C ILE B 13 4.86 8.83 42.37
N VAL B 14 4.44 7.66 41.89
CA VAL B 14 5.04 7.09 40.68
C VAL B 14 4.21 7.46 39.46
N SER B 15 4.76 8.36 38.64
CA SER B 15 4.06 8.81 37.45
C SER B 15 3.85 7.70 36.43
N ARG B 16 2.70 7.75 35.76
CA ARG B 16 2.45 6.89 34.61
C ARG B 16 3.34 7.33 33.46
N SER B 17 3.98 6.39 32.78
CA SER B 17 4.88 6.76 31.68
C SER B 17 4.72 5.88 30.43
N GLU B 18 3.98 4.77 30.53
CA GLU B 18 3.84 3.83 29.42
C GLU B 18 2.65 4.15 28.52
N PHE B 19 2.90 4.87 27.42
CA PHE B 19 1.80 5.26 26.54
C PHE B 19 2.02 4.84 25.08
N PRO B 20 2.10 3.53 24.81
CA PRO B 20 2.30 3.07 23.43
C PRO B 20 1.02 3.21 22.62
N GLU B 21 1.12 3.55 21.35
CA GLU B 21 -0.06 3.56 20.49
C GLU B 21 -0.46 2.13 20.15
N SER B 22 0.52 1.22 20.10
CA SER B 22 0.23 -0.19 19.89
C SER B 22 1.19 -1.09 20.67
N TRP B 23 0.67 -2.22 21.13
CA TRP B 23 1.48 -3.19 21.85
C TRP B 23 0.83 -4.57 21.75
N LEU B 24 1.35 -5.51 22.54
CA LEU B 24 0.85 -6.88 22.56
C LEU B 24 1.00 -7.52 21.18
N TRP B 25 2.14 -7.25 20.55
CA TRP B 25 2.47 -7.88 19.27
C TRP B 25 3.01 -9.28 19.56
N ASN B 26 2.13 -10.16 20.03
CA ASN B 26 2.56 -11.48 20.50
C ASN B 26 1.96 -12.63 19.69
N VAL B 27 2.52 -13.81 19.88
CA VAL B 27 2.07 -15.01 19.19
C VAL B 27 1.70 -16.12 20.17
N GLU B 28 0.50 -16.66 20.04
CA GLU B 28 0.05 -17.74 20.91
C GLU B 28 -0.47 -18.95 20.12
N ASP B 29 -0.21 -20.15 20.63
CA ASP B 29 -0.70 -21.37 20.01
C ASP B 29 -1.78 -22.04 20.87
N LEU B 30 -2.81 -22.57 20.22
CA LEU B 30 -3.92 -23.21 20.93
C LEU B 30 -3.70 -24.72 21.06
N LYS B 31 -3.01 -25.12 22.12
CA LYS B 31 -2.67 -26.53 22.32
C LYS B 31 -3.55 -27.20 23.38
N GLU B 32 -4.45 -26.43 23.99
CA GLU B 32 -5.33 -26.96 25.02
C GLU B 32 -6.32 -27.97 24.46
N PRO B 33 -6.68 -28.99 25.27
CA PRO B 33 -7.66 -30.01 24.89
C PRO B 33 -8.98 -29.42 24.39
N PRO B 34 -9.32 -29.67 23.13
CA PRO B 34 -10.50 -29.13 22.45
C PRO B 34 -11.82 -29.48 23.12
N LYS B 35 -12.80 -28.59 22.99
CA LYS B 35 -14.17 -28.85 23.41
C LYS B 35 -15.10 -28.51 22.26
N ASN B 36 -15.59 -29.56 21.59
CA ASN B 36 -16.36 -29.42 20.36
C ASN B 36 -15.57 -28.67 19.28
N GLY B 37 -14.25 -28.91 19.26
CA GLY B 37 -13.39 -28.31 18.27
C GLY B 37 -12.76 -27.01 18.72
N ILE B 38 -13.26 -26.45 19.82
CA ILE B 38 -12.77 -25.19 20.34
C ILE B 38 -11.73 -25.39 21.45
N SER B 39 -10.58 -24.75 21.29
CA SER B 39 -9.54 -24.76 22.32
C SER B 39 -9.42 -23.38 22.97
N THR B 40 -9.72 -23.30 24.26
CA THR B 40 -9.70 -22.02 24.98
C THR B 40 -8.35 -21.77 25.64
N LYS B 41 -7.81 -20.56 25.46
CA LYS B 41 -6.52 -20.20 26.06
C LYS B 41 -6.59 -18.94 26.90
N LEU B 42 -6.37 -19.08 28.20
CA LEU B 42 -6.34 -17.94 29.11
C LEU B 42 -4.95 -17.32 29.12
N MET B 43 -4.89 -16.03 28.80
CA MET B 43 -3.62 -15.32 28.66
C MET B 43 -3.56 -14.11 29.57
N ASN B 44 -2.56 -14.07 30.43
CA ASN B 44 -2.36 -12.95 31.35
C ASN B 44 -1.54 -11.83 30.71
N ILE B 45 -2.06 -10.62 30.77
CA ILE B 45 -1.38 -9.46 30.21
C ILE B 45 -1.36 -8.30 31.19
N PHE B 46 -0.33 -7.47 31.09
CA PHE B 46 -0.25 -6.27 31.92
C PHE B 46 -0.61 -5.04 31.11
N LEU B 47 -1.70 -4.39 31.50
CA LEU B 47 -2.17 -3.20 30.80
C LEU B 47 -1.18 -2.05 30.93
N LYS B 48 -1.21 -1.14 29.98
CA LYS B 48 -0.32 0.00 29.97
C LYS B 48 -0.92 1.14 30.78
N ASP B 49 -0.23 2.27 30.79
CA ASP B 49 -0.60 3.38 31.66
C ASP B 49 -1.63 4.30 31.02
N SER B 50 -1.92 4.08 29.75
CA SER B 50 -2.85 4.94 29.03
C SER B 50 -4.27 4.81 29.59
N ILE B 51 -5.00 5.91 29.59
CA ILE B 51 -6.39 5.91 30.04
C ILE B 51 -7.28 6.10 28.82
N THR B 52 -7.68 4.98 28.22
CA THR B 52 -8.35 4.98 26.93
C THR B 52 -9.03 3.64 26.69
N THR B 53 -9.46 3.40 25.46
CA THR B 53 -9.95 2.08 25.07
C THR B 53 -8.98 1.40 24.11
N TRP B 54 -8.63 0.15 24.42
CA TRP B 54 -7.77 -0.62 23.54
C TRP B 54 -8.61 -1.50 22.63
N GLU B 55 -8.26 -1.53 21.36
CA GLU B 55 -8.86 -2.49 20.44
C GLU B 55 -7.86 -3.62 20.21
N ILE B 56 -8.23 -4.81 20.66
CA ILE B 56 -7.38 -5.99 20.50
C ILE B 56 -7.86 -6.83 19.33
N LEU B 57 -6.98 -7.05 18.36
CA LEU B 57 -7.33 -7.81 17.16
C LEU B 57 -6.59 -9.15 17.13
N ALA B 58 -7.32 -10.20 16.77
CA ALA B 58 -6.74 -11.54 16.72
C ALA B 58 -6.92 -12.16 15.34
N VAL B 59 -5.88 -12.83 14.86
CA VAL B 59 -5.92 -13.53 13.59
C VAL B 59 -5.34 -14.93 13.74
N SER B 60 -6.12 -15.95 13.38
CA SER B 60 -5.68 -17.34 13.53
C SER B 60 -5.42 -18.00 12.18
N MET B 61 -4.47 -18.93 12.18
CA MET B 61 -4.08 -19.65 10.98
C MET B 61 -3.92 -21.14 11.28
N SER B 62 -4.89 -21.94 10.85
CA SER B 62 -4.88 -23.38 11.09
C SER B 62 -4.66 -24.14 9.80
N ASP B 63 -4.09 -25.34 9.91
CA ASP B 63 -3.83 -26.18 8.75
C ASP B 63 -5.11 -26.64 8.08
N LYS B 64 -6.12 -26.94 8.89
CA LYS B 64 -7.37 -27.49 8.39
C LYS B 64 -8.49 -26.45 8.28
N LYS B 65 -8.29 -25.29 8.91
CA LYS B 65 -9.32 -24.26 8.97
C LYS B 65 -8.96 -23.00 8.20
N GLY B 66 -7.67 -22.80 7.93
CA GLY B 66 -7.24 -21.64 7.17
C GLY B 66 -7.09 -20.38 8.01
N ILE B 67 -7.38 -19.23 7.41
CA ILE B 67 -7.21 -17.95 8.06
C ILE B 67 -8.53 -17.41 8.63
N CYS B 68 -8.47 -16.80 9.80
CA CYS B 68 -9.65 -16.21 10.42
C CYS B 68 -9.33 -14.91 11.16
N VAL B 69 -10.02 -13.83 10.82
CA VAL B 69 -9.86 -12.55 11.50
C VAL B 69 -10.99 -12.30 12.49
N ALA B 70 -10.65 -12.35 13.77
CA ALA B 70 -11.64 -12.22 14.84
C ALA B 70 -12.23 -10.82 14.91
N ASP B 71 -13.37 -10.70 15.58
CA ASP B 71 -13.96 -9.40 15.86
C ASP B 71 -13.08 -8.65 16.85
N PRO B 72 -13.00 -7.32 16.74
CA PRO B 72 -12.17 -6.53 17.66
C PRO B 72 -12.70 -6.62 19.08
N PHE B 73 -11.81 -6.80 20.05
CA PHE B 73 -12.22 -6.83 21.44
C PHE B 73 -11.77 -5.58 22.15
N GLU B 74 -12.73 -4.79 22.63
CA GLU B 74 -12.43 -3.50 23.27
C GLU B 74 -12.27 -3.59 24.77
N VAL B 75 -11.24 -2.93 25.30
CA VAL B 75 -10.97 -2.90 26.74
C VAL B 75 -10.69 -1.47 27.20
N THR B 76 -11.64 -0.87 27.91
CA THR B 76 -11.45 0.50 28.39
C THR B 76 -10.73 0.51 29.73
N VAL B 77 -9.79 1.44 29.89
CA VAL B 77 -9.04 1.58 31.14
C VAL B 77 -9.26 2.98 31.70
N MET B 78 -9.57 3.08 32.99
CA MET B 78 -9.87 4.39 33.57
C MET B 78 -9.59 4.53 35.07
N GLN B 79 -9.68 5.78 35.54
CA GLN B 79 -9.56 6.14 36.95
C GLN B 79 -10.60 7.20 37.30
N ASP B 80 -10.89 7.36 38.59
CA ASP B 80 -11.79 8.41 39.04
C ASP B 80 -11.18 9.79 38.81
N PHE B 81 -9.88 9.89 39.05
CA PHE B 81 -9.18 11.15 38.99
C PHE B 81 -7.86 10.99 38.24
N PHE B 82 -7.61 11.83 37.24
CA PHE B 82 -6.36 11.67 36.51
C PHE B 82 -5.91 12.93 35.78
N ILE B 83 -4.66 12.90 35.34
CA ILE B 83 -4.07 14.00 34.60
C ILE B 83 -3.94 13.67 33.12
N ASP B 84 -4.45 14.57 32.28
CA ASP B 84 -4.26 14.51 30.84
C ASP B 84 -3.24 15.57 30.47
N LEU B 85 -1.98 15.17 30.28
CA LEU B 85 -0.93 16.13 29.93
C LEU B 85 -0.86 16.31 28.42
N ARG B 86 -1.43 17.42 27.93
CA ARG B 86 -1.54 17.60 26.49
C ARG B 86 -0.28 18.23 25.89
N LEU B 87 0.60 17.37 25.36
CA LEU B 87 1.87 17.80 24.79
C LEU B 87 1.86 17.82 23.26
N PRO B 88 2.48 18.84 22.66
CA PRO B 88 2.61 18.95 21.20
C PRO B 88 3.59 17.91 20.63
N TYR B 89 3.52 17.67 19.32
CA TYR B 89 4.43 16.71 18.68
C TYR B 89 5.87 17.16 18.85
N SER B 90 6.11 18.45 18.63
CA SER B 90 7.45 19.03 18.80
C SER B 90 7.37 20.47 19.24
N VAL B 91 8.49 21.00 19.73
CA VAL B 91 8.58 22.41 20.09
C VAL B 91 9.94 22.93 19.66
N VAL B 92 10.02 24.22 19.36
CA VAL B 92 11.27 24.81 18.90
C VAL B 92 12.14 25.21 20.09
N ARG B 93 13.43 24.88 19.99
CA ARG B 93 14.40 25.28 21.00
C ARG B 93 14.36 26.78 21.26
N ASN B 94 14.42 27.14 22.55
CA ASN B 94 14.47 28.53 23.01
C ASN B 94 13.19 29.34 22.76
N GLU B 95 12.11 28.68 22.40
CA GLU B 95 10.84 29.38 22.22
C GLU B 95 9.90 29.09 23.39
N GLN B 96 9.42 30.15 24.02
CA GLN B 96 8.51 30.02 25.14
C GLN B 96 7.16 29.51 24.70
N VAL B 97 6.75 28.39 25.28
CA VAL B 97 5.46 27.79 24.95
C VAL B 97 4.64 27.56 26.21
N GLU B 98 3.32 27.51 26.03
CA GLU B 98 2.44 27.13 27.12
C GLU B 98 1.86 25.75 26.86
N ILE B 99 1.98 24.87 27.84
CA ILE B 99 1.34 23.57 27.78
C ILE B 99 0.20 23.52 28.79
N ARG B 100 -0.69 22.56 28.63
CA ARG B 100 -1.82 22.41 29.55
C ARG B 100 -1.87 21.01 30.15
N ALA B 101 -1.98 20.99 31.48
CA ALA B 101 -2.26 19.77 32.21
C ALA B 101 -3.72 19.81 32.65
N VAL B 102 -4.53 18.92 32.08
CA VAL B 102 -5.95 18.92 32.41
C VAL B 102 -6.29 17.88 33.46
N LEU B 103 -6.75 18.35 34.60
CA LEU B 103 -7.09 17.48 35.72
C LEU B 103 -8.55 17.08 35.69
N TYR B 104 -8.80 15.77 35.65
CA TYR B 104 -10.15 15.23 35.56
C TYR B 104 -10.60 14.58 36.85
N ASN B 105 -11.81 14.95 37.28
CA ASN B 105 -12.47 14.38 38.44
C ASN B 105 -13.82 13.79 38.02
N TYR B 106 -13.88 12.47 37.96
CA TYR B 106 -15.07 11.76 37.50
C TYR B 106 -15.82 11.10 38.63
N ARG B 107 -15.70 11.66 39.82
CA ARG B 107 -16.51 11.22 40.94
C ARG B 107 -17.87 11.89 40.86
N GLN B 108 -18.91 11.17 41.26
CA GLN B 108 -20.28 11.61 41.04
C GLN B 108 -20.64 12.88 41.81
N ASN B 109 -20.49 12.85 43.13
CA ASN B 109 -20.79 14.01 43.94
C ASN B 109 -19.75 14.26 45.02
N GLN B 110 -18.52 14.49 44.59
CA GLN B 110 -17.42 14.77 45.51
C GLN B 110 -16.39 15.73 44.91
N GLU B 111 -16.30 16.93 45.48
CA GLU B 111 -15.31 17.89 45.03
C GLU B 111 -13.95 17.49 45.59
N LEU B 112 -12.89 17.94 44.93
CA LEU B 112 -11.53 17.58 45.33
C LEU B 112 -10.65 18.80 45.49
N LYS B 113 -10.04 18.93 46.66
CA LYS B 113 -8.99 19.92 46.87
C LYS B 113 -7.67 19.27 46.46
N VAL B 114 -7.10 19.76 45.35
CA VAL B 114 -5.95 19.12 44.74
C VAL B 114 -4.75 20.06 44.72
N ARG B 115 -3.57 19.52 44.98
CA ARG B 115 -2.33 20.25 44.74
C ARG B 115 -1.63 19.63 43.54
N VAL B 116 -1.32 20.47 42.56
CA VAL B 116 -0.67 20.02 41.33
C VAL B 116 0.69 20.70 41.19
N GLU B 117 1.69 19.93 40.79
CA GLU B 117 3.06 20.41 40.67
C GLU B 117 3.70 20.09 39.32
N LEU B 118 4.47 21.03 38.79
CA LEU B 118 5.29 20.78 37.60
C LEU B 118 6.74 20.54 38.01
N LEU B 119 7.22 19.32 37.81
CA LEU B 119 8.58 18.96 38.20
C LEU B 119 9.64 19.80 37.46
N HIS B 120 10.72 20.08 38.17
CA HIS B 120 11.83 20.82 37.58
C HIS B 120 12.62 19.95 36.61
N ASN B 121 13.06 20.56 35.50
CA ASN B 121 13.92 19.89 34.55
C ASN B 121 14.96 20.88 34.03
N PRO B 122 16.25 20.58 34.24
CA PRO B 122 17.35 21.44 33.79
C PRO B 122 17.29 21.73 32.30
N ALA B 123 16.70 20.81 31.54
CA ALA B 123 16.59 20.96 30.09
C ALA B 123 15.50 21.96 29.70
N PHE B 124 14.68 22.33 30.68
CA PHE B 124 13.64 23.33 30.45
C PHE B 124 13.82 24.54 31.36
N CYS B 125 13.21 25.66 30.97
CA CYS B 125 13.19 26.84 31.81
C CYS B 125 11.76 27.15 32.23
N SER B 126 11.52 27.12 33.54
CA SER B 126 10.21 27.45 34.10
C SER B 126 10.37 28.01 35.51
N LEU B 127 9.24 28.31 36.14
CA LEU B 127 9.24 28.82 37.50
C LEU B 127 9.69 27.74 38.47
N ALA B 128 9.59 26.48 38.05
CA ALA B 128 10.08 25.37 38.84
C ALA B 128 11.60 25.34 38.83
N THR B 129 12.20 25.48 40.00
CA THR B 129 13.65 25.43 40.14
C THR B 129 14.05 24.26 41.02
N THR B 130 15.35 24.12 41.26
CA THR B 130 15.86 23.07 42.12
C THR B 130 15.57 23.37 43.58
N LYS B 131 15.41 24.65 43.90
CA LYS B 131 15.17 25.08 45.27
C LYS B 131 13.69 25.17 45.62
N ARG B 132 12.91 25.80 44.74
CA ARG B 132 11.48 25.97 44.99
C ARG B 132 10.65 25.18 44.00
N ARG B 133 9.45 24.79 44.40
CA ARG B 133 8.56 23.99 43.56
C ARG B 133 7.50 24.85 42.89
N HIS B 134 6.95 24.36 41.79
CA HIS B 134 5.84 25.03 41.13
C HIS B 134 4.56 24.26 41.39
N GLN B 135 3.92 24.61 42.50
CA GLN B 135 2.68 23.99 42.96
C GLN B 135 1.50 24.94 42.84
N GLN B 136 0.30 24.39 42.83
CA GLN B 136 -0.91 25.18 42.89
C GLN B 136 -2.04 24.34 43.47
N THR B 137 -2.81 24.93 44.37
CA THR B 137 -3.92 24.21 44.98
C THR B 137 -5.24 24.67 44.38
N VAL B 138 -5.84 23.81 43.59
CA VAL B 138 -7.11 24.10 42.94
C VAL B 138 -8.22 23.22 43.48
N THR B 139 -9.47 23.58 43.17
CA THR B 139 -10.63 22.78 43.56
C THR B 139 -11.38 22.28 42.34
N ILE B 140 -11.46 20.96 42.20
CA ILE B 140 -12.19 20.39 41.08
C ILE B 140 -13.55 19.87 41.53
N PRO B 141 -14.62 20.50 41.02
CA PRO B 141 -15.99 20.09 41.33
C PRO B 141 -16.29 18.67 40.86
N PRO B 142 -17.34 18.04 41.39
CA PRO B 142 -17.72 16.70 40.95
C PRO B 142 -18.06 16.65 39.47
N LYS B 143 -17.83 15.50 38.83
CA LYS B 143 -18.17 15.32 37.42
C LYS B 143 -17.62 16.45 36.57
N SER B 144 -16.35 16.82 36.80
CA SER B 144 -15.80 18.00 36.16
C SER B 144 -14.32 17.89 35.90
N SER B 145 -13.76 18.97 35.35
CA SER B 145 -12.36 19.02 34.99
C SER B 145 -11.85 20.46 35.15
N LEU B 146 -10.54 20.59 35.25
CA LEU B 146 -9.91 21.88 35.47
C LEU B 146 -8.63 21.93 34.65
N SER B 147 -8.31 23.08 34.10
CA SER B 147 -7.14 23.17 33.22
C SER B 147 -6.02 24.00 33.86
N VAL B 148 -4.83 23.42 33.93
CA VAL B 148 -3.69 24.07 34.58
C VAL B 148 -2.56 24.33 33.57
N PRO B 149 -2.35 25.61 33.24
CA PRO B 149 -1.35 26.07 32.26
C PRO B 149 0.06 26.19 32.85
N TYR B 150 1.04 25.65 32.14
CA TYR B 150 2.44 25.80 32.52
C TYR B 150 3.23 26.43 31.40
N VAL B 151 4.00 27.45 31.72
CA VAL B 151 4.80 28.17 30.74
C VAL B 151 6.27 27.77 30.80
N ILE B 152 6.76 27.12 29.74
CA ILE B 152 8.13 26.62 29.74
C ILE B 152 8.93 27.05 28.51
N VAL B 153 10.25 26.89 28.60
CA VAL B 153 11.16 27.23 27.50
C VAL B 153 12.20 26.12 27.29
N PRO B 154 12.06 25.35 26.21
CA PRO B 154 12.99 24.25 25.93
C PRO B 154 14.42 24.74 25.68
N LEU B 155 15.39 24.18 26.40
CA LEU B 155 16.76 24.69 26.34
C LEU B 155 17.66 23.89 25.41
N LYS B 156 17.56 22.56 25.46
CA LYS B 156 18.36 21.72 24.59
C LYS B 156 17.50 20.81 23.72
N THR B 157 17.94 20.59 22.49
CA THR B 157 17.19 19.83 21.51
C THR B 157 17.19 18.34 21.80
N GLY B 158 16.34 17.62 21.08
CA GLY B 158 16.24 16.18 21.24
C GLY B 158 15.02 15.78 22.02
N LEU B 159 14.90 14.49 22.30
CA LEU B 159 13.76 13.97 23.03
C LEU B 159 13.84 14.37 24.51
N GLN B 160 13.13 15.43 24.87
CA GLN B 160 13.14 15.91 26.25
C GLN B 160 11.87 15.50 26.98
N GLU B 161 11.87 15.67 28.30
CA GLU B 161 10.83 15.09 29.15
C GLU B 161 10.09 16.13 29.99
N VAL B 162 8.78 15.96 30.08
CA VAL B 162 7.92 16.78 30.92
C VAL B 162 7.16 15.91 31.91
N GLU B 163 7.17 16.29 33.19
CA GLU B 163 6.49 15.49 34.21
C GLU B 163 5.66 16.36 35.16
N VAL B 164 4.38 16.03 35.26
CA VAL B 164 3.45 16.76 36.13
C VAL B 164 2.79 15.79 37.10
N LYS B 165 2.77 16.15 38.38
CA LYS B 165 2.16 15.29 39.40
C LYS B 165 1.03 16.02 40.14
N ALA B 166 0.15 15.26 40.79
CA ALA B 166 -0.95 15.85 41.53
C ALA B 166 -1.41 14.93 42.65
N ALA B 167 -1.80 15.53 43.77
CA ALA B 167 -2.32 14.76 44.89
C ALA B 167 -3.45 15.50 45.56
N VAL B 168 -4.45 14.79 46.03
CA VAL B 168 -5.59 15.43 46.69
C VAL B 168 -5.39 15.45 48.20
N TYR B 169 -5.97 16.44 48.85
CA TYR B 169 -5.92 16.55 50.31
C TYR B 169 -6.95 15.65 50.96
N HIS B 170 -6.59 15.11 52.12
CA HIS B 170 -7.50 14.36 52.99
C HIS B 170 -7.98 13.04 52.37
N HIS B 171 -7.31 12.61 51.30
CA HIS B 171 -7.62 11.34 50.66
C HIS B 171 -6.34 10.72 50.09
N PHE B 172 -6.34 9.40 49.92
CA PHE B 172 -5.20 8.71 49.33
C PHE B 172 -5.40 8.56 47.82
N ILE B 173 -5.36 9.68 47.12
CA ILE B 173 -5.64 9.70 45.68
C ILE B 173 -4.64 10.61 44.97
N SER B 174 -3.77 10.02 44.17
CA SER B 174 -2.75 10.80 43.47
C SER B 174 -2.58 10.33 42.04
N ASP B 175 -1.95 11.15 41.20
CA ASP B 175 -1.64 10.73 39.84
C ASP B 175 -0.45 11.49 39.28
N GLY B 176 0.30 10.84 38.40
CA GLY B 176 1.44 11.46 37.77
C GLY B 176 1.53 11.11 36.29
N VAL B 177 1.94 12.09 35.49
CA VAL B 177 2.17 11.85 34.07
C VAL B 177 3.56 12.31 33.66
N ARG B 178 4.29 11.42 33.01
CA ARG B 178 5.63 11.72 32.51
C ARG B 178 5.71 11.40 31.02
N LYS B 179 5.70 12.42 30.18
CA LYS B 179 5.73 12.24 28.73
C LYS B 179 6.94 12.90 28.08
N SER B 180 7.27 12.49 26.85
CA SER B 180 8.39 13.07 26.12
C SER B 180 7.92 13.88 24.92
N LEU B 181 8.67 14.91 24.57
CA LEU B 181 8.43 15.67 23.34
C LEU B 181 9.74 15.93 22.62
N LYS B 182 9.63 16.25 21.33
CA LYS B 182 10.81 16.50 20.52
C LYS B 182 11.16 17.97 20.51
N VAL B 183 12.40 18.30 20.86
CA VAL B 183 12.85 19.69 20.78
C VAL B 183 13.69 19.88 19.52
N VAL B 184 13.32 20.88 18.73
CA VAL B 184 13.80 21.04 17.38
C VAL B 184 14.52 22.39 17.20
N PRO B 185 15.65 22.39 16.47
CA PRO B 185 16.44 23.58 16.15
C PRO B 185 15.61 24.77 15.66
N GLU B 186 16.12 25.98 15.87
CA GLU B 186 15.41 27.21 15.51
C GLU B 186 15.05 27.30 14.03
N GLY B 187 15.97 26.85 13.18
CA GLY B 187 15.82 27.01 11.74
C GLY B 187 14.69 26.20 11.12
N ILE B 188 14.59 26.29 9.80
CA ILE B 188 13.54 25.59 9.06
C ILE B 188 14.12 24.45 8.23
N ARG B 189 13.42 23.32 8.21
CA ARG B 189 13.82 22.15 7.43
C ARG B 189 14.06 22.51 5.97
N MET B 190 15.27 22.25 5.49
CA MET B 190 15.63 22.58 4.12
C MET B 190 16.45 21.46 3.50
N ASN B 191 16.35 21.29 2.19
CA ASN B 191 17.29 20.41 1.51
C ASN B 191 17.78 21.03 0.20
N LYS B 192 19.05 20.82 -0.08
CA LYS B 192 19.66 21.31 -1.30
C LYS B 192 20.01 20.15 -2.22
N THR B 193 19.65 20.29 -3.50
CA THR B 193 20.00 19.29 -4.48
C THR B 193 21.45 19.50 -4.87
N VAL B 194 22.34 18.78 -4.19
CA VAL B 194 23.78 18.96 -4.39
C VAL B 194 24.22 18.53 -5.78
N ALA B 195 23.77 17.36 -6.22
CA ALA B 195 24.16 16.88 -7.56
C ALA B 195 23.12 16.00 -8.23
N VAL B 196 23.05 16.10 -9.55
CA VAL B 196 22.24 15.20 -10.37
C VAL B 196 23.08 14.76 -11.57
N ARG B 197 23.55 13.52 -11.56
CA ARG B 197 24.43 13.02 -12.61
C ARG B 197 23.86 11.81 -13.33
N THR B 198 24.08 11.75 -14.64
CA THR B 198 23.67 10.61 -15.44
C THR B 198 24.82 9.60 -15.50
N LEU B 199 24.53 8.34 -15.14
CA LEU B 199 25.53 7.29 -15.16
C LEU B 199 25.45 6.48 -16.46
N ASP B 200 26.55 6.47 -17.20
CA ASP B 200 26.63 5.71 -18.44
C ASP B 200 28.08 5.45 -18.83
N PRO B 201 28.69 4.43 -18.22
CA PRO B 201 30.12 4.11 -18.39
C PRO B 201 30.50 3.80 -19.83
N GLU B 202 29.65 3.04 -20.52
CA GLU B 202 29.93 2.64 -21.90
C GLU B 202 29.81 3.80 -22.87
N ARG B 203 29.20 4.89 -22.41
CA ARG B 203 28.89 6.03 -23.26
C ARG B 203 29.61 7.30 -22.84
N LEU B 204 29.66 7.55 -21.53
CA LEU B 204 30.24 8.78 -21.02
C LEU B 204 31.57 8.53 -20.30
N GLY B 205 31.93 7.26 -20.16
CA GLY B 205 33.13 6.89 -19.43
C GLY B 205 34.32 6.60 -20.32
N ARG B 206 35.52 6.76 -19.76
CA ARG B 206 36.75 6.48 -20.47
C ARG B 206 37.28 5.10 -20.08
N GLU B 207 37.66 4.32 -21.08
CA GLU B 207 38.15 2.95 -20.89
C GLU B 207 37.18 2.08 -20.10
N GLY B 208 35.90 2.43 -20.14
CA GLY B 208 34.88 1.63 -19.48
C GLY B 208 34.54 2.07 -18.07
N VAL B 209 35.27 3.06 -17.55
CA VAL B 209 35.00 3.55 -16.20
C VAL B 209 34.65 5.04 -16.20
N GLN B 210 33.71 5.42 -15.35
CA GLN B 210 33.25 6.80 -15.27
C GLN B 210 33.37 7.33 -13.85
N LYS B 211 34.13 8.42 -13.69
CA LYS B 211 34.34 9.01 -12.37
C LYS B 211 33.70 10.37 -12.23
N GLU B 212 32.71 10.47 -11.34
CA GLU B 212 32.05 11.73 -11.02
C GLU B 212 32.50 12.24 -9.66
N ASP B 213 32.93 13.50 -9.63
CA ASP B 213 33.36 14.13 -8.39
C ASP B 213 32.26 15.03 -7.83
N ILE B 214 31.83 14.73 -6.62
CA ILE B 214 30.72 15.44 -5.98
C ILE B 214 31.22 16.42 -4.92
N PRO B 215 30.84 17.69 -5.07
CA PRO B 215 31.21 18.79 -4.18
C PRO B 215 30.43 18.77 -2.88
N PRO B 216 31.04 19.26 -1.79
CA PRO B 216 30.32 19.42 -0.53
C PRO B 216 29.24 20.51 -0.65
N ALA B 217 28.16 20.37 0.10
CA ALA B 217 27.05 21.32 0.02
C ALA B 217 27.46 22.71 0.52
N ASP B 218 26.73 23.73 0.09
CA ASP B 218 27.03 25.12 0.44
C ASP B 218 26.99 25.33 1.95
N LEU B 219 25.82 25.17 2.54
CA LEU B 219 25.63 25.25 4.00
C LEU B 219 26.15 26.56 4.60
N SER B 220 25.84 27.67 3.95
CA SER B 220 26.26 28.98 4.43
C SER B 220 25.25 29.53 5.44
N ASP B 221 23.98 29.23 5.22
CA ASP B 221 22.91 29.69 6.10
C ASP B 221 22.54 28.62 7.12
N GLN B 222 23.45 27.70 7.38
CA GLN B 222 23.20 26.61 8.31
C GLN B 222 23.13 27.11 9.75
N VAL B 223 22.08 26.69 10.46
CA VAL B 223 21.91 27.03 11.87
C VAL B 223 23.03 26.43 12.71
N PRO B 224 23.73 27.28 13.48
CA PRO B 224 24.85 26.87 14.34
C PRO B 224 24.52 25.67 15.23
N ASP B 225 25.49 24.76 15.37
CA ASP B 225 25.37 23.59 16.22
C ASP B 225 24.19 22.70 15.83
N THR B 226 24.05 22.45 14.54
CA THR B 226 23.04 21.53 14.03
C THR B 226 23.71 20.54 13.07
N GLU B 227 23.23 19.30 13.07
CA GLU B 227 23.80 18.28 12.19
C GLU B 227 23.02 18.20 10.89
N SER B 228 23.66 17.62 9.88
CA SER B 228 23.04 17.49 8.57
C SER B 228 23.15 16.06 8.08
N GLU B 229 22.32 15.70 7.11
CA GLU B 229 22.40 14.37 6.53
C GLU B 229 22.39 14.43 5.01
N THR B 230 23.45 13.94 4.39
CA THR B 230 23.54 13.90 2.94
C THR B 230 23.14 12.53 2.41
N ARG B 231 22.15 12.53 1.52
CA ARG B 231 21.68 11.29 0.88
C ARG B 231 22.28 11.10 -0.50
N ILE B 232 22.90 9.94 -0.70
CA ILE B 232 23.39 9.53 -2.01
C ILE B 232 22.41 8.51 -2.58
N LEU B 233 21.68 8.91 -3.61
CA LEU B 233 20.60 8.10 -4.15
C LEU B 233 20.92 7.56 -5.54
N LEU B 234 21.20 6.26 -5.60
CA LEU B 234 21.46 5.58 -6.86
C LEU B 234 20.22 4.86 -7.34
N GLN B 235 19.92 5.00 -8.63
CA GLN B 235 18.81 4.26 -9.22
C GLN B 235 19.18 3.81 -10.63
N GLY B 236 18.55 2.75 -11.11
CA GLY B 236 18.82 2.24 -12.44
C GLY B 236 17.82 2.75 -13.45
N THR B 237 18.26 2.94 -14.69
CA THR B 237 17.38 3.39 -15.75
C THR B 237 17.06 2.23 -16.70
N PRO B 238 15.90 1.61 -16.52
CA PRO B 238 15.50 0.48 -17.36
C PRO B 238 14.97 0.94 -18.71
N VAL B 239 15.47 0.32 -19.79
CA VAL B 239 15.01 0.67 -21.12
C VAL B 239 14.54 -0.56 -21.88
N ALA B 240 13.25 -0.60 -22.17
CA ALA B 240 12.68 -1.68 -22.98
C ALA B 240 13.26 -1.58 -24.39
N GLN B 241 13.76 -2.70 -24.90
CA GLN B 241 14.30 -2.72 -26.25
C GLN B 241 13.26 -3.26 -27.24
N MET B 242 13.04 -2.48 -28.30
CA MET B 242 11.90 -2.66 -29.19
C MET B 242 11.96 -3.91 -30.05
N THR B 243 10.79 -4.43 -30.38
CA THR B 243 10.67 -5.59 -31.24
C THR B 243 9.59 -5.37 -32.27
N GLU B 244 9.91 -5.64 -33.54
CA GLU B 244 8.95 -5.52 -34.61
C GLU B 244 7.79 -6.48 -34.42
N ASP B 245 6.58 -6.01 -34.70
CA ASP B 245 5.38 -6.83 -34.57
C ASP B 245 5.45 -8.04 -35.52
N ALA B 246 5.29 -9.22 -34.96
CA ALA B 246 5.26 -10.44 -35.75
C ALA B 246 4.06 -10.41 -36.70
N VAL B 247 4.18 -11.10 -37.83
CA VAL B 247 3.12 -11.14 -38.82
C VAL B 247 1.85 -11.77 -38.23
N ASP B 248 0.71 -11.13 -38.49
CA ASP B 248 -0.58 -11.56 -37.93
C ASP B 248 -0.90 -13.01 -38.29
N ALA B 249 -1.47 -13.74 -37.32
CA ALA B 249 -1.74 -15.17 -37.48
C ALA B 249 -2.78 -15.46 -38.56
N GLU B 250 -3.72 -14.54 -38.74
CA GLU B 250 -4.78 -14.71 -39.73
C GLU B 250 -4.18 -14.76 -41.14
N ARG B 251 -3.13 -13.97 -41.35
CA ARG B 251 -2.43 -13.92 -42.63
C ARG B 251 -1.71 -15.22 -42.97
N LEU B 252 -1.87 -16.24 -42.12
CA LEU B 252 -1.26 -17.54 -42.33
C LEU B 252 -2.31 -18.61 -42.55
N LYS B 253 -3.57 -18.21 -42.53
CA LYS B 253 -4.68 -19.16 -42.70
C LYS B 253 -4.55 -20.00 -43.97
N HIS B 254 -3.91 -19.43 -44.98
CA HIS B 254 -3.80 -20.09 -46.28
C HIS B 254 -2.63 -21.07 -46.37
N LEU B 255 -1.75 -21.04 -45.38
CA LEU B 255 -0.58 -21.91 -45.40
C LEU B 255 -0.90 -23.33 -44.96
N ILE B 256 -2.12 -23.53 -44.45
CA ILE B 256 -2.58 -24.87 -44.06
C ILE B 256 -3.11 -25.61 -45.28
N VAL B 257 -2.24 -26.40 -45.91
CA VAL B 257 -2.57 -27.07 -47.17
C VAL B 257 -2.43 -28.59 -47.04
N THR B 258 -3.34 -29.33 -47.66
CA THR B 258 -3.26 -30.78 -47.71
C THR B 258 -2.22 -31.23 -48.74
N PRO B 259 -1.20 -31.98 -48.28
CA PRO B 259 -0.13 -32.42 -49.17
C PRO B 259 -0.59 -33.50 -50.13
N SER B 260 -0.15 -33.41 -51.38
CA SER B 260 -0.45 -34.44 -52.37
C SER B 260 0.54 -34.34 -53.52
N GLY B 261 0.54 -35.35 -54.40
CA GLY B 261 1.46 -35.39 -55.51
C GLY B 261 2.58 -36.39 -55.28
N CYS B 262 3.67 -36.24 -56.04
CA CYS B 262 4.78 -37.17 -55.95
C CYS B 262 5.96 -36.59 -55.17
N GLY B 263 7.14 -37.13 -55.43
CA GLY B 263 8.34 -36.83 -54.66
C GLY B 263 8.68 -35.37 -54.44
N GLU B 264 8.27 -34.52 -55.38
CA GLU B 264 8.57 -33.10 -55.27
C GLU B 264 7.36 -32.29 -54.83
N GLU B 265 6.19 -32.59 -55.40
CA GLU B 265 4.97 -31.86 -55.07
C GLU B 265 4.56 -32.06 -53.62
N ASN B 266 4.86 -33.23 -53.07
CA ASN B 266 4.53 -33.54 -51.69
C ASN B 266 5.23 -32.58 -50.73
N MET B 267 6.51 -32.32 -50.99
CA MET B 267 7.27 -31.39 -50.19
C MET B 267 6.79 -29.96 -50.44
N ILE B 268 6.29 -29.72 -51.65
CA ILE B 268 5.75 -28.41 -51.99
C ILE B 268 4.51 -28.13 -51.14
N GLY B 269 3.73 -29.17 -50.88
CA GLY B 269 2.54 -29.03 -50.06
C GLY B 269 2.84 -29.12 -48.57
N MET B 270 3.98 -29.71 -48.24
CA MET B 270 4.37 -29.92 -46.85
C MET B 270 5.06 -28.68 -46.28
N THR B 271 5.76 -27.95 -47.14
CA THR B 271 6.51 -26.77 -46.72
C THR B 271 5.67 -25.68 -46.02
N PRO B 272 4.57 -25.22 -46.65
CA PRO B 272 3.85 -24.10 -46.03
C PRO B 272 3.27 -24.47 -44.68
N THR B 273 2.78 -25.69 -44.54
CA THR B 273 2.15 -26.16 -43.30
C THR B 273 3.18 -26.25 -42.17
N VAL B 274 4.28 -26.92 -42.45
CA VAL B 274 5.38 -27.06 -41.49
C VAL B 274 5.90 -25.70 -41.05
N ILE B 275 6.15 -24.81 -42.00
CA ILE B 275 6.72 -23.51 -41.64
C ILE B 275 5.69 -22.67 -40.90
N ALA B 276 4.40 -22.86 -41.22
CA ALA B 276 3.32 -22.14 -40.54
C ALA B 276 3.24 -22.57 -39.07
N VAL B 277 3.22 -23.87 -38.83
CA VAL B 277 3.19 -24.38 -37.47
C VAL B 277 4.45 -23.94 -36.71
N HIS B 278 5.60 -24.01 -37.38
CA HIS B 278 6.86 -23.59 -36.78
C HIS B 278 6.84 -22.12 -36.37
N TYR B 279 6.17 -21.29 -37.15
CA TYR B 279 6.11 -19.86 -36.86
C TYR B 279 5.12 -19.56 -35.73
N LEU B 280 3.92 -20.14 -35.85
CA LEU B 280 2.87 -19.92 -34.86
C LEU B 280 3.25 -20.47 -33.49
N ASP B 281 4.07 -21.51 -33.46
CA ASP B 281 4.53 -22.07 -32.19
C ASP B 281 5.46 -21.11 -31.46
N GLU B 282 6.38 -20.50 -32.21
CA GLU B 282 7.35 -19.60 -31.61
C GLU B 282 6.71 -18.27 -31.22
N THR B 283 5.96 -17.68 -32.13
CA THR B 283 5.33 -16.39 -31.84
C THR B 283 4.14 -16.54 -30.91
N GLU B 284 3.72 -17.78 -30.67
CA GLU B 284 2.60 -18.11 -29.79
C GLU B 284 1.32 -17.36 -30.18
N GLN B 285 0.82 -17.65 -31.38
CA GLN B 285 -0.37 -16.98 -31.88
C GLN B 285 -1.52 -17.94 -32.14
N TRP B 286 -1.47 -19.12 -31.50
CA TRP B 286 -2.54 -20.10 -31.64
C TRP B 286 -3.81 -19.65 -30.95
N GLU B 287 -3.71 -18.59 -30.15
CA GLU B 287 -4.85 -18.02 -29.45
C GLU B 287 -5.83 -17.37 -30.41
N LYS B 288 -5.32 -16.50 -31.28
CA LYS B 288 -6.16 -15.83 -32.27
C LYS B 288 -6.47 -16.75 -33.44
N PHE B 289 -5.52 -17.64 -33.76
CA PHE B 289 -5.69 -18.58 -34.85
C PHE B 289 -6.74 -19.63 -34.50
N GLY B 290 -6.66 -20.17 -33.29
CA GLY B 290 -7.54 -21.22 -32.84
C GLY B 290 -6.75 -22.42 -32.36
N LEU B 291 -6.73 -22.63 -31.04
CA LEU B 291 -5.93 -23.68 -30.42
C LEU B 291 -6.21 -25.06 -30.99
N GLU B 292 -7.49 -25.36 -31.20
CA GLU B 292 -7.92 -26.68 -31.64
C GLU B 292 -7.41 -27.04 -33.04
N LYS B 293 -7.28 -26.02 -33.89
CA LYS B 293 -6.90 -26.21 -35.28
C LYS B 293 -5.48 -26.78 -35.43
N ARG B 294 -4.64 -26.47 -34.45
CA ARG B 294 -3.24 -26.89 -34.46
C ARG B 294 -3.10 -28.41 -34.57
N GLN B 295 -4.05 -29.14 -33.99
CA GLN B 295 -4.05 -30.59 -34.03
C GLN B 295 -4.14 -31.10 -35.46
N GLY B 296 -5.16 -30.63 -36.20
CA GLY B 296 -5.31 -30.97 -37.59
C GLY B 296 -4.09 -30.54 -38.39
N ALA B 297 -3.59 -29.34 -38.10
CA ALA B 297 -2.37 -28.85 -38.73
C ALA B 297 -1.22 -29.85 -38.55
N LEU B 298 -1.13 -30.47 -37.38
CA LEU B 298 -0.14 -31.51 -37.13
C LEU B 298 -0.42 -32.75 -37.96
N GLU B 299 -1.69 -33.12 -38.02
CA GLU B 299 -2.12 -34.29 -38.78
C GLU B 299 -1.67 -34.17 -40.23
N LEU B 300 -1.76 -32.97 -40.80
CA LEU B 300 -1.35 -32.76 -42.19
C LEU B 300 0.15 -32.99 -42.36
N ILE B 301 0.93 -32.53 -41.39
CA ILE B 301 2.39 -32.69 -41.42
C ILE B 301 2.77 -34.16 -41.35
N LYS B 302 2.16 -34.88 -40.42
CA LYS B 302 2.33 -36.33 -40.34
C LYS B 302 2.01 -37.01 -41.68
N LYS B 303 0.85 -36.67 -42.23
CA LYS B 303 0.40 -37.19 -43.52
C LYS B 303 1.47 -36.98 -44.60
N GLY B 304 1.92 -35.74 -44.73
CA GLY B 304 2.96 -35.39 -45.69
C GLY B 304 4.22 -36.20 -45.52
N TYR B 305 4.65 -36.37 -44.26
CA TYR B 305 5.85 -37.15 -43.94
C TYR B 305 5.70 -38.60 -44.41
N THR B 306 4.60 -39.22 -44.02
CA THR B 306 4.30 -40.60 -44.41
C THR B 306 4.29 -40.76 -45.94
N GLN B 307 3.68 -39.81 -46.62
CA GLN B 307 3.63 -39.82 -48.07
C GLN B 307 5.02 -39.67 -48.68
N GLN B 308 5.88 -38.93 -47.99
CA GLN B 308 7.24 -38.72 -48.46
C GLN B 308 8.10 -39.97 -48.27
N LEU B 309 7.73 -40.79 -47.29
CA LEU B 309 8.43 -42.06 -47.07
C LEU B 309 8.32 -43.03 -48.25
N ALA B 310 7.31 -42.84 -49.10
CA ALA B 310 7.05 -43.75 -50.21
C ALA B 310 8.06 -43.57 -51.34
N PHE B 311 8.72 -42.42 -51.38
CA PHE B 311 9.64 -42.09 -52.46
C PHE B 311 11.09 -42.23 -51.99
N ARG B 312 11.27 -42.79 -50.81
CA ARG B 312 12.59 -43.02 -50.25
C ARG B 312 13.26 -44.22 -50.92
N GLN B 313 14.19 -43.94 -51.82
CA GLN B 313 14.93 -44.99 -52.52
C GLN B 313 15.81 -45.77 -51.53
N PRO B 314 16.15 -47.03 -51.86
CA PRO B 314 16.95 -47.90 -50.99
C PRO B 314 18.27 -47.29 -50.51
N SER B 315 18.75 -46.27 -51.21
CA SER B 315 19.97 -45.58 -50.81
C SER B 315 19.70 -44.50 -49.77
N SER B 316 18.47 -44.51 -49.24
CA SER B 316 18.01 -43.49 -48.30
C SER B 316 18.06 -42.10 -48.92
N ALA B 317 17.86 -42.04 -50.24
CA ALA B 317 17.84 -40.77 -50.96
C ALA B 317 16.42 -40.42 -51.39
N PHE B 318 16.29 -39.41 -52.25
CA PHE B 318 14.98 -38.98 -52.71
C PHE B 318 14.97 -38.52 -54.16
N ALA B 319 13.90 -38.85 -54.87
CA ALA B 319 13.69 -38.40 -56.25
C ALA B 319 12.19 -38.26 -56.52
N ALA B 320 11.84 -37.54 -57.59
CA ALA B 320 10.44 -37.34 -57.94
C ALA B 320 9.72 -38.67 -58.16
N PHE B 321 10.46 -39.64 -58.68
CA PHE B 321 9.92 -40.98 -58.91
C PHE B 321 10.94 -42.05 -58.52
N VAL B 322 10.45 -43.25 -58.19
CA VAL B 322 11.29 -44.31 -57.66
C VAL B 322 12.39 -44.77 -58.65
N LYS B 323 12.07 -44.73 -59.93
CA LYS B 323 13.03 -45.13 -60.95
C LYS B 323 14.00 -44.00 -61.26
N ARG B 324 13.53 -42.77 -61.06
CA ARG B 324 14.33 -41.57 -61.36
C ARG B 324 15.56 -41.49 -60.47
N ALA B 325 16.65 -40.99 -61.02
CA ALA B 325 17.90 -40.81 -60.28
C ALA B 325 17.70 -39.84 -59.12
N PRO B 326 18.31 -40.13 -57.96
CA PRO B 326 18.15 -39.31 -56.75
C PRO B 326 18.74 -37.91 -56.89
N SER B 327 17.98 -36.90 -56.49
CA SER B 327 18.44 -35.51 -56.56
C SER B 327 19.18 -35.12 -55.29
N THR B 328 20.24 -34.33 -55.46
CA THR B 328 20.99 -33.82 -54.32
C THR B 328 20.19 -32.75 -53.58
N TRP B 329 19.72 -31.75 -54.31
CA TRP B 329 19.00 -30.64 -53.71
C TRP B 329 17.71 -31.09 -53.04
N LEU B 330 17.01 -32.04 -53.65
CA LEU B 330 15.74 -32.50 -53.11
C LEU B 330 15.97 -33.28 -51.81
N THR B 331 16.98 -34.12 -51.81
CA THR B 331 17.32 -34.90 -50.61
C THR B 331 17.72 -33.94 -49.49
N ALA B 332 18.52 -32.93 -49.83
CA ALA B 332 18.96 -31.93 -48.88
C ALA B 332 17.79 -31.13 -48.31
N TYR B 333 16.80 -30.84 -49.15
CA TYR B 333 15.65 -30.07 -48.72
C TYR B 333 14.75 -30.91 -47.82
N VAL B 334 14.65 -32.20 -48.13
CA VAL B 334 13.92 -33.13 -47.28
C VAL B 334 14.58 -33.19 -45.91
N VAL B 335 15.91 -33.23 -45.92
CA VAL B 335 16.69 -33.15 -44.70
C VAL B 335 16.34 -31.88 -43.92
N LYS B 336 16.33 -30.76 -44.64
CA LYS B 336 16.01 -29.46 -44.05
C LYS B 336 14.67 -29.47 -43.33
N VAL B 337 13.61 -29.72 -44.09
CA VAL B 337 12.24 -29.73 -43.57
C VAL B 337 12.05 -30.71 -42.43
N PHE B 338 12.52 -31.95 -42.62
CA PHE B 338 12.35 -32.99 -41.62
C PHE B 338 13.11 -32.65 -40.34
N SER B 339 14.25 -31.98 -40.49
CA SER B 339 15.05 -31.55 -39.34
C SER B 339 14.33 -30.43 -38.60
N LEU B 340 13.62 -29.59 -39.34
CA LEU B 340 12.87 -28.51 -38.71
C LEU B 340 11.53 -29.01 -38.17
N ALA B 341 11.19 -30.25 -38.46
CA ALA B 341 9.89 -30.80 -38.07
C ALA B 341 9.94 -31.81 -36.92
N VAL B 342 11.13 -32.06 -36.37
CA VAL B 342 11.28 -33.05 -35.31
C VAL B 342 10.53 -32.67 -34.03
N ASN B 343 10.32 -31.37 -33.84
CA ASN B 343 9.66 -30.86 -32.64
C ASN B 343 8.14 -30.94 -32.76
N LEU B 344 7.66 -31.37 -33.92
CA LEU B 344 6.23 -31.39 -34.21
C LEU B 344 5.68 -32.81 -34.32
N ILE B 345 6.34 -33.64 -35.12
CA ILE B 345 5.88 -35.00 -35.36
C ILE B 345 7.00 -36.03 -35.20
N ALA B 346 6.65 -37.30 -35.36
CA ALA B 346 7.60 -38.40 -35.21
C ALA B 346 8.46 -38.59 -36.44
N ILE B 347 9.71 -38.14 -36.36
CA ILE B 347 10.65 -38.28 -37.47
C ILE B 347 11.65 -39.40 -37.19
N ASP B 348 11.80 -40.30 -38.17
CA ASP B 348 12.74 -41.41 -38.01
C ASP B 348 14.18 -40.95 -38.19
N SER B 349 15.05 -41.38 -37.29
CA SER B 349 16.45 -40.99 -37.32
C SER B 349 17.18 -41.61 -38.50
N GLN B 350 16.85 -42.87 -38.80
CA GLN B 350 17.49 -43.60 -39.90
C GLN B 350 17.29 -42.90 -41.23
N VAL B 351 16.10 -42.33 -41.42
CA VAL B 351 15.75 -41.63 -42.64
C VAL B 351 16.59 -40.37 -42.82
N LEU B 352 16.54 -39.49 -41.83
CA LEU B 352 17.26 -38.22 -41.86
C LEU B 352 18.76 -38.42 -41.95
N CYS B 353 19.31 -39.17 -41.00
CA CYS B 353 20.75 -39.39 -40.92
C CYS B 353 21.26 -40.21 -42.10
N GLY B 354 20.43 -41.13 -42.60
CA GLY B 354 20.78 -41.90 -43.78
C GLY B 354 20.88 -40.99 -44.98
N ALA B 355 19.90 -40.11 -45.12
CA ALA B 355 19.93 -39.08 -46.16
C ALA B 355 21.20 -38.24 -46.05
N VAL B 356 21.57 -37.90 -44.81
CA VAL B 356 22.77 -37.10 -44.57
C VAL B 356 24.03 -37.83 -45.02
N LYS B 357 24.20 -39.07 -44.58
CA LYS B 357 25.36 -39.88 -44.93
C LYS B 357 25.44 -40.08 -46.45
N TRP B 358 24.28 -40.18 -47.10
CA TRP B 358 24.19 -40.23 -48.57
C TRP B 358 24.77 -38.95 -49.17
N LEU B 359 24.21 -37.83 -48.68
CA LEU B 359 24.57 -36.51 -49.16
C LEU B 359 26.05 -36.19 -48.98
N ILE B 360 26.66 -36.76 -47.93
CA ILE B 360 28.05 -36.47 -47.59
C ILE B 360 29.02 -37.15 -48.51
N LEU B 361 28.79 -38.44 -48.76
CA LEU B 361 29.70 -39.20 -49.60
C LEU B 361 29.52 -38.83 -51.06
N GLU B 362 28.29 -38.53 -51.47
CA GLU B 362 28.12 -38.09 -52.83
C GLU B 362 28.00 -36.59 -52.88
N LYS B 363 28.51 -35.93 -51.85
CA LYS B 363 28.72 -34.50 -51.90
C LYS B 363 29.70 -34.29 -53.04
N GLN B 364 30.90 -34.80 -52.82
CA GLN B 364 31.95 -34.80 -53.83
C GLN B 364 32.62 -36.17 -53.91
N ASP B 367 37.39 -32.51 -53.91
CA ASP B 367 37.34 -31.16 -53.36
C ASP B 367 36.42 -31.03 -52.13
N GLY B 368 35.31 -31.77 -52.13
CA GLY B 368 34.38 -31.76 -51.00
C GLY B 368 33.08 -31.01 -51.25
N VAL B 369 32.86 -30.61 -52.51
CA VAL B 369 31.74 -29.73 -52.85
C VAL B 369 30.69 -30.41 -53.72
N PHE B 370 29.44 -30.06 -53.47
CA PHE B 370 28.28 -30.80 -53.95
C PHE B 370 27.98 -30.62 -55.45
N GLN B 371 27.57 -31.72 -56.08
CA GLN B 371 27.15 -31.68 -57.48
C GLN B 371 25.78 -32.33 -57.59
N GLU B 372 24.85 -31.60 -58.22
CA GLU B 372 23.52 -32.15 -58.47
C GLU B 372 23.57 -32.95 -59.77
N ASP B 373 23.52 -34.28 -59.63
CA ASP B 373 23.66 -35.15 -60.78
C ASP B 373 22.30 -35.51 -61.39
N ALA B 374 21.23 -35.09 -60.72
CA ALA B 374 19.87 -35.33 -61.22
C ALA B 374 18.94 -34.20 -60.79
N PRO B 375 18.96 -33.08 -61.54
CA PRO B 375 18.19 -31.88 -61.22
C PRO B 375 16.71 -32.16 -60.99
N VAL B 376 16.12 -31.46 -60.03
CA VAL B 376 14.70 -31.63 -59.71
C VAL B 376 13.82 -31.25 -60.88
N ILE B 377 12.67 -31.90 -60.98
CA ILE B 377 11.76 -31.69 -62.10
C ILE B 377 11.04 -30.34 -61.98
N HIS B 378 10.72 -29.94 -60.76
CA HIS B 378 10.15 -28.62 -60.50
C HIS B 378 11.26 -27.61 -60.21
N GLN B 379 11.61 -26.79 -61.20
CA GLN B 379 12.70 -25.84 -61.07
C GLN B 379 12.28 -24.54 -60.39
N GLU B 380 11.00 -24.43 -60.05
CA GLU B 380 10.49 -23.23 -59.41
C GLU B 380 10.46 -23.38 -57.89
N MET B 381 10.82 -24.56 -57.40
CA MET B 381 10.77 -24.82 -55.97
C MET B 381 12.13 -24.63 -55.32
N ILE B 382 13.14 -24.29 -56.10
CA ILE B 382 14.49 -24.12 -55.58
C ILE B 382 14.85 -22.65 -55.37
N GLY B 383 14.07 -21.76 -55.97
CA GLY B 383 14.29 -20.33 -55.82
C GLY B 383 15.59 -19.84 -56.43
N GLY B 384 16.37 -19.11 -55.62
CA GLY B 384 17.58 -18.46 -56.09
C GLY B 384 18.64 -19.36 -56.68
N LEU B 385 18.50 -20.67 -56.49
CA LEU B 385 19.45 -21.63 -57.04
C LEU B 385 19.18 -21.90 -58.52
N ARG B 386 18.14 -21.28 -59.06
CA ARG B 386 17.76 -21.48 -60.46
C ARG B 386 18.81 -20.94 -61.44
N ASN B 387 19.42 -19.81 -61.08
CA ASN B 387 20.38 -19.14 -61.96
C ASN B 387 21.58 -20.00 -62.30
N ASN B 388 22.07 -19.87 -63.54
CA ASN B 388 23.18 -20.67 -64.03
C ASN B 388 24.50 -20.31 -63.34
N ASN B 389 24.60 -19.08 -62.87
CA ASN B 389 25.82 -18.58 -62.25
C ASN B 389 25.96 -19.07 -60.81
N GLU B 390 27.18 -19.46 -60.44
CA GLU B 390 27.53 -19.93 -59.10
C GLU B 390 26.69 -21.11 -58.62
N LYS B 391 26.60 -22.14 -59.44
CA LYS B 391 25.86 -23.32 -59.04
C LYS B 391 26.51 -23.99 -57.83
N ASP B 392 27.83 -24.14 -57.91
CA ASP B 392 28.56 -24.84 -56.87
C ASP B 392 28.45 -24.17 -55.49
N MET B 393 28.72 -22.87 -55.43
CA MET B 393 28.69 -22.14 -54.16
C MET B 393 27.29 -22.12 -53.52
N ALA B 394 26.28 -21.81 -54.32
CA ALA B 394 24.91 -21.76 -53.83
C ALA B 394 24.42 -23.13 -53.34
N LEU B 395 24.58 -24.15 -54.19
CA LEU B 395 24.15 -25.49 -53.84
C LEU B 395 24.88 -25.97 -52.59
N THR B 396 26.16 -25.62 -52.51
CA THR B 396 26.99 -25.91 -51.36
C THR B 396 26.40 -25.31 -50.09
N ALA B 397 26.10 -24.02 -50.15
CA ALA B 397 25.51 -23.32 -49.00
C ALA B 397 24.22 -24.01 -48.56
N PHE B 398 23.35 -24.32 -49.53
CA PHE B 398 22.08 -24.96 -49.22
C PHE B 398 22.25 -26.31 -48.51
N VAL B 399 22.98 -27.22 -49.16
CA VAL B 399 23.15 -28.57 -48.61
C VAL B 399 23.84 -28.52 -47.25
N LEU B 400 24.86 -27.66 -47.16
CA LEU B 400 25.60 -27.47 -45.92
C LEU B 400 24.69 -27.02 -44.78
N ILE B 401 23.86 -26.02 -45.06
CA ILE B 401 22.90 -25.53 -44.08
C ILE B 401 21.97 -26.67 -43.65
N SER B 402 21.55 -27.48 -44.61
CA SER B 402 20.72 -28.63 -44.31
C SER B 402 21.45 -29.64 -43.41
N LEU B 403 22.78 -29.69 -43.54
CA LEU B 403 23.59 -30.57 -42.71
C LEU B 403 23.72 -30.06 -41.29
N GLN B 404 24.01 -28.77 -41.16
CA GLN B 404 24.21 -28.16 -39.86
C GLN B 404 22.90 -28.06 -39.09
N GLU B 405 21.79 -28.02 -39.80
CA GLU B 405 20.48 -28.03 -39.17
C GLU B 405 20.17 -29.43 -38.65
N ALA B 406 20.77 -30.43 -39.29
CA ALA B 406 20.59 -31.83 -38.90
C ALA B 406 21.82 -32.38 -38.20
N LYS B 407 22.63 -31.48 -37.65
CA LYS B 407 23.86 -31.87 -36.97
C LYS B 407 23.60 -32.57 -35.64
N ASP B 408 22.92 -31.87 -34.74
CA ASP B 408 22.67 -32.37 -33.38
C ASP B 408 21.92 -33.70 -33.36
N ILE B 409 21.22 -34.00 -34.46
CA ILE B 409 20.46 -35.24 -34.54
C ILE B 409 21.29 -36.35 -35.18
N CYS B 410 22.04 -36.01 -36.23
CA CYS B 410 22.80 -37.00 -36.98
C CYS B 410 24.32 -36.81 -36.83
N GLU B 411 24.76 -36.53 -35.61
CA GLU B 411 26.19 -36.41 -35.34
C GLU B 411 26.70 -37.68 -34.66
N GLU B 412 25.79 -38.39 -34.01
CA GLU B 412 26.14 -39.63 -33.32
C GLU B 412 26.26 -40.79 -34.31
N GLN B 413 25.27 -40.92 -35.19
CA GLN B 413 25.26 -41.99 -36.17
C GLN B 413 26.25 -41.74 -37.31
N VAL B 414 26.14 -40.57 -37.94
CA VAL B 414 27.04 -40.20 -39.03
C VAL B 414 28.34 -39.63 -38.48
N ASN B 415 29.44 -40.35 -38.73
CA ASN B 415 30.73 -39.96 -38.18
C ASN B 415 31.51 -39.03 -39.10
N SER B 416 31.09 -38.96 -40.36
CA SER B 416 31.80 -38.17 -41.36
C SER B 416 31.23 -36.77 -41.49
N LEU B 417 30.28 -36.44 -40.63
CA LEU B 417 29.59 -35.15 -40.70
C LEU B 417 30.49 -33.94 -40.40
N PRO B 418 31.18 -33.93 -39.25
CA PRO B 418 31.93 -32.70 -38.92
C PRO B 418 33.03 -32.38 -39.94
N GLY B 419 33.79 -33.39 -40.35
CA GLY B 419 34.86 -33.20 -41.29
C GLY B 419 34.35 -32.68 -42.63
N SER B 420 33.17 -33.15 -43.03
CA SER B 420 32.58 -32.75 -44.29
C SER B 420 32.08 -31.31 -44.23
N ILE B 421 31.43 -30.98 -43.12
CA ILE B 421 31.02 -29.61 -42.84
C ILE B 421 32.24 -28.70 -42.93
N THR B 422 33.36 -29.18 -42.41
CA THR B 422 34.61 -28.42 -42.42
C THR B 422 35.18 -28.26 -43.82
N LYS B 423 35.09 -29.30 -44.65
CA LYS B 423 35.61 -29.22 -46.02
C LYS B 423 34.78 -28.24 -46.85
N ALA B 424 33.45 -28.40 -46.79
CA ALA B 424 32.55 -27.46 -47.43
C ALA B 424 32.83 -26.03 -46.98
N GLY B 425 33.02 -25.87 -45.67
CA GLY B 425 33.34 -24.57 -45.10
C GLY B 425 34.65 -24.01 -45.62
N ASP B 426 35.60 -24.91 -45.88
CA ASP B 426 36.90 -24.53 -46.43
C ASP B 426 36.72 -23.98 -47.83
N PHE B 427 35.97 -24.70 -48.66
CA PHE B 427 35.72 -24.24 -50.03
C PHE B 427 34.98 -22.92 -50.05
N LEU B 428 33.97 -22.79 -49.19
CA LEU B 428 33.18 -21.56 -49.14
C LEU B 428 34.03 -20.39 -48.69
N GLU B 429 34.90 -20.64 -47.70
CA GLU B 429 35.82 -19.63 -47.20
C GLU B 429 36.78 -19.18 -48.29
N ALA B 430 37.29 -20.14 -49.05
CA ALA B 430 38.31 -19.86 -50.07
C ALA B 430 37.76 -19.04 -51.23
N ASN B 431 36.56 -19.38 -51.69
CA ASN B 431 35.99 -18.75 -52.88
C ASN B 431 34.81 -17.83 -52.58
N TYR B 432 34.78 -17.26 -51.38
CA TYR B 432 33.71 -16.34 -51.03
C TYR B 432 33.81 -15.03 -51.81
N MET B 433 35.01 -14.48 -51.86
CA MET B 433 35.24 -13.25 -52.61
C MET B 433 34.99 -13.49 -54.10
N ASN B 434 34.65 -12.40 -54.80
CA ASN B 434 34.38 -12.42 -56.24
C ASN B 434 33.14 -13.21 -56.63
N LEU B 435 32.30 -13.56 -55.66
CA LEU B 435 31.02 -14.16 -55.99
C LEU B 435 30.12 -13.15 -56.69
N GLN B 436 29.95 -12.01 -56.03
CA GLN B 436 29.22 -10.83 -56.53
C GLN B 436 27.69 -10.93 -56.44
N ARG B 437 27.10 -12.07 -56.79
CA ARG B 437 25.64 -12.19 -56.73
C ARG B 437 25.11 -12.13 -55.30
N SER B 438 24.19 -11.20 -55.04
CA SER B 438 23.69 -10.93 -53.71
C SER B 438 23.12 -12.16 -53.00
N TYR B 439 22.36 -12.96 -53.75
CA TYR B 439 21.75 -14.17 -53.22
C TYR B 439 22.79 -15.14 -52.69
N THR B 440 23.83 -15.38 -53.49
CA THR B 440 24.88 -16.32 -53.13
C THR B 440 25.70 -15.82 -51.96
N VAL B 441 25.97 -14.51 -51.95
CA VAL B 441 26.72 -13.91 -50.86
C VAL B 441 25.94 -14.03 -49.56
N ALA B 442 24.62 -13.88 -49.65
CA ALA B 442 23.75 -13.99 -48.49
C ALA B 442 23.69 -15.42 -47.96
N ILE B 443 23.39 -16.37 -48.86
CA ILE B 443 23.20 -17.76 -48.44
C ILE B 443 24.52 -18.41 -47.99
N ALA B 444 25.61 -18.07 -48.66
CA ALA B 444 26.92 -18.58 -48.27
C ALA B 444 27.41 -17.85 -47.02
N GLY B 445 26.95 -16.63 -46.85
CA GLY B 445 27.25 -15.84 -45.66
C GLY B 445 26.62 -16.46 -44.43
N TYR B 446 25.37 -16.89 -44.57
CA TYR B 446 24.68 -17.59 -43.48
C TYR B 446 25.26 -19.00 -43.31
N ALA B 447 25.75 -19.58 -44.41
CA ALA B 447 26.36 -20.89 -44.36
C ALA B 447 27.67 -20.84 -43.58
N LEU B 448 28.36 -19.71 -43.65
CA LEU B 448 29.65 -19.53 -42.98
C LEU B 448 29.51 -18.97 -41.58
N ALA B 449 28.40 -18.27 -41.33
CA ALA B 449 28.15 -17.67 -40.02
C ALA B 449 27.82 -18.72 -38.97
N GLN B 450 27.30 -19.86 -39.43
CA GLN B 450 26.95 -20.96 -38.54
C GLN B 450 28.20 -21.57 -37.92
N MET B 451 29.33 -21.41 -38.61
CA MET B 451 30.61 -21.89 -38.11
C MET B 451 31.35 -20.80 -37.37
N GLY B 452 30.97 -19.55 -37.63
CA GLY B 452 31.66 -18.41 -37.07
C GLY B 452 32.90 -18.09 -37.87
N ARG B 453 32.91 -18.52 -39.12
CA ARG B 453 34.06 -18.33 -40.01
C ARG B 453 33.84 -17.15 -40.96
N LEU B 454 32.83 -16.32 -40.66
CA LEU B 454 32.53 -15.17 -41.49
C LEU B 454 33.00 -13.88 -40.84
N LYS B 455 34.28 -13.55 -41.04
CA LYS B 455 34.88 -12.37 -40.43
C LYS B 455 35.78 -11.63 -41.43
N GLY B 456 36.29 -10.48 -41.01
CA GLY B 456 37.22 -9.71 -41.82
C GLY B 456 36.63 -9.17 -43.11
N PRO B 457 37.45 -9.16 -44.18
CA PRO B 457 37.06 -8.66 -45.51
C PRO B 457 35.83 -9.38 -46.04
N LEU B 458 35.69 -10.65 -45.68
CA LEU B 458 34.53 -11.45 -46.06
C LEU B 458 33.25 -10.86 -45.46
N LEU B 459 33.31 -10.61 -44.15
CA LEU B 459 32.19 -10.01 -43.44
C LEU B 459 31.91 -8.60 -43.97
N ASN B 460 32.98 -7.90 -44.33
CA ASN B 460 32.86 -6.55 -44.89
C ASN B 460 32.11 -6.56 -46.22
N LYS B 461 32.46 -7.52 -47.08
CA LYS B 461 31.78 -7.68 -48.37
C LYS B 461 30.33 -8.10 -48.14
N PHE B 462 30.10 -8.92 -47.11
CA PHE B 462 28.77 -9.35 -46.74
C PHE B 462 27.89 -8.20 -46.30
N LEU B 463 28.51 -7.21 -45.64
CA LEU B 463 27.76 -6.06 -45.14
C LEU B 463 27.56 -4.99 -46.22
N THR B 464 28.54 -4.85 -47.12
CA THR B 464 28.47 -3.81 -48.14
C THR B 464 27.67 -4.25 -49.36
N THR B 465 27.45 -5.54 -49.50
CA THR B 465 26.68 -6.07 -50.62
C THR B 465 25.19 -5.83 -50.41
N ALA B 466 24.82 -5.51 -49.17
CA ALA B 466 23.43 -5.22 -48.84
C ALA B 466 23.06 -3.80 -49.24
N LYS B 467 22.26 -3.68 -50.29
CA LYS B 467 21.83 -2.38 -50.79
C LYS B 467 20.82 -1.73 -49.84
N ASP B 468 20.94 -0.41 -49.69
CA ASP B 468 20.06 0.38 -48.82
C ASP B 468 20.14 -0.06 -47.35
N LYS B 469 21.17 -0.84 -47.02
CA LYS B 469 21.43 -1.33 -45.65
C LYS B 469 20.33 -2.19 -45.04
N ASN B 470 19.42 -2.71 -45.86
CA ASN B 470 18.31 -3.49 -45.32
C ASN B 470 17.81 -4.63 -46.20
N ARG B 471 18.48 -4.85 -47.33
CA ARG B 471 18.02 -5.88 -48.28
C ARG B 471 19.11 -6.37 -49.23
N TRP B 472 19.06 -7.67 -49.53
CA TRP B 472 20.00 -8.29 -50.47
C TRP B 472 19.35 -8.46 -51.83
N GLU B 473 19.49 -7.45 -52.68
CA GLU B 473 18.74 -7.38 -53.94
C GLU B 473 19.61 -7.66 -55.16
N ASP B 474 19.06 -8.44 -56.09
CA ASP B 474 19.72 -8.74 -57.35
C ASP B 474 18.66 -8.77 -58.45
N PRO B 475 18.95 -8.11 -59.59
CA PRO B 475 18.04 -8.02 -60.74
C PRO B 475 17.44 -9.37 -61.13
N GLY B 476 16.11 -9.45 -61.05
CA GLY B 476 15.40 -10.68 -61.34
C GLY B 476 14.12 -10.76 -60.52
N LYS B 477 13.69 -11.98 -60.22
CA LYS B 477 12.48 -12.17 -59.44
C LYS B 477 12.64 -11.69 -58.00
N GLN B 478 11.56 -11.14 -57.45
CA GLN B 478 11.58 -10.62 -56.09
C GLN B 478 11.63 -11.71 -55.04
N LEU B 479 11.13 -12.89 -55.37
CA LEU B 479 11.12 -14.01 -54.44
C LEU B 479 12.54 -14.45 -54.11
N TYR B 480 13.43 -14.31 -55.09
CA TYR B 480 14.85 -14.62 -54.88
C TYR B 480 15.44 -13.64 -53.88
N ASN B 481 15.02 -12.38 -53.97
CA ASN B 481 15.49 -11.36 -53.07
C ASN B 481 14.93 -11.54 -51.65
N VAL B 482 13.69 -12.01 -51.57
CA VAL B 482 13.07 -12.28 -50.27
C VAL B 482 13.76 -13.45 -49.60
N GLU B 483 14.04 -14.50 -50.37
CA GLU B 483 14.76 -15.65 -49.87
C GLU B 483 16.15 -15.26 -49.39
N ALA B 484 16.86 -14.51 -50.23
CA ALA B 484 18.21 -14.05 -49.91
C ALA B 484 18.23 -13.18 -48.65
N THR B 485 17.31 -12.24 -48.56
CA THR B 485 17.21 -11.35 -47.40
C THR B 485 16.84 -12.13 -46.15
N SER B 486 16.08 -13.21 -46.32
CA SER B 486 15.73 -14.08 -45.20
C SER B 486 16.96 -14.80 -44.68
N TYR B 487 17.75 -15.34 -45.61
CA TYR B 487 19.02 -15.97 -45.27
C TYR B 487 19.94 -14.98 -44.54
N ALA B 488 20.00 -13.75 -45.05
CA ALA B 488 20.86 -12.72 -44.49
C ALA B 488 20.41 -12.32 -43.09
N LEU B 489 19.11 -12.24 -42.89
CA LEU B 489 18.55 -11.94 -41.57
C LEU B 489 18.91 -13.06 -40.60
N LEU B 490 18.81 -14.30 -41.08
CA LEU B 490 19.23 -15.44 -40.28
C LEU B 490 20.71 -15.38 -39.94
N ALA B 491 21.49 -14.78 -40.84
CA ALA B 491 22.91 -14.61 -40.64
C ALA B 491 23.19 -13.54 -39.57
N LEU B 492 22.42 -12.46 -39.59
CA LEU B 492 22.58 -11.38 -38.63
C LEU B 492 22.14 -11.84 -37.24
N LEU B 493 21.21 -12.78 -37.20
CA LEU B 493 20.75 -13.36 -35.94
C LEU B 493 21.79 -14.35 -35.40
N GLN B 494 22.71 -14.74 -36.27
CA GLN B 494 23.78 -15.65 -35.90
C GLN B 494 25.02 -14.87 -35.45
N LEU B 495 25.20 -13.70 -36.04
CA LEU B 495 26.36 -12.86 -35.74
C LEU B 495 26.09 -11.90 -34.58
N LYS B 496 24.87 -11.98 -34.04
CA LYS B 496 24.46 -11.14 -32.91
C LYS B 496 24.56 -9.65 -33.23
N ASP B 497 24.44 -9.31 -34.51
CA ASP B 497 24.54 -7.92 -34.94
C ASP B 497 23.15 -7.25 -34.94
N PHE B 498 22.67 -6.93 -33.76
CA PHE B 498 21.32 -6.39 -33.60
C PHE B 498 21.22 -4.91 -33.99
N ASP B 499 22.33 -4.33 -34.45
CA ASP B 499 22.33 -2.94 -34.90
C ASP B 499 21.96 -2.86 -36.39
N PHE B 500 22.01 -4.00 -37.07
CA PHE B 500 21.75 -4.05 -38.50
C PHE B 500 20.44 -4.81 -38.77
N VAL B 501 19.91 -5.46 -37.73
CA VAL B 501 18.73 -6.30 -37.87
C VAL B 501 17.40 -5.54 -38.06
N PRO B 502 17.14 -4.47 -37.27
CA PRO B 502 15.85 -3.79 -37.45
C PRO B 502 15.53 -3.31 -38.88
N PRO B 503 16.49 -2.71 -39.61
CA PRO B 503 16.13 -2.30 -40.98
C PRO B 503 15.74 -3.48 -41.87
N VAL B 504 16.51 -4.55 -41.78
CA VAL B 504 16.24 -5.78 -42.53
C VAL B 504 14.85 -6.33 -42.23
N VAL B 505 14.58 -6.60 -40.96
CA VAL B 505 13.28 -7.09 -40.54
C VAL B 505 12.14 -6.19 -41.02
N ARG B 506 12.33 -4.88 -40.84
CA ARG B 506 11.33 -3.91 -41.28
C ARG B 506 11.08 -4.03 -42.79
N TRP B 507 12.13 -4.18 -43.59
CA TRP B 507 11.95 -4.32 -45.03
C TRP B 507 11.19 -5.62 -45.36
N LEU B 508 11.52 -6.70 -44.65
CA LEU B 508 10.82 -7.96 -44.86
C LEU B 508 9.33 -7.80 -44.57
N ASN B 509 9.00 -7.06 -43.51
CA ASN B 509 7.61 -6.84 -43.16
C ASN B 509 6.90 -5.89 -44.13
N GLU B 510 7.67 -5.00 -44.76
CA GLU B 510 7.09 -4.04 -45.69
C GLU B 510 6.73 -4.67 -47.04
N GLN B 511 7.29 -5.84 -47.31
CA GLN B 511 7.00 -6.54 -48.56
C GLN B 511 5.63 -7.19 -48.52
N ARG B 512 5.13 -7.42 -47.30
CA ARG B 512 3.82 -8.03 -47.09
C ARG B 512 3.69 -9.40 -47.76
N TYR B 513 4.81 -10.09 -47.91
CA TYR B 513 4.82 -11.41 -48.54
C TYR B 513 4.49 -12.49 -47.52
N TYR B 514 3.38 -13.19 -47.73
CA TYR B 514 2.88 -14.14 -46.75
C TYR B 514 3.00 -15.58 -47.23
N GLY B 515 3.86 -15.82 -48.22
CA GLY B 515 4.09 -17.15 -48.74
C GLY B 515 2.91 -17.70 -49.53
N GLY B 516 3.10 -18.88 -50.09
CA GLY B 516 2.06 -19.51 -50.90
C GLY B 516 2.14 -19.09 -52.36
N GLY B 517 1.74 -19.99 -53.25
CA GLY B 517 1.71 -19.68 -54.66
C GLY B 517 2.70 -20.48 -55.49
N TYR B 518 2.68 -20.25 -56.80
CA TYR B 518 3.56 -20.94 -57.74
C TYR B 518 5.02 -20.71 -57.40
N GLY B 519 5.70 -21.78 -57.00
CA GLY B 519 7.11 -21.73 -56.66
C GLY B 519 7.42 -20.78 -55.52
N SER B 520 6.63 -20.87 -54.46
CA SER B 520 6.83 -20.04 -53.28
C SER B 520 7.61 -20.80 -52.21
N THR B 521 7.88 -22.08 -52.48
CA THR B 521 8.49 -23.00 -51.52
C THR B 521 9.63 -22.41 -50.69
N GLN B 522 10.72 -22.02 -51.36
CA GLN B 522 11.89 -21.48 -50.67
C GLN B 522 11.58 -20.16 -49.97
N ALA B 523 10.96 -19.24 -50.70
CA ALA B 523 10.64 -17.93 -50.17
C ALA B 523 9.63 -18.01 -49.02
N THR B 524 8.87 -19.10 -48.97
CA THR B 524 7.91 -19.31 -47.90
C THR B 524 8.59 -19.91 -46.66
N PHE B 525 9.43 -20.91 -46.89
CA PHE B 525 10.15 -21.55 -45.80
C PHE B 525 11.09 -20.56 -45.10
N MET B 526 11.89 -19.87 -45.89
CA MET B 526 13.00 -19.06 -45.36
C MET B 526 12.57 -17.80 -44.63
N VAL B 527 11.57 -17.09 -45.16
CA VAL B 527 11.18 -15.82 -44.56
C VAL B 527 10.53 -16.05 -43.19
N PHE B 528 9.80 -17.15 -43.06
CA PHE B 528 9.13 -17.46 -41.81
C PHE B 528 10.08 -18.13 -40.84
N GLN B 529 11.07 -18.86 -41.36
CA GLN B 529 12.11 -19.40 -40.50
C GLN B 529 12.91 -18.24 -39.90
N ALA B 530 13.19 -17.24 -40.72
CA ALA B 530 13.96 -16.07 -40.33
C ALA B 530 13.20 -15.18 -39.35
N LEU B 531 11.91 -14.98 -39.61
CA LEU B 531 11.09 -14.18 -38.69
C LEU B 531 10.87 -14.91 -37.38
N ALA B 532 10.65 -16.22 -37.45
CA ALA B 532 10.50 -17.03 -36.24
C ALA B 532 11.77 -16.99 -35.40
N GLN B 533 12.92 -17.01 -36.08
CA GLN B 533 14.20 -16.93 -35.38
C GLN B 533 14.43 -15.52 -34.83
N TYR B 534 13.84 -14.52 -35.48
CA TYR B 534 13.93 -13.15 -34.99
C TYR B 534 13.10 -13.01 -33.71
N GLN B 535 11.96 -13.68 -33.67
CA GLN B 535 11.13 -13.67 -32.47
C GLN B 535 11.69 -14.60 -31.40
N LYS B 536 12.61 -15.47 -31.80
CA LYS B 536 13.25 -16.39 -30.86
C LYS B 536 14.35 -15.68 -30.07
N ASP B 537 15.31 -15.11 -30.80
CA ASP B 537 16.39 -14.36 -30.17
C ASP B 537 15.85 -13.03 -29.63
N ALA B 538 15.08 -13.12 -28.55
CA ALA B 538 14.43 -11.96 -27.94
C ALA B 538 15.42 -10.95 -27.38
N PRO B 539 15.38 -9.70 -27.88
CA PRO B 539 16.25 -8.63 -27.39
C PRO B 539 15.47 -7.66 -26.49
N ASP B 540 14.33 -8.14 -25.98
CA ASP B 540 13.33 -7.29 -25.36
C ASP B 540 13.81 -6.33 -24.27
N HIS B 541 15.00 -6.55 -23.71
CA HIS B 541 15.56 -5.68 -22.68
C HIS B 541 17.07 -5.55 -22.86
N GLN B 542 17.53 -4.36 -23.21
CA GLN B 542 18.97 -4.10 -23.30
C GLN B 542 19.62 -4.39 -21.95
N GLU B 543 20.68 -5.20 -21.98
CA GLU B 543 21.30 -5.72 -20.74
C GLU B 543 21.71 -4.61 -19.78
N LEU B 544 21.27 -4.73 -18.52
CA LEU B 544 21.66 -3.79 -17.48
C LEU B 544 22.42 -4.50 -16.37
N ASN B 545 23.65 -4.04 -16.13
CA ASN B 545 24.49 -4.59 -15.08
C ASN B 545 25.52 -3.56 -14.63
N LEU B 546 25.09 -2.63 -13.77
CA LEU B 546 25.97 -1.56 -13.31
C LEU B 546 26.76 -1.91 -12.06
N ASP B 547 28.02 -1.53 -12.06
CA ASP B 547 28.88 -1.66 -10.90
C ASP B 547 29.30 -0.27 -10.45
N VAL B 548 28.64 0.23 -9.39
CA VAL B 548 28.88 1.60 -8.95
C VAL B 548 29.48 1.66 -7.56
N SER B 549 30.71 2.16 -7.46
CA SER B 549 31.40 2.25 -6.19
C SER B 549 31.53 3.69 -5.70
N LEU B 550 31.00 3.94 -4.51
CA LEU B 550 31.17 5.22 -3.83
C LEU B 550 32.56 5.30 -3.18
N GLN B 551 32.96 6.51 -2.81
CA GLN B 551 34.22 6.69 -2.10
C GLN B 551 34.18 7.91 -1.19
N LEU B 552 33.84 7.70 0.07
CA LEU B 552 33.78 8.79 1.04
C LEU B 552 35.08 8.89 1.83
N PRO B 553 35.57 10.14 2.02
CA PRO B 553 36.79 10.37 2.80
C PRO B 553 36.67 9.94 4.27
N SER B 554 35.47 9.97 4.81
CA SER B 554 35.25 9.61 6.21
C SER B 554 34.98 8.12 6.38
N ARG B 555 35.05 7.37 5.29
CA ARG B 555 34.86 5.93 5.35
C ARG B 555 36.16 5.21 5.03
N SER B 556 36.45 4.18 5.82
CA SER B 556 37.69 3.43 5.68
C SER B 556 37.71 2.61 4.38
N SER B 557 36.65 1.85 4.15
CA SER B 557 36.59 0.98 2.98
C SER B 557 35.78 1.59 1.84
N LYS B 558 35.35 0.73 0.91
CA LYS B 558 34.62 1.15 -0.27
C LYS B 558 33.20 0.58 -0.28
N ILE B 559 32.21 1.45 -0.46
CA ILE B 559 30.82 1.03 -0.59
C ILE B 559 30.48 0.73 -2.04
N THR B 560 30.14 -0.50 -2.35
CA THR B 560 29.86 -0.87 -3.73
C THR B 560 28.39 -1.24 -3.93
N HIS B 561 27.89 -1.07 -5.15
CA HIS B 561 26.51 -1.36 -5.49
C HIS B 561 26.37 -2.03 -6.84
N ARG B 562 25.60 -3.11 -6.88
CA ARG B 562 25.32 -3.84 -8.11
C ARG B 562 23.89 -3.60 -8.60
N ILE B 563 23.76 -2.78 -9.63
CA ILE B 563 22.44 -2.49 -10.20
C ILE B 563 22.07 -3.47 -11.31
N HIS B 564 21.08 -4.32 -11.04
CA HIS B 564 20.63 -5.31 -12.00
C HIS B 564 19.28 -4.94 -12.59
N TRP B 565 18.85 -5.67 -13.61
CA TRP B 565 17.60 -5.38 -14.31
C TRP B 565 16.38 -5.63 -13.46
N GLU B 566 16.41 -6.71 -12.67
CA GLU B 566 15.27 -7.11 -11.86
C GLU B 566 14.97 -6.13 -10.72
N SER B 567 15.97 -5.35 -10.33
CA SER B 567 15.79 -4.37 -9.28
C SER B 567 16.32 -3.00 -9.71
N ALA B 568 16.03 -2.63 -10.95
CA ALA B 568 16.52 -1.38 -11.51
C ALA B 568 15.85 -0.16 -10.86
N SER B 569 14.57 -0.29 -10.55
CA SER B 569 13.81 0.82 -9.97
C SER B 569 14.08 0.99 -8.47
N LEU B 570 14.86 0.08 -7.89
CA LEU B 570 15.13 0.12 -6.46
C LEU B 570 15.99 1.31 -6.06
N LEU B 571 15.44 2.15 -5.17
CA LEU B 571 16.17 3.30 -4.67
C LEU B 571 17.26 2.87 -3.69
N ARG B 572 18.50 3.14 -4.06
CA ARG B 572 19.65 2.75 -3.24
C ARG B 572 20.22 3.97 -2.52
N SER B 573 19.90 4.09 -1.25
CA SER B 573 20.27 5.27 -0.47
C SER B 573 21.46 5.01 0.45
N GLU B 574 22.41 5.95 0.46
CA GLU B 574 23.52 5.90 1.40
C GLU B 574 23.67 7.25 2.11
N GLU B 575 23.57 7.24 3.44
CA GLU B 575 23.54 8.48 4.20
C GLU B 575 24.89 8.84 4.81
N THR B 576 25.17 10.14 4.91
CA THR B 576 26.42 10.62 5.51
C THR B 576 26.22 11.88 6.33
N LYS B 577 26.55 11.81 7.62
CA LYS B 577 26.37 12.93 8.52
C LYS B 577 27.38 14.06 8.28
N GLU B 578 28.55 13.70 7.77
CA GLU B 578 29.58 14.70 7.46
C GLU B 578 29.34 15.32 6.10
N ASN B 579 29.47 16.65 6.02
CA ASN B 579 29.35 17.35 4.75
C ASN B 579 30.62 17.16 3.91
N GLU B 580 30.61 16.15 3.06
CA GLU B 580 31.83 15.76 2.35
C GLU B 580 31.76 15.93 0.85
N GLY B 581 32.93 16.04 0.24
CA GLY B 581 33.07 15.90 -1.19
C GLY B 581 33.57 14.51 -1.46
N PHE B 582 32.99 13.81 -2.43
CA PHE B 582 33.35 12.41 -2.63
C PHE B 582 33.41 11.96 -4.09
N THR B 583 33.86 10.73 -4.31
CA THR B 583 34.08 10.22 -5.65
C THR B 583 33.20 9.01 -5.97
N VAL B 584 32.57 9.04 -7.14
CA VAL B 584 31.73 7.93 -7.59
C VAL B 584 32.28 7.31 -8.87
N THR B 585 32.49 6.00 -8.86
CA THR B 585 33.04 5.32 -10.02
C THR B 585 32.11 4.22 -10.54
N ALA B 586 31.57 4.42 -11.74
CA ALA B 586 30.65 3.44 -12.32
C ALA B 586 31.28 2.71 -13.50
N GLU B 587 30.93 1.44 -13.65
CA GLU B 587 31.43 0.65 -14.76
C GLU B 587 30.49 -0.51 -15.09
N GLY B 588 30.29 -0.77 -16.37
CA GLY B 588 29.40 -1.83 -16.81
C GLY B 588 28.39 -1.36 -17.83
N LYS B 589 27.58 -2.28 -18.36
CA LYS B 589 26.57 -1.94 -19.35
C LYS B 589 25.32 -1.37 -18.70
N GLY B 590 24.62 -0.48 -19.41
CA GLY B 590 23.38 0.07 -18.93
C GLY B 590 23.46 1.53 -18.52
N GLN B 591 22.37 2.04 -17.97
CA GLN B 591 22.29 3.45 -17.57
C GLN B 591 21.72 3.61 -16.16
N GLY B 592 22.07 4.72 -15.51
CA GLY B 592 21.58 4.98 -14.17
C GLY B 592 21.49 6.46 -13.82
N THR B 593 20.99 6.74 -12.63
CA THR B 593 20.87 8.11 -12.14
C THR B 593 21.42 8.25 -10.73
N LEU B 594 22.22 9.29 -10.53
CA LEU B 594 22.82 9.59 -9.23
C LEU B 594 22.32 10.93 -8.71
N SER B 595 21.74 10.90 -7.52
CA SER B 595 21.19 12.11 -6.90
C SER B 595 21.75 12.34 -5.51
N VAL B 596 22.57 13.38 -5.37
CA VAL B 596 23.08 13.77 -4.06
C VAL B 596 22.26 14.92 -3.50
N VAL B 597 21.55 14.64 -2.40
CA VAL B 597 20.65 15.62 -1.77
C VAL B 597 20.92 15.77 -0.27
N THR B 598 21.27 16.98 0.15
CA THR B 598 21.64 17.22 1.54
C THR B 598 20.56 17.92 2.36
N MET B 599 20.06 17.23 3.38
CA MET B 599 19.13 17.83 4.36
C MET B 599 19.91 18.52 5.47
N TYR B 600 19.44 19.69 5.88
CA TYR B 600 20.08 20.47 6.94
C TYR B 600 19.07 21.42 7.57
N HIS B 601 19.58 22.33 8.41
CA HIS B 601 18.73 23.33 9.04
C HIS B 601 19.18 24.73 8.68
N ALA B 602 18.30 25.47 8.02
CA ALA B 602 18.64 26.80 7.53
C ALA B 602 18.00 27.91 8.36
N LYS B 603 18.79 28.94 8.65
CA LYS B 603 18.28 30.11 9.36
C LYS B 603 17.22 30.81 8.52
N ALA B 604 16.16 31.27 9.17
CA ALA B 604 15.05 31.91 8.47
C ALA B 604 14.88 33.36 8.88
N LYS B 605 15.09 34.27 7.93
CA LYS B 605 14.87 35.69 8.18
C LYS B 605 13.39 35.94 8.43
N ASP B 606 12.55 35.41 7.55
CA ASP B 606 11.11 35.48 7.72
C ASP B 606 10.68 34.69 8.96
N GLN B 607 9.71 35.21 9.70
CA GLN B 607 9.32 34.62 10.97
C GLN B 607 8.53 33.34 10.75
N LEU B 608 8.86 32.31 11.52
CA LEU B 608 8.19 31.01 11.43
C LEU B 608 6.97 30.97 12.35
N THR B 609 6.77 32.07 13.08
CA THR B 609 5.64 32.18 13.99
C THR B 609 4.75 33.36 13.61
N CYS B 610 3.44 33.19 13.80
CA CYS B 610 2.45 34.21 13.47
C CYS B 610 2.54 34.62 12.00
N ASN B 611 2.48 33.64 11.11
CA ASN B 611 2.54 33.88 9.68
C ASN B 611 1.17 34.20 9.10
N LYS B 612 0.13 33.74 9.77
CA LYS B 612 -1.24 33.94 9.28
C LYS B 612 -2.07 34.79 10.22
N PHE B 613 -1.47 35.28 11.30
CA PHE B 613 -2.20 36.07 12.28
C PHE B 613 -1.32 37.10 12.98
N ASP B 614 -1.90 38.28 13.20
CA ASP B 614 -1.26 39.31 14.02
C ASP B 614 -1.98 39.34 15.35
N LEU B 615 -1.20 39.29 16.43
CA LEU B 615 -1.76 39.28 17.77
C LEU B 615 -1.02 40.27 18.65
N LYS B 616 -1.77 41.18 19.28
CA LYS B 616 -1.22 42.12 20.23
C LYS B 616 -1.94 41.94 21.56
N VAL B 617 -1.18 41.67 22.61
CA VAL B 617 -1.76 41.48 23.93
C VAL B 617 -1.16 42.45 24.95
N THR B 618 -2.03 43.18 25.64
CA THR B 618 -1.60 44.19 26.59
C THR B 618 -2.26 44.02 27.94
N ILE B 619 -1.50 44.21 29.01
CA ILE B 619 -2.07 44.16 30.35
C ILE B 619 -1.67 45.42 31.11
N LYS B 620 -2.66 46.22 31.50
CA LYS B 620 -2.37 47.52 32.13
C LYS B 620 -3.10 47.69 33.46
N PRO B 621 -2.49 48.43 34.40
CA PRO B 621 -3.18 48.74 35.66
C PRO B 621 -4.47 49.54 35.43
N ALA B 622 -5.60 49.01 35.87
CA ALA B 622 -6.88 49.67 35.71
C ALA B 622 -7.04 50.85 36.66
N PRO B 623 -7.76 51.90 36.24
CA PRO B 623 -8.02 53.09 37.06
C PRO B 623 -8.72 52.76 38.38
N ASN B 634 -6.30 44.68 43.51
CA ASN B 634 -5.59 44.88 42.25
C ASN B 634 -6.41 44.40 41.06
N THR B 635 -6.81 45.35 40.21
CA THR B 635 -7.59 45.03 39.02
C THR B 635 -6.88 45.55 37.79
N MET B 636 -6.80 44.73 36.74
CA MET B 636 -6.12 45.14 35.53
C MET B 636 -6.98 45.01 34.27
N ILE B 637 -6.47 45.55 33.17
CA ILE B 637 -7.19 45.55 31.92
C ILE B 637 -6.39 44.80 30.87
N LEU B 638 -6.99 43.72 30.38
CA LEU B 638 -6.43 42.90 29.31
C LEU B 638 -7.02 43.35 28.00
N GLU B 639 -6.17 43.75 27.07
CA GLU B 639 -6.60 44.16 25.75
C GLU B 639 -5.97 43.27 24.70
N ILE B 640 -6.81 42.75 23.81
CA ILE B 640 -6.38 41.80 22.80
C ILE B 640 -6.80 42.27 21.42
N CYS B 641 -5.82 42.47 20.55
CA CYS B 641 -6.09 42.97 19.20
C CYS B 641 -5.54 41.99 18.16
N THR B 642 -6.41 41.48 17.30
CA THR B 642 -5.96 40.48 16.34
C THR B 642 -6.37 40.83 14.91
N ARG B 643 -5.55 40.39 13.95
CA ARG B 643 -5.83 40.65 12.54
C ARG B 643 -5.37 39.51 11.64
N TYR B 644 -6.23 39.07 10.74
CA TYR B 644 -5.89 37.97 9.84
C TYR B 644 -4.97 38.45 8.72
N ARG B 645 -3.91 37.70 8.47
CA ARG B 645 -2.95 38.03 7.41
C ARG B 645 -3.32 37.38 6.08
N GLY B 646 -4.42 37.83 5.48
CA GLY B 646 -4.87 37.26 4.22
C GLY B 646 -5.46 38.30 3.29
N ASP B 647 -5.91 37.84 2.13
CA ASP B 647 -6.55 38.71 1.16
C ASP B 647 -8.01 38.96 1.54
N GLN B 648 -8.63 37.96 2.16
CA GLN B 648 -10.02 38.09 2.61
C GLN B 648 -10.08 38.05 4.14
N ASP B 649 -11.26 38.32 4.69
CA ASP B 649 -11.48 38.19 6.12
C ASP B 649 -11.31 36.74 6.53
N ALA B 650 -10.91 36.52 7.77
CA ALA B 650 -10.88 35.17 8.33
C ALA B 650 -12.29 34.74 8.66
N THR B 651 -12.55 33.43 8.63
CA THR B 651 -13.85 32.92 9.02
C THR B 651 -13.88 32.73 10.54
N MET B 652 -14.75 31.87 11.04
CA MET B 652 -14.88 31.61 12.47
C MET B 652 -13.54 31.26 13.12
N SER B 653 -13.21 31.96 14.20
CA SER B 653 -11.92 31.83 14.85
C SER B 653 -12.02 31.67 16.37
N ILE B 654 -10.91 31.23 16.97
CA ILE B 654 -10.83 30.99 18.40
C ILE B 654 -9.73 31.84 19.06
N LEU B 655 -10.13 32.48 20.15
CA LEU B 655 -9.24 33.16 21.09
C LEU B 655 -9.12 32.33 22.36
N ASP B 656 -7.95 31.74 22.57
CA ASP B 656 -7.72 30.88 23.73
C ASP B 656 -6.89 31.61 24.78
N ILE B 657 -7.56 32.07 25.83
CA ILE B 657 -6.95 32.90 26.85
C ILE B 657 -6.71 32.15 28.16
N SER B 658 -5.46 32.13 28.61
CA SER B 658 -5.12 31.59 29.92
C SER B 658 -4.74 32.72 30.87
N MET B 659 -5.34 32.70 32.05
CA MET B 659 -5.11 33.73 33.07
C MET B 659 -3.72 33.65 33.69
N MET B 660 -3.31 34.76 34.27
CA MET B 660 -2.11 34.81 35.10
C MET B 660 -2.45 34.16 36.44
N THR B 661 -1.47 33.50 37.04
CA THR B 661 -1.69 32.77 38.28
C THR B 661 -2.21 33.70 39.38
N GLY B 662 -3.48 33.53 39.73
CA GLY B 662 -4.09 34.33 40.77
C GLY B 662 -5.12 35.28 40.23
N PHE B 663 -5.31 35.29 38.92
CA PHE B 663 -6.25 36.22 38.29
C PHE B 663 -7.43 35.54 37.63
N ALA B 664 -8.53 36.29 37.52
CA ALA B 664 -9.75 35.78 36.92
C ALA B 664 -10.56 36.90 36.28
N PRO B 665 -11.19 36.63 35.13
CA PRO B 665 -11.94 37.64 34.38
C PRO B 665 -13.18 38.18 35.12
N ASP B 666 -13.56 39.41 34.80
CA ASP B 666 -14.76 40.03 35.33
C ASP B 666 -16.01 39.53 34.61
N THR B 667 -16.98 39.02 35.37
CA THR B 667 -18.18 38.41 34.79
C THR B 667 -18.99 39.38 33.94
N ASP B 668 -19.23 40.58 34.45
CA ASP B 668 -20.03 41.58 33.75
C ASP B 668 -19.45 41.93 32.38
N ASP B 669 -18.13 42.08 32.32
CA ASP B 669 -17.47 42.39 31.06
C ASP B 669 -17.66 41.26 30.06
N LEU B 670 -17.56 40.02 30.55
CA LEU B 670 -17.77 38.86 29.69
C LEU B 670 -19.20 38.81 29.17
N LYS B 671 -20.15 39.07 30.06
CA LYS B 671 -21.56 39.09 29.69
C LYS B 671 -21.82 40.19 28.66
N GLN B 672 -21.04 41.26 28.74
CA GLN B 672 -21.17 42.36 27.80
C GLN B 672 -20.57 41.98 26.45
N LEU B 673 -19.52 41.17 26.47
CA LEU B 673 -18.87 40.72 25.24
C LEU B 673 -19.70 39.68 24.51
N ALA B 674 -20.38 38.82 25.26
CA ALA B 674 -21.08 37.67 24.70
C ALA B 674 -22.34 38.07 23.90
N ASN B 675 -22.85 39.27 24.16
CA ASN B 675 -24.06 39.72 23.48
C ASN B 675 -23.78 40.27 22.10
N GLY B 676 -24.17 39.50 21.08
CA GLY B 676 -24.04 39.91 19.69
C GLY B 676 -22.61 40.20 19.29
N VAL B 677 -22.41 41.36 18.65
CA VAL B 677 -21.10 41.88 18.23
C VAL B 677 -20.20 40.81 17.56
N ASP B 678 -20.84 39.82 16.94
CA ASP B 678 -20.15 38.74 16.24
C ASP B 678 -19.19 37.98 17.15
N ARG B 679 -19.55 37.87 18.42
CA ARG B 679 -18.75 37.12 19.38
C ARG B 679 -19.62 36.13 20.14
N TYR B 680 -18.99 35.18 20.83
CA TYR B 680 -19.72 34.17 21.57
C TYR B 680 -18.90 33.56 22.71
N ILE B 681 -19.48 33.61 23.91
CA ILE B 681 -18.93 32.92 25.06
C ILE B 681 -19.99 31.97 25.60
N SER B 682 -19.66 30.69 25.67
CA SER B 682 -20.64 29.66 26.04
C SER B 682 -21.17 29.84 27.45
N LYS B 683 -22.35 29.28 27.69
CA LYS B 683 -22.97 29.28 29.01
C LYS B 683 -22.08 28.55 30.01
N TYR B 684 -21.40 27.52 29.52
CA TYR B 684 -20.46 26.74 30.32
C TYR B 684 -19.42 27.64 31.00
N GLU B 685 -18.90 28.60 30.26
CA GLU B 685 -17.88 29.51 30.77
C GLU B 685 -18.49 30.56 31.71
N LEU B 686 -19.66 31.08 31.36
CA LEU B 686 -20.28 32.15 32.10
C LEU B 686 -20.85 31.67 33.45
N ASP B 687 -21.14 30.38 33.53
CA ASP B 687 -21.73 29.82 34.73
C ASP B 687 -20.68 29.47 35.79
N LYS B 688 -19.46 29.20 35.35
CA LYS B 688 -18.39 28.83 36.26
C LYS B 688 -18.13 29.95 37.26
N ALA B 689 -17.82 29.58 38.51
CA ALA B 689 -17.56 30.55 39.56
C ALA B 689 -16.31 31.37 39.26
N PHE B 690 -16.10 32.42 40.06
CA PHE B 690 -14.91 33.26 39.92
C PHE B 690 -13.65 32.45 40.25
N SER B 691 -13.80 31.48 41.14
CA SER B 691 -12.70 30.58 41.49
C SER B 691 -12.54 29.49 40.44
N ASP B 692 -11.30 29.07 40.21
CA ASP B 692 -10.99 27.98 39.28
C ASP B 692 -11.46 28.27 37.85
N ARG B 693 -11.46 29.55 37.49
CA ARG B 693 -11.75 29.97 36.13
C ARG B 693 -10.49 30.63 35.56
N ASN B 694 -9.47 29.82 35.31
CA ASN B 694 -8.18 30.35 34.89
C ASN B 694 -7.96 30.22 33.38
N THR B 695 -8.87 29.53 32.72
CA THR B 695 -8.86 29.46 31.26
C THR B 695 -10.20 29.89 30.68
N LEU B 696 -10.16 30.39 29.45
CA LEU B 696 -11.33 30.96 28.80
C LEU B 696 -11.17 30.88 27.28
N ILE B 697 -12.28 30.66 26.58
CA ILE B 697 -12.26 30.66 25.14
C ILE B 697 -13.30 31.62 24.59
N ILE B 698 -12.82 32.67 23.93
CA ILE B 698 -13.72 33.61 23.26
C ILE B 698 -13.82 33.24 21.79
N TYR B 699 -15.03 33.02 21.31
CA TYR B 699 -15.23 32.67 19.92
C TYR B 699 -15.50 33.91 19.08
N LEU B 700 -14.86 33.99 17.92
CA LEU B 700 -15.08 35.07 16.98
C LEU B 700 -15.78 34.52 15.73
N ASP B 701 -16.79 35.22 15.24
CA ASP B 701 -17.48 34.80 14.02
C ASP B 701 -16.59 35.02 12.82
N LYS B 702 -15.76 36.05 12.91
CA LYS B 702 -14.77 36.35 11.88
C LYS B 702 -13.77 37.35 12.43
N VAL B 703 -12.57 37.40 11.83
CA VAL B 703 -11.61 38.44 12.19
C VAL B 703 -11.19 39.17 10.92
N SER B 704 -11.07 40.49 11.02
CA SER B 704 -10.77 41.33 9.88
C SER B 704 -9.34 41.19 9.41
N HIS B 705 -9.14 41.38 8.11
CA HIS B 705 -7.79 41.40 7.54
C HIS B 705 -7.35 42.83 7.29
N SER B 706 -8.33 43.75 7.24
CA SER B 706 -8.06 45.14 6.91
C SER B 706 -7.42 45.90 8.07
N GLU B 707 -7.93 45.65 9.28
CA GLU B 707 -7.43 46.30 10.49
C GLU B 707 -7.58 45.38 11.69
N ASP B 708 -7.03 45.79 12.83
CA ASP B 708 -7.13 45.03 14.06
C ASP B 708 -8.55 45.02 14.62
N ASP B 709 -9.04 43.82 14.94
CA ASP B 709 -10.25 43.71 15.75
C ASP B 709 -9.82 43.57 17.20
N CYS B 710 -10.28 44.50 18.03
CA CYS B 710 -9.82 44.61 19.41
C CYS B 710 -10.94 44.38 20.41
N LEU B 711 -10.64 43.67 21.47
CA LEU B 711 -11.54 43.55 22.61
C LEU B 711 -10.76 43.73 23.90
N ALA B 712 -11.45 43.99 25.00
CA ALA B 712 -10.78 44.15 26.28
C ALA B 712 -11.70 43.81 27.43
N PHE B 713 -11.10 43.30 28.51
CA PHE B 713 -11.88 43.06 29.72
C PHE B 713 -11.00 43.13 30.95
N LYS B 714 -11.65 43.31 32.10
CA LYS B 714 -10.97 43.45 33.37
C LYS B 714 -10.67 42.10 34.01
N VAL B 715 -9.52 42.01 34.66
CA VAL B 715 -9.14 40.81 35.38
C VAL B 715 -8.78 41.16 36.83
N HIS B 716 -9.36 40.41 37.76
CA HIS B 716 -9.18 40.66 39.19
C HIS B 716 -8.24 39.64 39.82
N GLN B 717 -7.47 40.08 40.81
CA GLN B 717 -6.56 39.21 41.54
C GLN B 717 -7.26 38.63 42.78
N TYR B 718 -7.69 37.39 42.69
CA TYR B 718 -8.44 36.75 43.77
C TYR B 718 -7.50 35.99 44.71
N PHE B 719 -6.36 35.57 44.19
CA PHE B 719 -5.35 34.87 44.97
C PHE B 719 -4.02 35.59 44.80
N ASN B 720 -3.24 35.65 45.87
CA ASN B 720 -1.99 36.38 45.81
C ASN B 720 -0.79 35.44 45.90
N VAL B 721 0.17 35.62 45.00
CA VAL B 721 1.35 34.77 44.94
C VAL B 721 2.59 35.61 44.69
N GLU B 722 3.72 35.19 45.27
CA GLU B 722 4.98 35.92 45.08
C GLU B 722 5.44 35.87 43.61
N LEU B 723 5.26 34.71 42.98
CA LEU B 723 5.64 34.55 41.58
C LEU B 723 4.41 34.38 40.69
N ILE B 724 4.19 35.34 39.80
CA ILE B 724 3.07 35.26 38.88
C ILE B 724 3.50 34.72 37.52
N GLN B 725 2.90 33.62 37.09
CA GLN B 725 3.22 33.07 35.78
C GLN B 725 2.50 33.86 34.70
N PRO B 726 3.20 34.16 33.61
CA PRO B 726 2.57 34.89 32.49
C PRO B 726 1.33 34.17 31.97
N GLY B 727 0.30 34.93 31.67
CA GLY B 727 -0.88 34.40 31.02
C GLY B 727 -0.61 34.37 29.53
N ALA B 728 -1.55 33.81 28.77
CA ALA B 728 -1.32 33.66 27.33
C ALA B 728 -2.58 33.86 26.52
N VAL B 729 -2.41 34.23 25.25
CA VAL B 729 -3.51 34.34 24.31
C VAL B 729 -3.11 33.66 23.00
N LYS B 730 -3.97 32.77 22.52
CA LYS B 730 -3.70 32.03 21.29
C LYS B 730 -4.84 32.18 20.27
N VAL B 731 -4.55 32.81 19.14
CA VAL B 731 -5.56 32.97 18.09
C VAL B 731 -5.36 31.96 16.98
N TYR B 732 -6.47 31.45 16.45
CA TYR B 732 -6.40 30.65 15.24
C TYR B 732 -7.76 30.53 14.56
N ALA B 733 -7.78 30.04 13.33
CA ALA B 733 -9.03 29.75 12.65
C ALA B 733 -9.40 28.29 12.90
N TYR B 734 -10.70 28.01 13.02
CA TYR B 734 -11.16 26.67 13.39
C TYR B 734 -10.70 25.57 12.44
N TYR B 735 -10.53 25.91 11.16
CA TYR B 735 -10.21 24.91 10.15
C TYR B 735 -8.71 24.54 10.16
N ASN B 736 -7.93 25.24 10.97
CA ASN B 736 -6.49 24.99 11.04
C ASN B 736 -5.86 25.48 12.34
N LEU B 737 -5.41 24.55 13.17
CA LEU B 737 -4.82 24.87 14.46
C LEU B 737 -3.32 25.19 14.34
N GLU B 738 -2.69 24.65 13.30
CA GLU B 738 -1.26 24.85 13.11
C GLU B 738 -0.93 26.30 12.75
N GLU B 739 -1.76 26.90 11.90
CA GLU B 739 -1.59 28.31 11.56
C GLU B 739 -2.20 29.17 12.65
N SER B 740 -1.46 29.32 13.75
CA SER B 740 -1.93 30.07 14.92
C SER B 740 -0.89 31.04 15.42
N CYS B 741 -1.30 31.92 16.32
CA CYS B 741 -0.37 32.87 16.92
C CYS B 741 -0.57 32.91 18.44
N THR B 742 0.53 32.98 19.19
CA THR B 742 0.45 32.98 20.64
C THR B 742 1.31 34.09 21.25
N ARG B 743 0.69 34.90 22.11
CA ARG B 743 1.40 35.96 22.83
C ARG B 743 1.24 35.78 24.34
N PHE B 744 2.24 36.21 25.10
CA PHE B 744 2.18 36.10 26.55
C PHE B 744 2.08 37.47 27.21
N TYR B 745 1.46 37.53 28.38
CA TYR B 745 1.37 38.79 29.11
C TYR B 745 1.64 38.61 30.61
N HIS B 746 2.26 39.63 31.20
CA HIS B 746 2.68 39.61 32.60
C HIS B 746 2.63 41.04 33.13
N PRO B 747 1.98 41.23 34.29
CA PRO B 747 1.79 42.58 34.86
C PRO B 747 3.11 43.25 35.12
N GLU B 748 3.93 42.61 35.94
CA GLU B 748 5.30 43.05 36.17
C GLU B 748 5.99 43.20 34.81
N LYS B 749 6.81 44.24 34.70
CA LYS B 749 7.46 44.61 33.45
C LYS B 749 8.07 43.42 32.72
N GLU B 750 7.44 43.05 31.61
CA GLU B 750 7.95 42.03 30.71
C GLU B 750 7.16 42.03 29.41
N ASP B 751 7.75 41.43 28.38
CA ASP B 751 7.07 41.24 27.12
C ASP B 751 6.40 39.88 27.10
N GLY B 752 5.99 39.43 28.29
CA GLY B 752 5.37 38.13 28.45
C GLY B 752 6.38 37.03 28.72
N LYS B 753 7.60 37.23 28.26
CA LYS B 753 8.64 36.20 28.34
C LYS B 753 9.20 36.04 29.75
N LEU B 754 9.55 34.80 30.09
CA LEU B 754 10.25 34.52 31.35
C LEU B 754 11.69 35.03 31.27
N ASN B 755 12.35 35.10 32.43
CA ASN B 755 13.72 35.61 32.49
C ASN B 755 14.76 34.57 32.09
N LYS B 756 15.58 34.93 31.11
CA LYS B 756 16.61 34.02 30.58
C LYS B 756 17.71 34.80 29.88
N LEU B 757 18.90 34.20 29.80
CA LEU B 757 20.01 34.83 29.10
C LEU B 757 20.45 33.98 27.93
N CYS B 758 20.30 34.50 26.72
CA CYS B 758 20.57 33.73 25.52
C CYS B 758 21.66 34.37 24.66
N ARG B 759 22.50 33.53 24.07
CA ARG B 759 23.50 33.98 23.10
C ARG B 759 23.90 32.83 22.18
N ASP B 760 23.91 33.10 20.88
CA ASP B 760 24.31 32.11 19.87
C ASP B 760 23.52 30.81 20.00
N GLU B 761 22.20 30.94 20.11
CA GLU B 761 21.29 29.80 20.26
C GLU B 761 21.48 29.01 21.55
N LEU B 762 22.29 29.53 22.47
CA LEU B 762 22.48 28.88 23.76
C LEU B 762 21.92 29.75 24.89
N CYS B 763 20.85 29.27 25.51
CA CYS B 763 20.15 30.04 26.53
C CYS B 763 20.19 29.36 27.89
N ARG B 764 20.40 30.15 28.93
CA ARG B 764 20.34 29.64 30.30
C ARG B 764 19.16 30.27 31.02
N CYS B 765 18.52 29.49 31.89
CA CYS B 765 17.37 29.97 32.64
C CYS B 765 17.81 30.89 33.78
N ALA B 766 17.03 31.95 34.00
CA ALA B 766 17.34 32.92 35.04
C ALA B 766 16.12 33.20 35.90
N GLU B 767 15.51 32.16 36.45
CA GLU B 767 14.30 32.32 37.26
C GLU B 767 14.50 31.85 38.69
N GLU B 768 15.77 31.76 39.13
CA GLU B 768 16.07 31.32 40.48
C GLU B 768 16.07 32.50 41.44
N ASN B 769 16.47 32.26 42.68
CA ASN B 769 16.55 33.32 43.69
C ASN B 769 17.49 34.45 43.27
N CYS B 770 17.14 35.67 43.66
CA CYS B 770 17.89 36.86 43.26
C CYS B 770 19.34 36.81 43.73
N PHE B 771 19.54 36.34 44.96
CA PHE B 771 20.88 36.16 45.51
C PHE B 771 20.82 35.25 46.74
N ILE B 772 21.73 35.43 47.69
CA ILE B 772 21.68 34.63 48.91
C ILE B 772 21.17 35.46 50.10
N GLN B 773 19.94 35.19 50.53
CA GLN B 773 19.44 35.71 51.81
C GLN B 773 19.45 34.58 52.85
N LYS B 774 20.09 34.67 54.03
CA LYS B 774 20.66 35.83 54.80
C LYS B 774 19.54 36.51 55.61
N SER B 775 18.35 35.93 55.58
CA SER B 775 17.20 36.48 56.30
C SER B 775 16.85 35.67 57.55
N ASP B 776 17.01 34.34 57.46
CA ASP B 776 16.55 33.40 58.50
C ASP B 776 17.02 33.77 59.91
N ASP B 777 18.33 33.70 60.15
CA ASP B 777 18.89 34.09 61.44
C ASP B 777 19.79 35.31 61.30
N LYS B 778 21.06 35.16 61.67
CA LYS B 778 22.03 36.23 61.49
C LYS B 778 23.38 35.66 61.08
N VAL B 779 24.19 36.49 60.44
CA VAL B 779 25.47 36.05 59.90
C VAL B 779 26.62 36.38 60.84
N THR B 780 27.61 35.48 60.89
CA THR B 780 28.77 35.67 61.76
C THR B 780 30.05 35.83 60.96
N LEU B 781 31.19 35.72 61.63
CA LEU B 781 32.48 35.77 60.99
C LEU B 781 32.88 34.38 60.49
N GLU B 782 32.62 33.38 61.32
CA GLU B 782 32.83 31.98 60.96
C GLU B 782 32.00 31.61 59.75
N GLU B 783 30.77 32.11 59.70
CA GLU B 783 29.87 31.81 58.60
C GLU B 783 30.45 32.31 57.27
N ARG B 784 30.87 33.56 57.26
CA ARG B 784 31.46 34.16 56.06
C ARG B 784 32.75 33.47 55.65
N LEU B 785 33.62 33.19 56.62
CA LEU B 785 34.89 32.53 56.31
C LEU B 785 34.67 31.12 55.75
N ASP B 786 33.71 30.40 56.34
CA ASP B 786 33.45 29.02 55.95
C ASP B 786 32.79 28.92 54.58
N LYS B 787 31.85 29.83 54.31
CA LYS B 787 31.16 29.81 53.03
C LYS B 787 32.07 30.29 51.89
N ALA B 788 32.80 31.36 52.12
CA ALA B 788 33.61 31.97 51.07
C ALA B 788 34.94 31.25 50.83
N CYS B 789 35.19 30.19 51.58
CA CYS B 789 36.41 29.41 51.40
C CYS B 789 36.16 28.11 50.65
N GLU B 790 34.90 27.84 50.35
CA GLU B 790 34.54 26.66 49.57
C GLU B 790 35.15 26.73 48.18
N PRO B 791 35.50 25.57 47.61
CA PRO B 791 36.09 25.54 46.27
C PRO B 791 35.14 26.09 45.20
N GLY B 792 33.84 25.97 45.46
CA GLY B 792 32.83 26.49 44.55
C GLY B 792 32.95 27.99 44.34
N VAL B 793 33.17 28.72 45.43
CA VAL B 793 33.34 30.16 45.35
C VAL B 793 34.60 30.50 44.56
N ASP B 794 34.41 31.14 43.41
CA ASP B 794 35.49 31.46 42.50
C ASP B 794 36.11 32.82 42.81
N TYR B 795 35.26 33.84 42.93
CA TYR B 795 35.75 35.19 43.22
C TYR B 795 35.14 35.78 44.49
N VAL B 796 35.96 36.58 45.17
CA VAL B 796 35.54 37.38 46.33
C VAL B 796 36.05 38.80 46.16
N TYR B 797 35.14 39.76 45.98
CA TYR B 797 35.52 41.13 45.71
C TYR B 797 34.90 42.11 46.69
N LYS B 798 35.62 43.21 46.92
CA LYS B 798 35.06 44.40 47.56
C LYS B 798 34.82 45.41 46.46
N THR B 799 33.56 45.72 46.21
CA THR B 799 33.22 46.58 45.07
C THR B 799 32.51 47.87 45.48
N ARG B 800 32.50 48.82 44.57
CA ARG B 800 31.76 50.06 44.75
C ARG B 800 30.87 50.29 43.54
N LEU B 801 29.58 50.52 43.78
CA LEU B 801 28.63 50.65 42.70
C LEU B 801 28.80 51.96 41.95
N VAL B 802 29.43 51.88 40.78
CA VAL B 802 29.66 53.04 39.95
C VAL B 802 28.38 53.49 39.23
N LYS B 803 27.76 52.57 38.48
CA LYS B 803 26.59 52.96 37.70
C LYS B 803 25.52 51.87 37.62
N VAL B 804 24.27 52.29 37.62
CA VAL B 804 23.15 51.36 37.47
C VAL B 804 22.43 51.59 36.15
N GLN B 805 22.68 50.72 35.18
CA GLN B 805 21.98 50.80 33.89
C GLN B 805 20.66 50.05 33.95
N LEU B 806 19.59 50.83 34.00
CA LEU B 806 18.23 50.32 33.96
C LEU B 806 17.87 49.92 32.53
N SER B 807 17.37 48.69 32.36
CA SER B 807 16.97 48.22 31.04
C SER B 807 15.61 47.55 31.11
N ASN B 808 15.03 47.26 29.95
CA ASN B 808 13.70 46.66 29.88
C ASN B 808 13.70 45.17 30.25
N ASP B 809 14.85 44.52 30.13
CA ASP B 809 14.95 43.09 30.38
C ASP B 809 15.79 42.77 31.61
N PHE B 810 17.03 43.24 31.62
CA PHE B 810 17.96 42.97 32.71
C PHE B 810 18.67 44.23 33.18
N ASP B 811 18.70 44.43 34.49
CA ASP B 811 19.48 45.51 35.08
C ASP B 811 20.97 45.19 35.07
N GLU B 812 21.77 46.19 34.70
CA GLU B 812 23.21 46.03 34.70
C GLU B 812 23.85 46.88 35.79
N TYR B 813 24.73 46.28 36.57
CA TYR B 813 25.37 46.97 37.67
C TYR B 813 26.87 47.13 37.43
N ILE B 814 27.25 48.30 36.91
CA ILE B 814 28.66 48.62 36.73
C ILE B 814 29.32 48.89 38.07
N MET B 815 30.16 47.94 38.48
CA MET B 815 30.87 47.98 39.77
C MET B 815 32.37 48.13 39.58
N ALA B 816 33.00 48.91 40.45
CA ALA B 816 34.45 49.04 40.41
C ALA B 816 35.09 48.15 41.48
N ILE B 817 35.91 47.21 41.03
CA ILE B 817 36.61 46.32 41.95
C ILE B 817 37.60 47.10 42.80
N GLU B 818 37.15 47.52 43.97
CA GLU B 818 37.99 48.32 44.85
C GLU B 818 39.15 47.51 45.40
N GLN B 819 38.87 46.25 45.76
CA GLN B 819 39.88 45.35 46.30
C GLN B 819 39.61 43.91 45.89
N THR B 820 40.66 43.21 45.49
CA THR B 820 40.54 41.81 45.07
C THR B 820 40.87 40.87 46.22
N ILE B 821 39.87 40.57 47.05
CA ILE B 821 40.07 39.76 48.23
C ILE B 821 40.46 38.33 47.86
N LYS B 822 39.78 37.79 46.85
CA LYS B 822 40.17 36.50 46.27
C LYS B 822 39.86 36.47 44.78
N SER B 823 40.87 36.11 44.00
CA SER B 823 40.73 36.03 42.54
C SER B 823 40.65 34.59 42.05
N GLY B 824 39.94 34.39 40.96
CA GLY B 824 39.77 33.07 40.39
C GLY B 824 40.09 33.03 38.90
N SER B 825 39.07 32.71 38.10
CA SER B 825 39.25 32.62 36.65
C SER B 825 39.53 33.99 36.06
N ASP B 826 38.71 34.97 36.42
CA ASP B 826 38.88 36.34 35.95
C ASP B 826 40.12 36.97 36.58
N GLU B 827 41.01 37.46 35.74
CA GLU B 827 42.20 38.14 36.21
C GLU B 827 41.98 39.64 36.22
N VAL B 828 40.95 40.07 36.94
CA VAL B 828 40.61 41.47 37.05
C VAL B 828 41.52 42.17 38.07
N GLN B 829 41.97 43.37 37.72
CA GLN B 829 42.84 44.14 38.60
C GLN B 829 42.06 45.24 39.32
N VAL B 830 42.59 45.67 40.47
CA VAL B 830 41.99 46.76 41.24
C VAL B 830 41.91 48.04 40.42
N GLY B 831 40.71 48.60 40.31
CA GLY B 831 40.50 49.81 39.56
C GLY B 831 39.67 49.56 38.31
N GLN B 832 39.77 48.36 37.77
CA GLN B 832 38.98 47.96 36.61
C GLN B 832 37.51 47.79 36.99
N GLN B 833 36.64 47.85 35.99
CA GLN B 833 35.20 47.74 36.25
C GLN B 833 34.63 46.43 35.69
N ARG B 834 33.59 45.94 36.35
CA ARG B 834 32.89 44.74 35.92
C ARG B 834 31.38 44.92 36.03
N THR B 835 30.65 44.35 35.09
CA THR B 835 29.19 44.48 35.05
C THR B 835 28.50 43.27 35.66
N PHE B 836 27.66 43.52 36.66
CA PHE B 836 26.90 42.46 37.29
C PHE B 836 25.45 42.49 36.80
N ILE B 837 25.05 41.45 36.09
CA ILE B 837 23.73 41.39 35.47
C ILE B 837 22.71 40.74 36.40
N SER B 838 21.50 41.29 36.44
CA SER B 838 20.43 40.69 37.24
C SER B 838 19.05 41.01 36.67
N PRO B 839 18.11 40.07 36.77
CA PRO B 839 16.73 40.32 36.34
C PRO B 839 16.11 41.53 37.05
N ILE B 840 15.25 42.26 36.35
CA ILE B 840 14.67 43.48 36.89
C ILE B 840 13.81 43.22 38.12
N LYS B 841 13.20 42.04 38.18
CA LYS B 841 12.37 41.64 39.31
C LYS B 841 13.16 41.67 40.62
N CYS B 842 14.49 41.54 40.50
CA CYS B 842 15.36 41.51 41.67
C CYS B 842 15.84 42.90 42.09
N ARG B 843 15.60 43.90 41.24
CA ARG B 843 16.10 45.25 41.48
C ARG B 843 15.69 45.78 42.85
N GLU B 844 14.43 45.55 43.22
CA GLU B 844 13.91 46.01 44.50
C GLU B 844 14.45 45.17 45.67
N ALA B 845 14.79 43.92 45.39
CA ALA B 845 15.27 43.00 46.42
C ALA B 845 16.75 43.21 46.74
N LEU B 846 17.49 43.76 45.78
CA LEU B 846 18.92 43.98 45.95
C LEU B 846 19.18 45.34 46.57
N LYS B 847 18.40 46.34 46.15
CA LYS B 847 18.53 47.71 46.64
C LYS B 847 19.95 48.23 46.55
N LEU B 848 20.59 48.02 45.41
CA LEU B 848 21.96 48.49 45.20
C LEU B 848 21.98 49.94 44.77
N GLU B 849 22.53 50.80 45.62
CA GLU B 849 22.61 52.22 45.33
C GLU B 849 24.04 52.63 44.96
N GLU B 850 24.15 53.63 44.09
CA GLU B 850 25.46 54.11 43.66
C GLU B 850 26.21 54.75 44.83
N LYS B 851 27.52 54.92 44.66
CA LYS B 851 28.41 55.47 45.69
C LYS B 851 28.42 54.62 46.96
N LYS B 852 27.86 53.42 46.88
CA LYS B 852 27.86 52.49 47.99
C LYS B 852 28.87 51.36 47.74
N HIS B 853 29.24 50.67 48.81
CA HIS B 853 30.18 49.57 48.71
C HIS B 853 29.51 48.26 49.06
N TYR B 854 30.08 47.16 48.58
CA TYR B 854 29.51 45.84 48.78
C TYR B 854 30.58 44.75 48.83
N LEU B 855 30.33 43.74 49.64
CA LEU B 855 31.09 42.50 49.62
C LEU B 855 30.37 41.50 48.72
N MET B 856 31.00 41.10 47.63
CA MET B 856 30.35 40.21 46.67
C MET B 856 31.19 38.98 46.36
N TRP B 857 30.62 37.79 46.46
CA TRP B 857 31.35 36.61 45.99
C TRP B 857 30.47 35.68 45.18
N GLY B 858 31.07 34.94 44.24
CA GLY B 858 30.25 34.14 43.35
C GLY B 858 30.90 32.97 42.64
N LEU B 859 30.08 32.18 41.94
CA LEU B 859 30.55 30.98 41.24
C LEU B 859 31.13 31.32 39.87
N SER B 860 31.83 30.36 39.29
CA SER B 860 32.40 30.52 37.95
C SER B 860 31.35 30.24 36.89
N SER B 861 30.26 29.60 37.29
CA SER B 861 29.17 29.31 36.36
C SER B 861 28.33 30.55 36.09
N ASP B 862 28.69 31.65 36.75
CA ASP B 862 27.95 32.91 36.62
C ASP B 862 28.65 33.86 35.64
N PHE B 863 29.57 33.33 34.86
CA PHE B 863 30.30 34.14 33.88
C PHE B 863 29.50 34.28 32.57
N TRP B 864 29.68 35.40 31.89
CA TRP B 864 28.88 35.73 30.72
C TRP B 864 29.49 36.90 29.94
N GLY B 865 30.22 36.60 28.87
CA GLY B 865 30.42 35.24 28.42
C GLY B 865 31.85 34.95 28.01
N GLU B 866 32.59 35.98 27.59
CA GLU B 866 34.00 35.81 27.23
C GLU B 866 34.88 36.94 27.75
N LYS B 867 36.17 36.61 27.93
CA LYS B 867 37.14 37.44 28.66
C LYS B 867 37.26 38.92 28.24
N PRO B 868 37.26 39.23 26.93
CA PRO B 868 37.35 40.66 26.58
C PRO B 868 36.21 41.51 27.14
N ASN B 869 34.98 41.03 27.05
CA ASN B 869 33.83 41.73 27.62
C ASN B 869 33.11 40.88 28.65
N LEU B 870 33.86 40.42 29.65
CA LEU B 870 33.34 39.46 30.62
C LEU B 870 32.45 40.10 31.66
N SER B 871 31.19 39.66 31.72
CA SER B 871 30.24 40.17 32.69
C SER B 871 29.88 39.10 33.74
N TYR B 872 29.27 39.54 34.83
CA TYR B 872 28.90 38.64 35.92
C TYR B 872 27.39 38.53 36.08
N ILE B 873 26.94 37.33 36.41
CA ILE B 873 25.52 37.09 36.65
C ILE B 873 25.26 36.89 38.15
N ILE B 874 24.39 37.72 38.71
CA ILE B 874 24.02 37.57 40.10
C ILE B 874 22.95 36.48 40.23
N GLY B 875 23.39 35.28 40.58
CA GLY B 875 22.50 34.15 40.71
C GLY B 875 22.14 33.80 42.14
N LYS B 876 21.56 32.63 42.31
CA LYS B 876 21.09 32.14 43.61
C LYS B 876 22.24 31.91 44.59
N ASP B 877 23.44 31.75 44.06
CA ASP B 877 24.62 31.48 44.87
C ASP B 877 25.57 32.69 44.90
N THR B 878 25.03 33.86 44.59
CA THR B 878 25.84 35.07 44.60
C THR B 878 25.67 35.84 45.91
N TRP B 879 26.73 35.90 46.69
CA TRP B 879 26.71 36.64 47.95
C TRP B 879 26.85 38.13 47.68
N VAL B 880 25.87 38.90 48.12
CA VAL B 880 25.87 40.34 47.97
C VAL B 880 25.50 41.00 49.29
N GLU B 881 26.51 41.54 49.98
CA GLU B 881 26.25 42.18 51.26
C GLU B 881 26.63 43.65 51.22
N HIS B 882 25.82 44.49 51.84
CA HIS B 882 26.16 45.92 51.91
C HIS B 882 27.37 46.15 52.80
N TRP B 883 28.33 46.91 52.28
CA TRP B 883 29.51 47.28 53.03
C TRP B 883 29.37 48.72 53.53
N PRO B 884 29.22 48.88 54.85
CA PRO B 884 29.02 50.20 55.46
C PRO B 884 30.24 51.10 55.32
N GLU B 885 30.01 52.40 55.17
CA GLU B 885 31.09 53.36 55.07
C GLU B 885 31.74 53.57 56.44
N GLU B 886 32.92 54.19 56.46
CA GLU B 886 33.70 54.31 57.70
C GLU B 886 33.00 55.17 58.75
N ASP B 887 32.28 56.20 58.32
CA ASP B 887 31.55 57.06 59.24
C ASP B 887 30.35 56.33 59.83
N GLU B 888 29.81 55.38 59.06
CA GLU B 888 28.74 54.52 59.55
C GLU B 888 29.32 53.50 60.53
N CYS B 889 30.59 53.16 60.34
CA CYS B 889 31.28 52.20 61.21
C CYS B 889 31.57 52.82 62.57
N GLN B 890 31.61 54.14 62.62
CA GLN B 890 31.82 54.86 63.87
C GLN B 890 30.61 54.69 64.78
N ASP B 891 29.45 54.42 64.17
CA ASP B 891 28.25 54.10 64.93
C ASP B 891 28.42 52.75 65.62
N GLU B 892 27.75 52.57 66.74
CA GLU B 892 27.92 51.37 67.55
C GLU B 892 26.96 50.27 67.12
N GLU B 893 26.00 50.61 66.27
CA GLU B 893 25.04 49.62 65.78
C GLU B 893 25.62 48.83 64.61
N ASN B 894 26.38 49.51 63.75
CA ASN B 894 27.04 48.87 62.62
C ASN B 894 28.37 48.27 63.04
N GLN B 895 28.64 48.27 64.34
CA GLN B 895 29.93 47.82 64.87
C GLN B 895 30.20 46.37 64.54
N LYS B 896 29.21 45.52 64.77
CA LYS B 896 29.38 44.09 64.58
C LYS B 896 29.69 43.75 63.12
N GLN B 897 28.90 44.31 62.20
CA GLN B 897 29.11 44.04 60.79
C GLN B 897 30.46 44.59 60.34
N CYS B 898 30.86 45.75 60.86
CA CYS B 898 32.13 46.36 60.49
C CYS B 898 33.31 45.52 60.94
N GLN B 899 33.24 45.05 62.18
CA GLN B 899 34.29 44.20 62.74
C GLN B 899 34.38 42.90 61.96
N ASP B 900 33.22 42.34 61.64
CA ASP B 900 33.16 41.11 60.88
C ASP B 900 33.74 41.26 59.47
N LEU B 901 33.43 42.38 58.81
CA LEU B 901 33.88 42.59 57.43
C LEU B 901 35.38 42.88 57.37
N GLY B 902 35.84 43.74 58.27
CA GLY B 902 37.26 44.05 58.36
C GLY B 902 38.06 42.80 58.65
N ALA B 903 37.58 42.02 59.61
CA ALA B 903 38.23 40.76 59.95
C ALA B 903 38.23 39.82 58.74
N PHE B 904 37.08 39.71 58.07
CA PHE B 904 36.93 38.89 56.88
C PHE B 904 38.00 39.22 55.85
N THR B 905 38.10 40.51 55.51
CA THR B 905 39.10 41.00 54.58
C THR B 905 40.51 40.63 55.03
N GLU B 906 40.83 40.89 56.29
CA GLU B 906 42.16 40.59 56.80
C GLU B 906 42.53 39.11 56.69
N SER B 907 41.64 38.24 57.18
CA SER B 907 41.86 36.80 57.18
C SER B 907 41.97 36.22 55.77
N MET B 908 41.08 36.66 54.88
CA MET B 908 41.09 36.18 53.50
C MET B 908 42.33 36.64 52.74
N VAL B 909 42.70 37.91 52.93
CA VAL B 909 43.86 38.46 52.24
C VAL B 909 45.17 37.85 52.73
N VAL B 910 45.41 37.89 54.04
CA VAL B 910 46.69 37.45 54.59
C VAL B 910 46.80 35.93 54.70
N PHE B 911 45.79 35.29 55.28
CA PHE B 911 45.88 33.86 55.57
C PHE B 911 45.22 32.99 54.49
N GLY B 912 44.09 33.44 53.96
CA GLY B 912 43.40 32.71 52.92
C GLY B 912 42.73 31.44 53.40
N CYS B 913 42.44 30.53 52.47
CA CYS B 913 41.78 29.27 52.81
C CYS B 913 42.80 28.18 53.12
N PRO B 914 42.59 27.47 54.24
CA PRO B 914 43.53 26.46 54.76
C PRO B 914 43.34 25.06 54.17
N ASN B 915 42.32 24.88 53.33
CA ASN B 915 41.98 23.57 52.79
C ASN B 915 41.75 22.52 53.89
C1 NAG C . -14.47 -37.70 -6.01
C2 NAG C . -13.59 -38.35 -4.93
C3 NAG C . -14.33 -38.32 -3.59
C4 NAG C . -14.80 -36.92 -3.24
C5 NAG C . -15.59 -36.31 -4.41
C6 NAG C . -15.92 -34.86 -4.19
C7 NAG C . -12.03 -40.23 -4.94
C8 NAG C . -11.80 -41.66 -5.32
N2 NAG C . -13.21 -39.72 -5.26
O3 NAG C . -13.49 -38.84 -2.56
O4 NAG C . -15.67 -36.98 -2.11
O5 NAG C . -14.81 -36.37 -5.61
O6 NAG C . -15.18 -33.99 -5.05
O7 NAG C . -11.16 -39.56 -4.38
C1 NAG D . 13.19 17.91 0.22
C2 NAG D . 12.34 19.12 -0.16
C3 NAG D . 10.98 18.68 -0.69
C4 NAG D . 11.15 17.65 -1.81
C5 NAG D . 12.04 16.51 -1.36
C6 NAG D . 12.33 15.52 -2.47
C7 NAG D . 12.68 21.24 1.06
C8 NAG D . 12.39 22.01 2.31
N2 NAG D . 12.16 20.02 0.99
O3 NAG D . 10.26 19.80 -1.15
O4 NAG D . 9.88 17.15 -2.21
O5 NAG D . 13.31 17.04 -0.93
O6 NAG D . 13.42 14.68 -2.13
O7 NAG D . 13.36 21.72 0.17
#